data_8E2O
#
_entry.id   8E2O
#
_entity_poly.entity_id   1
_entity_poly.type   'polypeptide(L)'
_entity_poly.pdbx_seq_one_letter_code
;MVKETTYYDVLGVKPNATQEELKKAYRKLALKYHPDKNPNEGEKFKQISQAYEVLSDAKKRELYDKGGEQAIKEGGAGGG
FGSPMDIFDMFFGGGGRMQRERRGKNV
;
_entity_poly.pdbx_strand_id   A
#
# COMPACT_ATOMS: atom_id res chain seq x y z
N VAL A 10 6.63 4.96 5.11
CA VAL A 10 7.31 3.94 4.27
C VAL A 10 7.45 4.39 2.81
N LEU A 11 6.43 5.07 2.29
CA LEU A 11 6.47 5.50 0.88
C LEU A 11 7.24 6.81 0.71
N GLY A 12 7.60 7.44 1.82
CA GLY A 12 8.37 8.67 1.74
C GLY A 12 7.56 9.83 1.22
N VAL A 13 6.25 9.76 1.40
CA VAL A 13 5.36 10.80 0.91
C VAL A 13 4.61 11.44 2.06
N LYS A 14 4.13 12.64 1.83
CA LYS A 14 3.37 13.38 2.81
C LYS A 14 1.87 13.19 2.57
N PRO A 15 1.02 13.52 3.56
CA PRO A 15 -0.46 13.37 3.45
C PRO A 15 -1.07 14.14 2.26
N ASN A 16 -0.35 15.12 1.75
CA ASN A 16 -0.85 15.92 0.63
C ASN A 16 -0.37 15.37 -0.71
N ALA A 17 -0.01 14.09 -0.73
CA ALA A 17 0.45 13.43 -1.95
C ALA A 17 -0.71 13.14 -2.90
N THR A 18 -0.45 13.25 -4.19
CA THR A 18 -1.42 12.91 -5.20
C THR A 18 -1.38 11.40 -5.52
N GLN A 19 -2.51 10.85 -5.96
CA GLN A 19 -2.60 9.42 -6.31
C GLN A 19 -1.65 9.10 -7.48
N GLU A 20 -1.42 10.10 -8.33
CA GLU A 20 -0.52 9.98 -9.47
C GLU A 20 0.90 9.60 -9.01
N GLU A 21 1.37 10.24 -7.95
CA GLU A 21 2.70 9.97 -7.42
C GLU A 21 2.77 8.56 -6.91
N LEU A 22 1.73 8.17 -6.22
CA LEU A 22 1.64 6.83 -5.64
C LEU A 22 1.66 5.79 -6.76
N LYS A 23 0.91 6.07 -7.81
CA LYS A 23 0.83 5.22 -8.98
C LYS A 23 2.21 5.07 -9.60
N LYS A 24 2.91 6.19 -9.66
CA LYS A 24 4.26 6.27 -10.20
C LYS A 24 5.22 5.43 -9.33
N ALA A 25 5.01 5.54 -8.01
CA ALA A 25 5.81 4.82 -7.01
C ALA A 25 5.74 3.32 -7.21
N TYR A 26 4.54 2.77 -7.30
CA TYR A 26 4.37 1.31 -7.50
C TYR A 26 5.03 0.82 -8.78
N ARG A 27 5.00 1.64 -9.82
CA ARG A 27 5.64 1.31 -11.09
C ARG A 27 7.12 1.12 -10.87
N LYS A 28 7.71 2.07 -10.17
CA LYS A 28 9.10 2.02 -9.80
C LYS A 28 9.35 0.85 -8.87
N LEU A 29 8.39 0.61 -7.97
CA LEU A 29 8.50 -0.46 -6.98
C LEU A 29 8.56 -1.81 -7.66
N ALA A 30 7.71 -2.01 -8.65
CA ALA A 30 7.68 -3.25 -9.38
C ALA A 30 9.00 -3.49 -10.09
N LEU A 31 9.54 -2.44 -10.67
CA LEU A 31 10.83 -2.50 -11.33
C LEU A 31 11.95 -2.78 -10.31
N LYS A 32 11.86 -2.09 -9.18
CA LYS A 32 12.85 -2.17 -8.10
C LYS A 32 12.79 -3.54 -7.41
N TYR A 33 11.59 -3.96 -7.03
CA TYR A 33 11.37 -5.22 -6.34
C TYR A 33 11.12 -6.34 -7.31
N HIS A 34 11.62 -6.18 -8.52
CA HIS A 34 11.50 -7.20 -9.55
C HIS A 34 12.14 -8.48 -9.02
N PRO A 35 11.33 -9.48 -8.67
CA PRO A 35 11.83 -10.69 -8.02
C PRO A 35 12.71 -11.56 -8.91
N ASP A 36 12.21 -11.86 -10.11
CA ASP A 36 12.87 -12.82 -11.04
C ASP A 36 13.07 -14.19 -10.34
N LYS A 37 12.41 -14.33 -9.21
CA LYS A 37 12.42 -15.52 -8.39
C LYS A 37 11.00 -15.85 -8.00
N ASN A 38 10.09 -15.78 -8.98
CA ASN A 38 8.62 -15.94 -8.79
C ASN A 38 8.20 -16.82 -7.58
N PRO A 39 8.67 -18.09 -7.46
CA PRO A 39 8.27 -18.96 -6.34
C PRO A 39 8.70 -18.45 -4.94
N ASN A 40 9.70 -17.57 -4.88
CA ASN A 40 10.20 -17.10 -3.59
C ASN A 40 9.79 -15.64 -3.29
N GLU A 41 10.21 -14.71 -4.14
CA GLU A 41 9.88 -13.27 -3.94
C GLU A 41 8.70 -12.84 -4.79
N GLY A 42 8.06 -13.79 -5.45
CA GLY A 42 6.95 -13.47 -6.32
C GLY A 42 5.76 -12.93 -5.55
N GLU A 43 5.57 -13.43 -4.34
CA GLU A 43 4.47 -13.01 -3.50
C GLU A 43 4.60 -11.51 -3.16
N LYS A 44 5.85 -11.05 -3.01
CA LYS A 44 6.12 -9.65 -2.69
C LYS A 44 5.63 -8.76 -3.84
N PHE A 45 5.95 -9.18 -5.06
CA PHE A 45 5.50 -8.52 -6.26
C PHE A 45 4.00 -8.43 -6.30
N LYS A 46 3.39 -9.56 -6.02
CA LYS A 46 1.94 -9.68 -6.06
C LYS A 46 1.30 -8.64 -5.16
N GLN A 47 1.87 -8.44 -3.99
CA GLN A 47 1.32 -7.48 -3.06
C GLN A 47 1.33 -6.08 -3.65
N ILE A 48 2.44 -5.70 -4.29
CA ILE A 48 2.49 -4.41 -5.00
C ILE A 48 1.50 -4.37 -6.14
N SER A 49 1.42 -5.45 -6.91
CA SER A 49 0.52 -5.48 -8.06
C SER A 49 -0.93 -5.29 -7.62
N GLN A 50 -1.34 -6.05 -6.64
CA GLN A 50 -2.68 -6.00 -6.08
C GLN A 50 -2.93 -4.66 -5.36
N ALA A 51 -1.93 -4.17 -4.61
CA ALA A 51 -2.04 -2.88 -3.92
C ALA A 51 -2.19 -1.77 -4.93
N TYR A 52 -1.39 -1.87 -5.97
CA TYR A 52 -1.47 -0.96 -7.10
C TYR A 52 -2.85 -0.99 -7.69
N GLU A 53 -3.36 -2.18 -7.88
CA GLU A 53 -4.69 -2.41 -8.42
C GLU A 53 -5.75 -1.71 -7.54
N VAL A 54 -5.53 -1.72 -6.23
CA VAL A 54 -6.41 -1.03 -5.29
C VAL A 54 -6.33 0.49 -5.51
N LEU A 55 -5.13 0.97 -5.71
CA LEU A 55 -4.89 2.38 -5.98
C LEU A 55 -5.58 2.77 -7.26
N SER A 56 -5.44 1.91 -8.23
CA SER A 56 -6.04 2.11 -9.53
C SER A 56 -7.56 1.86 -9.46
N ASP A 57 -8.05 1.50 -8.27
CA ASP A 57 -9.49 1.24 -8.08
C ASP A 57 -10.27 2.56 -7.99
N ALA A 58 -11.35 2.63 -8.74
CA ALA A 58 -12.18 3.84 -8.82
C ALA A 58 -12.60 4.37 -7.46
N LYS A 59 -13.12 3.48 -6.61
CA LYS A 59 -13.65 3.91 -5.32
C LYS A 59 -12.54 4.42 -4.43
N LYS A 60 -11.42 3.71 -4.42
CA LYS A 60 -10.31 4.03 -3.54
C LYS A 60 -9.72 5.40 -3.90
N ARG A 61 -9.59 5.67 -5.20
CA ARG A 61 -9.09 6.96 -5.66
C ARG A 61 -10.00 8.10 -5.21
N GLU A 62 -11.28 7.90 -5.38
CA GLU A 62 -12.26 8.89 -5.00
C GLU A 62 -12.23 9.17 -3.51
N LEU A 63 -12.23 8.11 -2.73
CA LEU A 63 -12.29 8.21 -1.29
C LEU A 63 -11.08 8.98 -0.75
N TYR A 64 -9.91 8.66 -1.28
CA TYR A 64 -8.67 9.35 -0.93
C TYR A 64 -8.79 10.83 -1.30
N ASP A 65 -9.27 11.07 -2.53
CA ASP A 65 -9.40 12.42 -3.09
C ASP A 65 -10.38 13.25 -2.31
N LYS A 66 -11.47 12.62 -1.88
CA LYS A 66 -12.53 13.34 -1.21
C LYS A 66 -12.15 13.81 0.21
N GLY A 67 -11.67 12.88 1.04
CA GLY A 67 -11.32 13.28 2.41
C GLY A 67 -10.44 12.28 3.13
N GLY A 68 -9.47 11.72 2.45
CA GLY A 68 -8.61 10.76 3.09
C GLY A 68 -7.19 11.25 3.26
N GLU A 69 -6.78 12.15 2.37
CA GLU A 69 -5.40 12.69 2.31
C GLU A 69 -4.83 13.05 3.70
N GLN A 70 -5.61 13.79 4.48
CA GLN A 70 -5.15 14.28 5.79
C GLN A 70 -4.86 13.14 6.78
N ALA A 71 -5.39 11.97 6.50
CA ALA A 71 -5.16 10.80 7.36
C ALA A 71 -3.99 9.97 6.86
N ILE A 72 -3.51 10.28 5.67
CA ILE A 72 -2.44 9.52 5.01
C ILE A 72 -1.07 9.94 5.56
N LYS A 73 -0.94 9.93 6.88
CA LYS A 73 0.30 10.34 7.54
C LYS A 73 1.06 9.12 8.06
N GLU A 74 0.42 7.93 7.95
CA GLU A 74 0.97 6.69 8.53
C GLU A 74 1.04 6.79 10.05
N GLY A 75 -0.07 6.42 10.72
CA GLY A 75 -0.13 6.51 12.17
C GLY A 75 0.84 5.55 12.85
N GLY A 76 0.80 4.30 12.44
CA GLY A 76 1.72 3.30 12.98
C GLY A 76 1.28 2.74 14.33
N ALA A 77 1.06 3.62 15.29
CA ALA A 77 0.70 3.22 16.66
C ALA A 77 -0.66 2.53 16.73
N GLY A 78 -0.64 1.21 16.56
CA GLY A 78 -1.86 0.42 16.66
C GLY A 78 -2.86 0.74 15.55
N GLY A 79 -2.35 1.22 14.43
CA GLY A 79 -3.22 1.59 13.33
C GLY A 79 -3.52 0.45 12.37
N GLY A 80 -2.82 -0.66 12.54
CA GLY A 80 -3.00 -1.78 11.65
C GLY A 80 -1.81 -1.94 10.72
N PHE A 81 -0.63 -1.83 11.29
CA PHE A 81 0.62 -1.90 10.54
C PHE A 81 0.82 -3.26 9.85
N GLY A 82 1.18 -3.20 8.59
CA GLY A 82 1.45 -4.38 7.81
C GLY A 82 2.65 -4.19 6.93
N SER A 83 2.54 -4.58 5.68
CA SER A 83 3.61 -4.40 4.73
C SER A 83 3.47 -3.00 4.10
N PRO A 84 4.46 -2.53 3.30
CA PRO A 84 4.42 -1.21 2.65
C PRO A 84 3.20 -1.06 1.73
N MET A 85 2.75 -2.17 1.18
CA MET A 85 1.62 -2.17 0.26
C MET A 85 0.28 -2.31 1.01
N ASP A 86 0.34 -2.84 2.23
CA ASP A 86 -0.86 -3.06 3.07
C ASP A 86 -1.52 -1.76 3.47
N ILE A 87 -0.82 -0.64 3.26
CA ILE A 87 -1.31 0.68 3.64
C ILE A 87 -2.80 0.87 3.35
N PHE A 88 -3.24 0.54 2.15
CA PHE A 88 -4.68 0.67 1.84
C PHE A 88 -5.52 -0.33 2.61
N ASP A 89 -5.02 -1.53 2.78
CA ASP A 89 -5.73 -2.55 3.55
C ASP A 89 -5.92 -2.09 4.99
N MET A 90 -4.92 -1.38 5.50
CA MET A 90 -4.98 -0.79 6.84
C MET A 90 -6.04 0.32 6.90
N PHE A 91 -6.01 1.23 5.93
CA PHE A 91 -6.94 2.36 5.91
C PHE A 91 -8.38 1.93 5.75
N PHE A 92 -8.59 0.85 5.03
CA PHE A 92 -9.92 0.35 4.83
C PHE A 92 -10.13 -0.90 5.68
N GLY A 93 -9.29 -1.03 6.71
CA GLY A 93 -9.36 -2.20 7.57
C GLY A 93 -10.19 -1.97 8.81
N GLY A 94 -10.53 -0.73 9.11
CA GLY A 94 -11.29 -0.43 10.32
C GLY A 94 -12.74 -0.87 10.25
N GLY A 95 -13.15 -1.35 9.08
CA GLY A 95 -14.51 -1.79 8.93
C GLY A 95 -14.63 -3.29 8.95
N GLY A 96 -14.32 -3.88 10.09
CA GLY A 96 -14.44 -5.33 10.25
C GLY A 96 -13.34 -6.12 9.58
N ARG A 97 -12.20 -5.46 9.32
CA ARG A 97 -11.07 -6.14 8.70
C ARG A 97 -9.81 -5.95 9.53
N MET A 98 -9.98 -5.48 10.75
CA MET A 98 -8.86 -5.23 11.69
C MET A 98 -8.30 -6.53 12.23
N GLN A 99 -9.03 -7.61 12.02
CA GLN A 99 -8.65 -8.91 12.54
C GLN A 99 -7.83 -9.68 11.52
N ARG A 100 -7.56 -9.06 10.39
CA ARG A 100 -6.82 -9.70 9.31
C ARG A 100 -5.32 -9.73 9.58
N GLU A 101 -4.57 -10.29 8.66
CA GLU A 101 -3.13 -10.42 8.81
C GLU A 101 -2.40 -9.65 7.72
N ARG A 102 -1.09 -9.50 7.88
CA ARG A 102 -0.29 -8.76 6.91
C ARG A 102 -0.27 -9.52 5.60
N ARG A 103 -0.24 -8.79 4.51
CA ARG A 103 -0.22 -9.41 3.21
C ARG A 103 1.16 -9.97 2.94
N GLY A 104 1.24 -11.29 2.80
CA GLY A 104 2.51 -11.94 2.62
C GLY A 104 3.04 -12.50 3.93
N LYS A 105 2.15 -12.64 4.91
CA LYS A 105 2.52 -13.18 6.22
C LYS A 105 2.66 -14.71 6.17
N ASN A 106 1.53 -15.39 6.17
CA ASN A 106 1.48 -16.86 6.20
C ASN A 106 0.98 -17.46 4.89
N VAL A 107 1.13 -16.71 3.81
CA VAL A 107 0.65 -17.17 2.50
C VAL A 107 1.38 -18.44 2.06
N VAL A 10 9.56 4.66 4.21
CA VAL A 10 8.61 3.70 3.58
C VAL A 10 8.60 3.85 2.05
N LEU A 11 7.66 4.63 1.54
CA LEU A 11 7.53 4.82 0.10
C LEU A 11 8.38 5.97 -0.41
N GLY A 12 9.04 6.67 0.51
CA GLY A 12 9.93 7.75 0.14
C GLY A 12 9.21 9.02 -0.24
N VAL A 13 7.97 9.16 0.19
CA VAL A 13 7.16 10.34 -0.14
C VAL A 13 6.37 10.84 1.06
N LYS A 14 5.90 12.09 0.96
CA LYS A 14 5.10 12.72 2.00
C LYS A 14 3.62 12.38 1.83
N PRO A 15 2.75 12.71 2.83
CA PRO A 15 1.30 12.46 2.74
C PRO A 15 0.62 13.39 1.75
N ASN A 16 1.36 14.34 1.23
CA ASN A 16 0.84 15.28 0.25
C ASN A 16 1.12 14.81 -1.17
N ALA A 17 1.49 13.54 -1.30
CA ALA A 17 1.73 12.95 -2.60
C ALA A 17 0.42 12.70 -3.30
N THR A 18 0.38 12.94 -4.60
CA THR A 18 -0.82 12.75 -5.36
C THR A 18 -1.00 11.28 -5.71
N GLN A 19 -2.18 10.93 -6.17
CA GLN A 19 -2.47 9.58 -6.57
C GLN A 19 -1.58 9.19 -7.78
N GLU A 20 -1.31 10.19 -8.65
CA GLU A 20 -0.40 10.01 -9.78
C GLU A 20 0.98 9.59 -9.30
N GLU A 21 1.47 10.30 -8.30
CA GLU A 21 2.79 10.03 -7.75
C GLU A 21 2.86 8.60 -7.25
N LEU A 22 1.85 8.22 -6.51
CA LEU A 22 1.81 6.89 -5.93
C LEU A 22 1.76 5.82 -7.04
N LYS A 23 0.95 6.10 -8.05
CA LYS A 23 0.79 5.23 -9.21
C LYS A 23 2.15 5.03 -9.89
N LYS A 24 2.85 6.12 -10.02
CA LYS A 24 4.18 6.17 -10.57
C LYS A 24 5.19 5.40 -9.69
N ALA A 25 5.11 5.62 -8.38
CA ALA A 25 5.97 4.99 -7.39
C ALA A 25 5.91 3.49 -7.50
N TYR A 26 4.71 2.93 -7.51
CA TYR A 26 4.53 1.48 -7.61
C TYR A 26 5.21 0.93 -8.86
N ARG A 27 5.18 1.69 -9.97
CA ARG A 27 5.78 1.24 -11.23
C ARG A 27 7.28 1.06 -11.05
N LYS A 28 7.93 2.10 -10.56
CA LYS A 28 9.35 2.06 -10.30
C LYS A 28 9.67 1.04 -9.24
N LEU A 29 8.80 0.96 -8.25
CA LEU A 29 8.97 0.03 -7.13
C LEU A 29 8.94 -1.41 -7.66
N ALA A 30 7.97 -1.70 -8.51
CA ALA A 30 7.81 -3.03 -9.11
C ALA A 30 9.04 -3.39 -9.93
N LEU A 31 9.55 -2.41 -10.68
CA LEU A 31 10.74 -2.60 -11.49
C LEU A 31 11.96 -2.89 -10.59
N LYS A 32 12.05 -2.15 -9.50
CA LYS A 32 13.12 -2.32 -8.52
C LYS A 32 13.05 -3.69 -7.84
N TYR A 33 11.87 -4.03 -7.35
CA TYR A 33 11.66 -5.29 -6.64
C TYR A 33 11.36 -6.45 -7.57
N HIS A 34 11.96 -6.45 -8.76
CA HIS A 34 11.79 -7.58 -9.67
C HIS A 34 12.34 -8.86 -9.03
N PRO A 35 11.46 -9.77 -8.61
CA PRO A 35 11.88 -10.95 -7.86
C PRO A 35 12.60 -12.00 -8.69
N ASP A 36 12.01 -12.37 -9.83
CA ASP A 36 12.48 -13.51 -10.65
C ASP A 36 12.53 -14.78 -9.80
N LYS A 37 11.87 -14.70 -8.65
CA LYS A 37 11.82 -15.76 -7.66
C LYS A 37 10.40 -15.97 -7.22
N ASN A 38 9.48 -15.93 -8.20
CA ASN A 38 8.00 -16.03 -7.99
C ASN A 38 7.59 -16.83 -6.74
N PRO A 39 8.05 -18.11 -6.57
CA PRO A 39 7.68 -18.93 -5.41
C PRO A 39 7.95 -18.27 -4.03
N ASN A 40 9.03 -17.52 -3.90
CA ASN A 40 9.37 -16.89 -2.61
C ASN A 40 9.15 -15.38 -2.60
N GLU A 41 9.82 -14.66 -3.49
CA GLU A 41 9.71 -13.18 -3.55
C GLU A 41 8.59 -12.73 -4.48
N GLY A 42 7.94 -13.69 -5.10
CA GLY A 42 6.87 -13.37 -6.01
C GLY A 42 5.67 -12.78 -5.31
N GLU A 43 5.42 -13.27 -4.10
CA GLU A 43 4.30 -12.79 -3.31
C GLU A 43 4.44 -11.30 -3.04
N LYS A 44 5.69 -10.86 -2.83
CA LYS A 44 5.98 -9.45 -2.59
C LYS A 44 5.60 -8.61 -3.80
N PHE A 45 5.97 -9.09 -4.98
CA PHE A 45 5.56 -8.45 -6.23
C PHE A 45 4.06 -8.38 -6.33
N LYS A 46 3.42 -9.50 -6.03
CA LYS A 46 1.95 -9.61 -6.10
C LYS A 46 1.32 -8.52 -5.26
N GLN A 47 1.88 -8.28 -4.09
CA GLN A 47 1.34 -7.28 -3.19
C GLN A 47 1.35 -5.92 -3.84
N ILE A 48 2.46 -5.55 -4.47
CA ILE A 48 2.54 -4.28 -5.20
C ILE A 48 1.57 -4.26 -6.36
N SER A 49 1.50 -5.36 -7.10
CA SER A 49 0.64 -5.40 -8.27
C SER A 49 -0.81 -5.12 -7.90
N GLN A 50 -1.30 -5.86 -6.93
CA GLN A 50 -2.66 -5.73 -6.46
C GLN A 50 -2.87 -4.42 -5.71
N ALA A 51 -1.89 -4.02 -4.89
CA ALA A 51 -1.96 -2.74 -4.16
C ALA A 51 -2.10 -1.61 -5.16
N TYR A 52 -1.29 -1.70 -6.20
CA TYR A 52 -1.34 -0.78 -7.31
C TYR A 52 -2.72 -0.78 -7.95
N GLU A 53 -3.20 -1.96 -8.22
CA GLU A 53 -4.51 -2.15 -8.85
C GLU A 53 -5.63 -1.52 -8.00
N VAL A 54 -5.53 -1.68 -6.69
CA VAL A 54 -6.47 -1.07 -5.76
C VAL A 54 -6.34 0.45 -5.83
N LEU A 55 -5.12 0.92 -5.90
CA LEU A 55 -4.85 2.34 -6.00
C LEU A 55 -5.46 2.88 -7.27
N SER A 56 -5.27 2.17 -8.33
CA SER A 56 -5.79 2.53 -9.62
C SER A 56 -7.29 2.29 -9.69
N ASP A 57 -7.87 1.82 -8.59
CA ASP A 57 -9.30 1.56 -8.57
C ASP A 57 -10.06 2.87 -8.39
N ALA A 58 -11.10 3.05 -9.21
CA ALA A 58 -11.88 4.28 -9.22
C ALA A 58 -12.40 4.67 -7.83
N LYS A 59 -13.02 3.73 -7.14
CA LYS A 59 -13.63 4.01 -5.85
C LYS A 59 -12.64 4.27 -4.78
N LYS A 60 -11.54 3.54 -4.80
CA LYS A 60 -10.54 3.70 -3.77
C LYS A 60 -9.96 5.09 -3.85
N ARG A 61 -9.78 5.56 -5.08
CA ARG A 61 -9.28 6.91 -5.31
C ARG A 61 -10.28 7.97 -4.82
N GLU A 62 -11.55 7.78 -5.17
CA GLU A 62 -12.61 8.70 -4.72
C GLU A 62 -12.65 8.77 -3.21
N LEU A 63 -12.63 7.60 -2.58
CA LEU A 63 -12.65 7.49 -1.14
C LEU A 63 -11.40 8.14 -0.52
N TYR A 64 -10.25 7.90 -1.14
CA TYR A 64 -8.95 8.44 -0.71
C TYR A 64 -8.96 9.97 -0.77
N ASP A 65 -9.51 10.51 -1.87
CA ASP A 65 -9.58 11.96 -2.08
C ASP A 65 -10.40 12.63 -1.01
N LYS A 66 -11.44 11.95 -0.58
CA LYS A 66 -12.36 12.50 0.40
C LYS A 66 -11.72 12.57 1.79
N GLY A 67 -11.16 11.46 2.25
CA GLY A 67 -10.52 11.45 3.55
C GLY A 67 -9.61 10.26 3.77
N GLY A 68 -8.32 10.50 3.90
CA GLY A 68 -7.41 9.44 4.16
C GLY A 68 -5.97 9.81 3.89
N GLU A 69 -5.74 10.80 3.03
CA GLU A 69 -4.38 11.19 2.60
C GLU A 69 -3.43 11.34 3.80
N GLN A 70 -3.87 12.08 4.80
CA GLN A 70 -3.05 12.33 6.00
C GLN A 70 -3.00 11.11 6.93
N ALA A 71 -3.95 10.21 6.78
CA ALA A 71 -4.02 9.01 7.62
C ALA A 71 -3.21 7.87 7.03
N ILE A 72 -2.94 7.96 5.72
CA ILE A 72 -2.19 6.94 5.02
C ILE A 72 -0.67 7.06 5.31
N LYS A 73 -0.30 8.10 6.04
CA LYS A 73 1.09 8.33 6.42
C LYS A 73 1.35 7.81 7.84
N GLU A 74 0.30 7.35 8.50
CA GLU A 74 0.44 6.85 9.86
C GLU A 74 0.98 5.42 9.89
N GLY A 75 1.46 5.02 11.05
CA GLY A 75 2.07 3.70 11.18
C GLY A 75 1.09 2.59 11.46
N GLY A 76 -0.14 2.96 11.81
CA GLY A 76 -1.17 1.94 12.08
C GLY A 76 -0.86 1.10 13.30
N ALA A 77 0.00 1.63 14.18
CA ALA A 77 0.41 0.91 15.38
C ALA A 77 -0.78 0.63 16.29
N GLY A 78 -1.13 -0.64 16.39
CA GLY A 78 -2.26 -1.04 17.20
C GLY A 78 -3.37 -1.61 16.37
N GLY A 79 -3.31 -1.35 15.07
CA GLY A 79 -4.32 -1.85 14.17
C GLY A 79 -3.73 -2.77 13.11
N GLY A 80 -3.74 -2.32 11.89
CA GLY A 80 -3.20 -3.10 10.80
C GLY A 80 -1.78 -2.71 10.45
N PHE A 81 -0.84 -3.44 10.95
CA PHE A 81 0.55 -3.21 10.64
C PHE A 81 1.06 -4.30 9.70
N GLY A 82 0.74 -4.15 8.43
CA GLY A 82 1.13 -5.13 7.47
C GLY A 82 2.41 -4.78 6.74
N SER A 83 2.35 -4.82 5.44
CA SER A 83 3.47 -4.51 4.58
C SER A 83 3.30 -3.08 4.02
N PRO A 84 4.29 -2.52 3.27
CA PRO A 84 4.18 -1.16 2.71
C PRO A 84 2.98 -1.02 1.75
N MET A 85 2.61 -2.12 1.12
CA MET A 85 1.49 -2.18 0.18
C MET A 85 0.16 -2.19 0.97
N ASP A 86 0.20 -2.95 2.06
CA ASP A 86 -0.94 -3.26 2.95
C ASP A 86 -1.63 -2.02 3.51
N ILE A 87 -0.97 -0.87 3.41
CA ILE A 87 -1.52 0.36 3.98
C ILE A 87 -2.94 0.61 3.47
N PHE A 88 -3.13 0.54 2.17
CA PHE A 88 -4.44 0.75 1.59
C PHE A 88 -5.34 -0.44 1.84
N ASP A 89 -4.74 -1.62 1.82
CA ASP A 89 -5.50 -2.86 2.01
C ASP A 89 -6.09 -2.94 3.41
N MET A 90 -5.55 -2.15 4.33
CA MET A 90 -6.11 -2.03 5.66
C MET A 90 -7.29 -1.07 5.64
N PHE A 91 -7.06 0.14 5.16
CA PHE A 91 -8.08 1.18 5.11
C PHE A 91 -9.25 0.79 4.24
N PHE A 92 -8.94 0.25 3.09
CA PHE A 92 -9.94 -0.13 2.15
C PHE A 92 -10.21 -1.61 2.26
N GLY A 93 -9.73 -2.20 3.35
CA GLY A 93 -9.88 -3.65 3.52
C GLY A 93 -11.00 -4.03 4.47
N GLY A 94 -11.67 -3.05 5.04
CA GLY A 94 -12.72 -3.29 6.03
C GLY A 94 -13.93 -4.07 5.51
N GLY A 95 -13.87 -4.53 4.27
CA GLY A 95 -14.95 -5.28 3.71
C GLY A 95 -14.64 -6.76 3.57
N GLY A 96 -13.73 -7.26 4.40
CA GLY A 96 -13.41 -8.68 4.38
C GLY A 96 -11.92 -8.97 4.26
N ARG A 97 -11.12 -7.94 4.02
CA ARG A 97 -9.68 -8.11 3.87
C ARG A 97 -8.93 -7.61 5.11
N MET A 98 -9.64 -6.90 5.97
CA MET A 98 -9.10 -6.34 7.20
C MET A 98 -8.82 -7.42 8.24
N GLN A 99 -9.17 -8.65 7.89
CA GLN A 99 -8.96 -9.78 8.79
C GLN A 99 -7.74 -10.60 8.36
N ARG A 100 -7.06 -10.12 7.34
CA ARG A 100 -5.88 -10.79 6.83
C ARG A 100 -4.61 -10.32 7.53
N GLU A 101 -3.56 -11.11 7.42
CA GLU A 101 -2.28 -10.81 8.05
C GLU A 101 -1.21 -10.65 7.00
N ARG A 102 -0.07 -10.13 7.39
CA ARG A 102 1.02 -9.93 6.46
C ARG A 102 1.95 -11.14 6.42
N ARG A 103 2.53 -11.40 5.25
CA ARG A 103 3.53 -12.44 5.12
C ARG A 103 4.78 -11.98 5.85
N GLY A 104 5.38 -12.87 6.61
CA GLY A 104 6.51 -12.50 7.42
C GLY A 104 6.09 -12.25 8.86
N LYS A 105 4.80 -12.44 9.14
CA LYS A 105 4.27 -12.27 10.49
C LYS A 105 4.57 -13.53 11.29
N ASN A 106 3.79 -14.57 11.06
CA ASN A 106 4.03 -15.87 11.69
C ASN A 106 4.74 -16.78 10.70
N VAL A 107 4.85 -16.29 9.47
CA VAL A 107 5.49 -16.99 8.38
C VAL A 107 5.74 -16.02 7.22
N VAL A 10 7.03 7.13 4.53
CA VAL A 10 7.21 5.70 4.16
C VAL A 10 7.47 5.52 2.66
N LEU A 11 6.62 6.12 1.81
CA LEU A 11 6.78 6.00 0.35
C LEU A 11 7.77 7.05 -0.21
N GLY A 12 8.29 7.90 0.67
CA GLY A 12 9.26 8.92 0.25
C GLY A 12 8.62 10.13 -0.38
N VAL A 13 7.30 10.18 -0.35
CA VAL A 13 6.56 11.27 -0.98
C VAL A 13 6.11 12.30 0.05
N LYS A 14 5.81 13.49 -0.42
CA LYS A 14 5.33 14.56 0.43
C LYS A 14 3.84 14.36 0.73
N PRO A 15 3.32 14.98 1.81
CA PRO A 15 1.91 14.84 2.22
C PRO A 15 0.92 15.27 1.14
N ASN A 16 1.32 16.24 0.33
CA ASN A 16 0.45 16.79 -0.70
C ASN A 16 0.65 16.10 -2.05
N ALA A 17 1.35 14.97 -2.05
CA ALA A 17 1.58 14.23 -3.28
C ALA A 17 0.27 13.66 -3.83
N THR A 18 0.06 13.82 -5.12
CA THR A 18 -1.14 13.36 -5.78
C THR A 18 -1.06 11.82 -6.02
N GLN A 19 -2.20 11.22 -6.36
CA GLN A 19 -2.31 9.77 -6.57
C GLN A 19 -1.40 9.30 -7.71
N GLU A 20 -1.23 10.14 -8.72
CA GLU A 20 -0.39 9.81 -9.90
C GLU A 20 1.02 9.41 -9.50
N GLU A 21 1.63 10.18 -8.61
CA GLU A 21 2.99 9.91 -8.18
C GLU A 21 3.08 8.57 -7.50
N LEU A 22 2.11 8.31 -6.65
CA LEU A 22 2.05 7.07 -5.90
C LEU A 22 1.90 5.88 -6.87
N LYS A 23 1.05 6.07 -7.87
CA LYS A 23 0.79 5.05 -8.89
C LYS A 23 2.08 4.76 -9.63
N LYS A 24 2.78 5.82 -9.90
CA LYS A 24 4.10 5.82 -10.51
C LYS A 24 5.12 5.12 -9.59
N ALA A 25 5.02 5.40 -8.29
CA ALA A 25 5.88 4.83 -7.27
C ALA A 25 5.84 3.32 -7.31
N TYR A 26 4.64 2.75 -7.31
CA TYR A 26 4.47 1.30 -7.39
C TYR A 26 5.10 0.71 -8.64
N ARG A 27 5.06 1.46 -9.73
CA ARG A 27 5.65 1.03 -11.00
C ARG A 27 7.15 0.85 -10.81
N LYS A 28 7.75 1.85 -10.18
CA LYS A 28 9.16 1.80 -9.84
C LYS A 28 9.41 0.67 -8.86
N LEU A 29 8.48 0.49 -7.94
CA LEU A 29 8.59 -0.55 -6.94
C LEU A 29 8.59 -1.92 -7.59
N ALA A 30 7.72 -2.11 -8.56
CA ALA A 30 7.63 -3.37 -9.27
C ALA A 30 8.95 -3.67 -9.97
N LEU A 31 9.53 -2.64 -10.57
CA LEU A 31 10.83 -2.74 -11.21
C LEU A 31 11.91 -3.08 -10.19
N LYS A 32 11.84 -2.41 -9.06
CA LYS A 32 12.79 -2.58 -7.96
C LYS A 32 12.70 -3.99 -7.36
N TYR A 33 11.48 -4.46 -7.17
CA TYR A 33 11.23 -5.76 -6.55
C TYR A 33 11.26 -6.91 -7.53
N HIS A 34 11.79 -6.68 -8.75
CA HIS A 34 11.84 -7.75 -9.77
C HIS A 34 12.44 -9.05 -9.16
N PRO A 35 11.59 -10.05 -8.88
CA PRO A 35 12.03 -11.27 -8.23
C PRO A 35 12.99 -12.13 -9.06
N ASP A 36 12.59 -12.41 -10.33
CA ASP A 36 13.24 -13.42 -11.22
C ASP A 36 13.21 -14.79 -10.51
N LYS A 37 12.44 -14.81 -9.43
CA LYS A 37 12.24 -15.96 -8.57
C LYS A 37 10.77 -16.06 -8.27
N ASN A 38 9.97 -15.78 -9.29
CA ASN A 38 8.49 -15.70 -9.21
C ASN A 38 7.83 -16.64 -8.16
N PRO A 39 8.17 -17.95 -8.12
CA PRO A 39 7.58 -18.88 -7.13
C PRO A 39 7.78 -18.43 -5.66
N ASN A 40 8.90 -17.78 -5.37
CA ASN A 40 9.22 -17.36 -3.98
C ASN A 40 9.07 -15.86 -3.75
N GLU A 41 9.79 -15.06 -4.52
CA GLU A 41 9.77 -13.60 -4.33
C GLU A 41 8.64 -12.96 -5.11
N GLY A 42 7.84 -13.79 -5.75
CA GLY A 42 6.70 -13.31 -6.50
C GLY A 42 5.68 -12.71 -5.57
N GLU A 43 5.63 -13.24 -4.36
CA GLU A 43 4.74 -12.73 -3.32
C GLU A 43 5.03 -11.26 -3.05
N LYS A 44 6.30 -10.93 -3.01
CA LYS A 44 6.74 -9.57 -2.74
C LYS A 44 6.23 -8.64 -3.84
N PHE A 45 6.38 -9.07 -5.10
CA PHE A 45 5.81 -8.34 -6.23
C PHE A 45 4.31 -8.22 -6.07
N LYS A 46 3.70 -9.35 -5.79
CA LYS A 46 2.25 -9.45 -5.65
C LYS A 46 1.70 -8.45 -4.65
N GLN A 47 2.41 -8.25 -3.56
CA GLN A 47 1.99 -7.30 -2.55
C GLN A 47 1.84 -5.90 -3.17
N ILE A 48 2.84 -5.49 -3.95
CA ILE A 48 2.78 -4.20 -4.67
C ILE A 48 1.68 -4.22 -5.72
N SER A 49 1.58 -5.31 -6.47
CA SER A 49 0.59 -5.37 -7.54
C SER A 49 -0.83 -5.17 -7.01
N GLN A 50 -1.15 -5.87 -5.96
CA GLN A 50 -2.46 -5.78 -5.32
C GLN A 50 -2.65 -4.39 -4.70
N ALA A 51 -1.61 -3.90 -4.02
CA ALA A 51 -1.63 -2.58 -3.40
C ALA A 51 -1.87 -1.53 -4.48
N TYR A 52 -1.14 -1.67 -5.57
CA TYR A 52 -1.28 -0.82 -6.73
C TYR A 52 -2.69 -0.87 -7.28
N GLU A 53 -3.19 -2.06 -7.40
CA GLU A 53 -4.52 -2.31 -7.93
C GLU A 53 -5.60 -1.59 -7.12
N VAL A 54 -5.43 -1.56 -5.81
CA VAL A 54 -6.35 -0.86 -4.94
C VAL A 54 -6.27 0.63 -5.20
N LEU A 55 -5.06 1.10 -5.33
CA LEU A 55 -4.79 2.51 -5.54
C LEU A 55 -5.41 2.99 -6.82
N SER A 56 -5.15 2.25 -7.86
CA SER A 56 -5.65 2.58 -9.17
C SER A 56 -7.11 2.19 -9.32
N ASP A 57 -7.73 1.76 -8.22
CA ASP A 57 -9.15 1.43 -8.27
C ASP A 57 -9.96 2.72 -8.23
N ALA A 58 -10.89 2.85 -9.17
CA ALA A 58 -11.73 4.05 -9.32
C ALA A 58 -12.36 4.49 -8.01
N LYS A 59 -12.98 3.55 -7.34
CA LYS A 59 -13.72 3.84 -6.12
C LYS A 59 -12.80 4.31 -5.03
N LYS A 60 -11.64 3.65 -4.93
CA LYS A 60 -10.68 3.99 -3.91
C LYS A 60 -10.17 5.40 -4.12
N ARG A 61 -9.94 5.75 -5.37
CA ARG A 61 -9.48 7.08 -5.72
C ARG A 61 -10.50 8.15 -5.36
N GLU A 62 -11.78 7.88 -5.64
CA GLU A 62 -12.86 8.80 -5.26
C GLU A 62 -12.91 8.97 -3.76
N LEU A 63 -12.83 7.86 -3.06
CA LEU A 63 -12.85 7.83 -1.62
C LEU A 63 -11.67 8.59 -1.04
N TYR A 64 -10.50 8.37 -1.63
CA TYR A 64 -9.26 9.03 -1.22
C TYR A 64 -9.35 10.55 -1.33
N ASP A 65 -9.88 11.03 -2.46
CA ASP A 65 -10.03 12.48 -2.69
C ASP A 65 -10.94 13.10 -1.68
N LYS A 66 -11.96 12.35 -1.30
CA LYS A 66 -12.95 12.83 -0.36
C LYS A 66 -12.40 12.95 1.08
N GLY A 67 -11.63 11.95 1.52
CA GLY A 67 -11.13 11.98 2.89
C GLY A 67 -9.96 11.03 3.17
N GLY A 68 -8.87 11.55 3.72
CA GLY A 68 -7.77 10.70 4.12
C GLY A 68 -6.43 11.05 3.48
N GLU A 69 -6.40 12.03 2.60
CA GLU A 69 -5.19 12.39 1.84
C GLU A 69 -3.92 12.49 2.72
N GLN A 70 -4.04 13.14 3.88
CA GLN A 70 -2.90 13.30 4.80
C GLN A 70 -2.67 12.05 5.64
N ALA A 71 -3.73 11.61 6.33
CA ALA A 71 -3.67 10.48 7.26
C ALA A 71 -3.24 9.18 6.59
N ILE A 72 -3.56 9.05 5.32
CA ILE A 72 -3.24 7.85 4.55
C ILE A 72 -1.71 7.72 4.26
N LYS A 73 -0.95 8.72 4.68
CA LYS A 73 0.50 8.68 4.50
C LYS A 73 1.23 8.53 5.84
N GLU A 74 0.48 8.30 6.92
CA GLU A 74 1.08 8.14 8.25
C GLU A 74 1.55 6.69 8.47
N GLY A 75 1.83 6.33 9.72
CA GLY A 75 2.33 5.00 10.01
C GLY A 75 1.26 4.09 10.60
N GLY A 76 0.36 4.65 11.38
CA GLY A 76 -0.69 3.84 11.99
C GLY A 76 -0.18 3.05 13.17
N ALA A 77 0.77 3.63 13.89
CA ALA A 77 1.40 3.00 15.04
C ALA A 77 0.38 2.65 16.13
N GLY A 78 0.01 1.38 16.20
CA GLY A 78 -0.92 0.93 17.21
C GLY A 78 -2.27 0.51 16.64
N GLY A 79 -2.50 0.81 15.36
CA GLY A 79 -3.77 0.47 14.74
C GLY A 79 -3.72 -0.86 14.00
N GLY A 80 -3.09 -0.86 12.83
CA GLY A 80 -2.98 -2.07 12.04
C GLY A 80 -1.83 -1.99 11.07
N PHE A 81 -0.66 -1.68 11.60
CA PHE A 81 0.55 -1.49 10.81
C PHE A 81 1.13 -2.81 10.29
N GLY A 82 1.97 -2.71 9.27
CA GLY A 82 2.59 -3.88 8.69
C GLY A 82 3.59 -3.49 7.61
N SER A 83 3.38 -3.99 6.41
CA SER A 83 4.26 -3.71 5.29
C SER A 83 3.74 -2.44 4.55
N PRO A 84 4.59 -1.80 3.71
CA PRO A 84 4.22 -0.56 2.99
C PRO A 84 2.99 -0.71 2.08
N MET A 85 2.78 -1.91 1.58
CA MET A 85 1.66 -2.17 0.68
C MET A 85 0.35 -2.25 1.50
N ASP A 86 0.50 -2.77 2.73
CA ASP A 86 -0.61 -3.01 3.67
C ASP A 86 -1.33 -1.73 4.08
N ILE A 87 -0.73 -0.58 3.78
CA ILE A 87 -1.28 0.72 4.21
C ILE A 87 -2.76 0.87 3.83
N PHE A 88 -3.10 0.58 2.60
CA PHE A 88 -4.51 0.70 2.18
C PHE A 88 -5.36 -0.35 2.83
N ASP A 89 -4.80 -1.54 3.02
CA ASP A 89 -5.53 -2.64 3.65
C ASP A 89 -5.85 -2.28 5.08
N MET A 90 -5.08 -1.36 5.61
CA MET A 90 -5.27 -0.88 6.96
C MET A 90 -6.41 0.13 7.00
N PHE A 91 -6.29 1.17 6.19
CA PHE A 91 -7.27 2.24 6.14
C PHE A 91 -8.60 1.76 5.60
N PHE A 92 -8.55 0.81 4.70
CA PHE A 92 -9.74 0.19 4.15
C PHE A 92 -9.92 -1.18 4.80
N GLY A 93 -9.36 -1.33 6.00
CA GLY A 93 -9.40 -2.60 6.69
C GLY A 93 -10.76 -2.96 7.22
N GLY A 94 -11.68 -2.03 7.19
CA GLY A 94 -13.02 -2.30 7.67
C GLY A 94 -13.78 -3.20 6.71
N GLY A 95 -13.17 -3.45 5.57
CA GLY A 95 -13.78 -4.29 4.57
C GLY A 95 -13.45 -5.76 4.75
N GLY A 96 -13.86 -6.30 5.90
CA GLY A 96 -13.69 -7.73 6.17
C GLY A 96 -12.24 -8.21 6.14
N ARG A 97 -11.32 -7.36 6.51
CA ARG A 97 -9.92 -7.76 6.51
C ARG A 97 -9.23 -7.42 7.82
N MET A 98 -10.02 -7.04 8.81
CA MET A 98 -9.51 -6.79 10.17
C MET A 98 -9.08 -8.11 10.79
N GLN A 99 -9.69 -9.17 10.32
CA GLN A 99 -9.41 -10.50 10.81
C GLN A 99 -8.21 -11.08 10.08
N ARG A 100 -7.75 -10.37 9.06
CA ARG A 100 -6.60 -10.79 8.28
C ARG A 100 -5.32 -10.20 8.85
N GLU A 101 -4.23 -10.93 8.70
CA GLU A 101 -2.96 -10.50 9.22
C GLU A 101 -2.21 -9.64 8.21
N ARG A 102 -1.07 -9.12 8.63
CA ARG A 102 -0.24 -8.28 7.79
C ARG A 102 0.96 -9.08 7.31
N ARG A 103 1.60 -8.60 6.26
CA ARG A 103 2.80 -9.26 5.76
C ARG A 103 3.88 -9.33 6.85
N GLY A 104 4.11 -10.54 7.35
CA GLY A 104 5.11 -10.74 8.37
C GLY A 104 4.59 -10.56 9.79
N LYS A 105 3.26 -10.50 9.94
CA LYS A 105 2.67 -10.36 11.26
C LYS A 105 2.64 -11.71 11.98
N ASN A 106 3.05 -11.75 13.24
CA ASN A 106 3.00 -13.00 14.00
C ASN A 106 1.80 -13.01 14.93
N VAL A 107 1.41 -11.80 15.37
CA VAL A 107 0.28 -11.61 16.27
C VAL A 107 0.53 -12.29 17.62
N VAL A 10 8.93 5.73 4.56
CA VAL A 10 8.35 4.48 4.02
C VAL A 10 8.45 4.42 2.47
N LEU A 11 7.79 5.35 1.78
CA LEU A 11 7.81 5.36 0.31
C LEU A 11 8.99 6.20 -0.21
N GLY A 12 9.62 6.93 0.70
CA GLY A 12 10.73 7.78 0.31
C GLY A 12 10.25 9.10 -0.25
N VAL A 13 8.97 9.39 -0.05
CA VAL A 13 8.37 10.62 -0.55
C VAL A 13 7.51 11.26 0.55
N LYS A 14 7.32 12.56 0.45
CA LYS A 14 6.54 13.32 1.42
C LYS A 14 5.04 13.09 1.22
N PRO A 15 4.19 13.43 2.22
CA PRO A 15 2.72 13.25 2.16
C PRO A 15 2.04 14.17 1.13
N ASN A 16 2.83 14.97 0.44
CA ASN A 16 2.30 15.88 -0.57
C ASN A 16 2.21 15.20 -1.93
N ALA A 17 2.47 13.90 -1.95
CA ALA A 17 2.40 13.10 -3.16
C ALA A 17 0.96 12.84 -3.56
N THR A 18 0.65 13.08 -4.83
CA THR A 18 -0.68 12.88 -5.35
C THR A 18 -0.92 11.40 -5.70
N GLN A 19 -2.16 11.07 -6.02
CA GLN A 19 -2.55 9.71 -6.38
C GLN A 19 -1.70 9.21 -7.54
N GLU A 20 -1.47 10.09 -8.50
CA GLU A 20 -0.63 9.80 -9.67
C GLU A 20 0.79 9.42 -9.24
N GLU A 21 1.34 10.16 -8.29
CA GLU A 21 2.69 9.91 -7.82
C GLU A 21 2.79 8.53 -7.20
N LEU A 22 1.80 8.20 -6.42
CA LEU A 22 1.78 6.90 -5.76
C LEU A 22 1.73 5.79 -6.79
N LYS A 23 0.92 6.01 -7.81
CA LYS A 23 0.76 5.08 -8.92
C LYS A 23 2.10 4.85 -9.58
N LYS A 24 2.81 5.93 -9.77
CA LYS A 24 4.14 5.93 -10.32
C LYS A 24 5.14 5.21 -9.38
N ALA A 25 5.02 5.48 -8.09
CA ALA A 25 5.88 4.87 -7.07
C ALA A 25 5.82 3.36 -7.14
N TYR A 26 4.61 2.81 -7.12
CA TYR A 26 4.42 1.35 -7.19
C TYR A 26 5.01 0.75 -8.45
N ARG A 27 4.84 1.42 -9.59
CA ARG A 27 5.32 0.91 -10.87
C ARG A 27 6.83 0.78 -10.85
N LYS A 28 7.48 1.86 -10.46
CA LYS A 28 8.91 1.88 -10.33
C LYS A 28 9.38 0.90 -9.27
N LEU A 29 8.62 0.81 -8.20
CA LEU A 29 8.94 -0.07 -7.08
C LEU A 29 8.91 -1.53 -7.56
N ALA A 30 7.85 -1.88 -8.28
CA ALA A 30 7.67 -3.23 -8.81
C ALA A 30 8.80 -3.58 -9.76
N LEU A 31 9.15 -2.65 -10.63
CA LEU A 31 10.23 -2.83 -11.57
C LEU A 31 11.56 -2.98 -10.83
N LYS A 32 11.72 -2.21 -9.76
CA LYS A 32 12.91 -2.26 -8.93
C LYS A 32 13.04 -3.62 -8.25
N TYR A 33 11.95 -4.07 -7.64
CA TYR A 33 11.93 -5.34 -6.92
C TYR A 33 11.59 -6.52 -7.81
N HIS A 34 12.03 -6.50 -9.06
CA HIS A 34 11.78 -7.63 -9.97
C HIS A 34 12.31 -8.93 -9.34
N PRO A 35 11.41 -9.80 -8.86
CA PRO A 35 11.78 -11.00 -8.14
C PRO A 35 12.52 -12.03 -9.00
N ASP A 36 11.97 -12.31 -10.18
CA ASP A 36 12.47 -13.37 -11.09
C ASP A 36 12.52 -14.72 -10.36
N LYS A 37 11.86 -14.77 -9.22
CA LYS A 37 11.75 -15.93 -8.38
C LYS A 37 10.30 -16.08 -7.94
N ASN A 38 9.40 -15.84 -8.89
CA ASN A 38 7.92 -15.84 -8.70
C ASN A 38 7.40 -16.75 -7.55
N PRO A 39 7.75 -18.07 -7.53
CA PRO A 39 7.26 -18.98 -6.48
C PRO A 39 7.63 -18.53 -5.05
N ASN A 40 8.79 -17.88 -4.89
CA ASN A 40 9.23 -17.47 -3.56
C ASN A 40 9.13 -15.94 -3.33
N GLU A 41 9.77 -15.15 -4.20
CA GLU A 41 9.75 -13.66 -4.06
C GLU A 41 8.60 -13.05 -4.84
N GLY A 42 7.76 -13.90 -5.42
CA GLY A 42 6.66 -13.42 -6.22
C GLY A 42 5.62 -12.69 -5.40
N GLU A 43 5.39 -13.15 -4.17
CA GLU A 43 4.40 -12.54 -3.31
C GLU A 43 4.78 -11.10 -3.00
N LYS A 44 6.08 -10.82 -2.93
CA LYS A 44 6.55 -9.48 -2.66
C LYS A 44 6.06 -8.54 -3.77
N PHE A 45 6.24 -8.97 -5.01
CA PHE A 45 5.71 -8.26 -6.16
C PHE A 45 4.21 -8.17 -6.08
N LYS A 46 3.60 -9.30 -5.80
CA LYS A 46 2.13 -9.41 -5.73
C LYS A 46 1.54 -8.41 -4.76
N GLN A 47 2.21 -8.19 -3.63
CA GLN A 47 1.73 -7.22 -2.67
C GLN A 47 1.65 -5.84 -3.31
N ILE A 48 2.73 -5.44 -3.97
CA ILE A 48 2.75 -4.15 -4.70
C ILE A 48 1.78 -4.14 -5.85
N SER A 49 1.72 -5.22 -6.62
CA SER A 49 0.85 -5.26 -7.77
C SER A 49 -0.58 -5.02 -7.37
N GLN A 50 -1.05 -5.80 -6.42
CA GLN A 50 -2.41 -5.69 -5.94
C GLN A 50 -2.63 -4.36 -5.24
N ALA A 51 -1.66 -3.92 -4.45
CA ALA A 51 -1.73 -2.64 -3.78
C ALA A 51 -1.89 -1.53 -4.80
N TYR A 52 -1.07 -1.61 -5.83
CA TYR A 52 -1.12 -0.70 -6.95
C TYR A 52 -2.48 -0.75 -7.63
N GLU A 53 -2.92 -1.96 -7.91
CA GLU A 53 -4.19 -2.20 -8.56
C GLU A 53 -5.33 -1.54 -7.77
N VAL A 54 -5.26 -1.67 -6.45
CA VAL A 54 -6.23 -1.07 -5.55
C VAL A 54 -6.16 0.46 -5.60
N LEU A 55 -4.94 0.98 -5.60
CA LEU A 55 -4.71 2.43 -5.66
C LEU A 55 -5.26 3.01 -6.93
N SER A 56 -4.96 2.34 -8.00
CA SER A 56 -5.40 2.76 -9.31
C SER A 56 -6.88 2.43 -9.51
N ASP A 57 -7.50 1.82 -8.49
CA ASP A 57 -8.92 1.48 -8.59
C ASP A 57 -9.78 2.74 -8.44
N ALA A 58 -10.83 2.81 -9.23
CA ALA A 58 -11.72 3.96 -9.26
C ALA A 58 -12.26 4.35 -7.88
N LYS A 59 -12.78 3.37 -7.15
CA LYS A 59 -13.42 3.64 -5.86
C LYS A 59 -12.42 4.13 -4.85
N LYS A 60 -11.26 3.49 -4.83
CA LYS A 60 -10.26 3.83 -3.84
C LYS A 60 -9.77 5.25 -4.05
N ARG A 61 -9.60 5.64 -5.32
CA ARG A 61 -9.19 7.00 -5.64
C ARG A 61 -10.24 8.01 -5.18
N GLU A 62 -11.51 7.70 -5.44
CA GLU A 62 -12.61 8.57 -5.04
C GLU A 62 -12.63 8.73 -3.52
N LEU A 63 -12.44 7.62 -2.83
CA LEU A 63 -12.42 7.60 -1.38
C LEU A 63 -11.28 8.47 -0.83
N TYR A 64 -10.12 8.39 -1.45
CA TYR A 64 -8.98 9.22 -1.08
C TYR A 64 -9.32 10.70 -1.32
N ASP A 65 -10.00 10.96 -2.43
CA ASP A 65 -10.41 12.32 -2.84
C ASP A 65 -11.44 12.91 -1.88
N LYS A 66 -11.95 12.09 -0.96
CA LYS A 66 -12.95 12.55 0.00
C LYS A 66 -12.32 13.42 1.09
N GLY A 67 -11.02 13.65 0.97
CA GLY A 67 -10.30 14.48 1.92
C GLY A 67 -9.62 13.69 3.02
N GLY A 68 -8.67 14.33 3.68
CA GLY A 68 -7.89 13.68 4.71
C GLY A 68 -6.56 13.20 4.19
N GLU A 69 -6.21 13.66 2.98
CA GLU A 69 -4.99 13.26 2.25
C GLU A 69 -3.74 13.18 3.16
N GLN A 70 -3.36 14.30 3.75
CA GLN A 70 -2.17 14.36 4.61
C GLN A 70 -2.35 13.58 5.91
N ALA A 71 -3.59 13.36 6.29
CA ALA A 71 -3.91 12.64 7.53
C ALA A 71 -3.90 11.14 7.31
N ILE A 72 -3.75 10.73 6.06
CA ILE A 72 -3.76 9.31 5.70
C ILE A 72 -2.33 8.71 5.72
N LYS A 73 -1.34 9.58 5.80
CA LYS A 73 0.06 9.15 5.86
C LYS A 73 0.77 9.74 7.07
N GLU A 74 0.89 8.94 8.13
CA GLU A 74 1.56 9.39 9.35
C GLU A 74 2.54 8.35 9.88
N GLY A 75 3.02 8.54 11.12
CA GLY A 75 3.97 7.62 11.72
C GLY A 75 3.38 6.24 11.96
N GLY A 76 2.19 6.20 12.56
CA GLY A 76 1.51 4.94 12.78
C GLY A 76 2.15 4.10 13.87
N ALA A 77 2.76 4.74 14.86
CA ALA A 77 3.42 4.02 15.94
C ALA A 77 2.41 3.23 16.76
N GLY A 78 2.46 1.91 16.63
CA GLY A 78 1.54 1.05 17.33
C GLY A 78 0.42 0.56 16.44
N GLY A 79 0.37 1.10 15.23
CA GLY A 79 -0.63 0.68 14.28
C GLY A 79 -0.01 0.21 13.00
N GLY A 80 -0.02 1.05 12.00
CA GLY A 80 0.59 0.71 10.73
C GLY A 80 2.01 1.22 10.65
N PHE A 81 2.94 0.29 10.49
CA PHE A 81 4.35 0.62 10.43
C PHE A 81 5.08 -0.39 9.58
N GLY A 82 4.36 -0.97 8.64
CA GLY A 82 4.92 -2.02 7.84
C GLY A 82 5.66 -1.55 6.61
N SER A 83 5.33 -2.17 5.50
CA SER A 83 5.96 -1.93 4.22
C SER A 83 5.11 -0.93 3.38
N PRO A 84 5.53 -0.59 2.13
CA PRO A 84 4.81 0.38 1.28
C PRO A 84 3.34 -0.02 1.02
N MET A 85 3.09 -1.31 0.99
CA MET A 85 1.74 -1.80 0.70
C MET A 85 0.91 -1.94 1.99
N ASP A 86 1.62 -1.93 3.12
CA ASP A 86 1.02 -2.11 4.47
C ASP A 86 -0.01 -1.03 4.77
N ILE A 87 0.18 0.13 4.15
CA ILE A 87 -0.68 1.29 4.39
C ILE A 87 -2.17 0.95 4.16
N PHE A 88 -2.49 0.36 3.02
CA PHE A 88 -3.88 -0.02 2.73
C PHE A 88 -4.33 -1.21 3.54
N ASP A 89 -3.43 -2.17 3.77
CA ASP A 89 -3.80 -3.37 4.53
C ASP A 89 -4.18 -2.96 5.92
N MET A 90 -3.51 -1.94 6.43
CA MET A 90 -3.81 -1.38 7.72
C MET A 90 -5.24 -0.81 7.75
N PHE A 91 -5.58 -0.03 6.74
CA PHE A 91 -6.90 0.61 6.65
C PHE A 91 -8.02 -0.38 6.51
N PHE A 92 -7.76 -1.44 5.78
CA PHE A 92 -8.74 -2.47 5.57
C PHE A 92 -8.39 -3.68 6.43
N GLY A 93 -7.64 -3.44 7.50
CA GLY A 93 -7.17 -4.54 8.32
C GLY A 93 -8.18 -5.00 9.37
N GLY A 94 -9.24 -4.25 9.55
CA GLY A 94 -10.24 -4.57 10.56
C GLY A 94 -11.19 -5.65 10.10
N GLY A 95 -10.65 -6.81 9.76
CA GLY A 95 -11.47 -7.91 9.33
C GLY A 95 -10.64 -9.14 8.99
N GLY A 96 -9.98 -9.69 10.00
CA GLY A 96 -9.19 -10.89 9.81
C GLY A 96 -7.82 -10.63 9.20
N ARG A 97 -7.42 -9.36 9.10
CA ARG A 97 -6.13 -9.03 8.52
C ARG A 97 -5.13 -8.57 9.59
N MET A 98 -5.63 -8.36 10.79
CA MET A 98 -4.79 -7.88 11.89
C MET A 98 -3.75 -8.92 12.27
N GLN A 99 -4.06 -10.17 12.00
CA GLN A 99 -3.18 -11.28 12.32
C GLN A 99 -2.13 -11.50 11.22
N ARG A 100 -2.23 -10.71 10.15
CA ARG A 100 -1.30 -10.80 9.01
C ARG A 100 0.07 -10.23 9.37
N GLU A 101 1.09 -10.69 8.66
CA GLU A 101 2.44 -10.26 8.93
C GLU A 101 3.08 -9.67 7.68
N ARG A 102 4.12 -8.90 7.89
CA ARG A 102 4.77 -8.19 6.80
C ARG A 102 5.77 -9.09 6.09
N ARG A 103 5.85 -8.98 4.77
CA ARG A 103 6.89 -9.67 4.04
C ARG A 103 8.21 -8.97 4.26
N GLY A 104 8.98 -9.52 5.17
CA GLY A 104 10.21 -8.90 5.59
C GLY A 104 10.33 -8.94 7.10
N LYS A 105 9.34 -9.52 7.75
CA LYS A 105 9.35 -9.67 9.20
C LYS A 105 10.33 -10.77 9.60
N ASN A 106 11.16 -10.49 10.59
CA ASN A 106 12.13 -11.48 11.06
C ASN A 106 11.46 -12.58 11.90
N VAL A 107 10.63 -12.16 12.85
CA VAL A 107 9.97 -13.10 13.75
C VAL A 107 8.72 -13.67 13.12
N VAL A 10 8.66 6.46 3.61
CA VAL A 10 8.07 5.18 3.16
C VAL A 10 8.14 5.06 1.64
N LEU A 11 7.27 5.77 0.95
CA LEU A 11 7.22 5.73 -0.50
C LEU A 11 8.15 6.78 -1.13
N GLY A 12 8.73 7.63 -0.30
CA GLY A 12 9.64 8.65 -0.80
C GLY A 12 8.91 9.78 -1.50
N VAL A 13 7.65 9.94 -1.18
CA VAL A 13 6.82 10.95 -1.82
C VAL A 13 6.52 12.08 -0.87
N LYS A 14 6.06 13.18 -1.43
CA LYS A 14 5.69 14.35 -0.66
C LYS A 14 4.21 14.19 -0.26
N PRO A 15 3.81 14.61 0.96
CA PRO A 15 2.43 14.43 1.47
C PRO A 15 1.37 15.17 0.65
N ASN A 16 1.78 16.15 -0.12
CA ASN A 16 0.83 16.89 -0.94
C ASN A 16 0.85 16.39 -2.40
N ALA A 17 1.47 15.25 -2.62
CA ALA A 17 1.51 14.64 -3.94
C ALA A 17 0.25 13.84 -4.19
N THR A 18 -0.22 13.87 -5.42
CA THR A 18 -1.45 13.19 -5.79
C THR A 18 -1.26 11.68 -5.97
N GLN A 19 -2.38 10.98 -6.13
CA GLN A 19 -2.38 9.53 -6.34
C GLN A 19 -1.50 9.11 -7.53
N GLU A 20 -1.37 10.01 -8.52
CA GLU A 20 -0.54 9.75 -9.69
C GLU A 20 0.90 9.47 -9.30
N GLU A 21 1.42 10.25 -8.36
CA GLU A 21 2.78 10.09 -7.90
C GLU A 21 2.96 8.72 -7.26
N LEU A 22 1.98 8.34 -6.49
CA LEU A 22 1.98 7.05 -5.81
C LEU A 22 1.94 5.92 -6.84
N LYS A 23 1.14 6.11 -7.88
CA LYS A 23 1.00 5.16 -8.98
C LYS A 23 2.36 4.94 -9.61
N LYS A 24 3.06 6.02 -9.76
CA LYS A 24 4.42 6.07 -10.24
C LYS A 24 5.38 5.30 -9.33
N ALA A 25 5.22 5.51 -8.02
CA ALA A 25 6.03 4.85 -7.00
C ALA A 25 5.91 3.33 -7.12
N TYR A 26 4.69 2.84 -7.14
CA TYR A 26 4.44 1.40 -7.25
C TYR A 26 5.03 0.82 -8.54
N ARG A 27 4.89 1.54 -9.65
CA ARG A 27 5.34 1.05 -10.95
C ARG A 27 6.83 0.85 -10.95
N LYS A 28 7.54 1.87 -10.53
CA LYS A 28 8.97 1.82 -10.40
C LYS A 28 9.39 0.81 -9.37
N LEU A 29 8.65 0.74 -8.27
CA LEU A 29 8.96 -0.18 -7.19
C LEU A 29 8.85 -1.64 -7.71
N ALA A 30 7.76 -1.93 -8.43
CA ALA A 30 7.53 -3.24 -9.01
C ALA A 30 8.61 -3.62 -9.99
N LEU A 31 9.00 -2.66 -10.82
CA LEU A 31 10.06 -2.86 -11.79
C LEU A 31 11.39 -3.12 -11.07
N LYS A 32 11.62 -2.36 -10.02
CA LYS A 32 12.83 -2.46 -9.22
C LYS A 32 12.90 -3.81 -8.48
N TYR A 33 11.78 -4.18 -7.86
CA TYR A 33 11.70 -5.42 -7.10
C TYR A 33 11.29 -6.60 -7.94
N HIS A 34 11.31 -6.45 -9.27
CA HIS A 34 10.97 -7.56 -10.16
C HIS A 34 11.95 -8.72 -9.90
N PRO A 35 11.48 -9.76 -9.21
CA PRO A 35 12.34 -10.85 -8.74
C PRO A 35 12.67 -11.93 -9.76
N ASP A 36 11.68 -12.31 -10.57
CA ASP A 36 11.80 -13.47 -11.47
C ASP A 36 11.97 -14.75 -10.65
N LYS A 37 11.65 -14.62 -9.37
CA LYS A 37 11.66 -15.71 -8.40
C LYS A 37 10.27 -15.82 -7.82
N ASN A 38 9.28 -15.68 -8.71
CA ASN A 38 7.83 -15.65 -8.37
C ASN A 38 7.44 -16.64 -7.25
N PRO A 39 7.90 -17.94 -7.28
CA PRO A 39 7.57 -18.90 -6.22
C PRO A 39 7.86 -18.39 -4.80
N ASN A 40 8.96 -17.67 -4.61
CA ASN A 40 9.31 -17.17 -3.27
C ASN A 40 9.12 -15.65 -3.14
N GLU A 41 9.81 -14.87 -3.99
CA GLU A 41 9.74 -13.39 -3.91
C GLU A 41 8.60 -12.84 -4.73
N GLY A 42 7.82 -13.73 -5.31
CA GLY A 42 6.69 -13.30 -6.09
C GLY A 42 5.63 -12.70 -5.22
N GLU A 43 5.60 -13.11 -3.95
CA GLU A 43 4.65 -12.58 -2.99
C GLU A 43 4.88 -11.08 -2.83
N LYS A 44 6.14 -10.69 -2.81
CA LYS A 44 6.52 -9.28 -2.64
C LYS A 44 5.95 -8.47 -3.79
N PHE A 45 6.11 -8.99 -5.00
CA PHE A 45 5.52 -8.39 -6.18
C PHE A 45 4.02 -8.31 -6.03
N LYS A 46 3.44 -9.42 -5.64
CA LYS A 46 1.99 -9.51 -5.46
C LYS A 46 1.47 -8.42 -4.52
N GLN A 47 2.22 -8.17 -3.46
CA GLN A 47 1.84 -7.17 -2.48
C GLN A 47 1.67 -5.82 -3.18
N ILE A 48 2.71 -5.40 -3.90
CA ILE A 48 2.68 -4.15 -4.67
C ILE A 48 1.67 -4.19 -5.80
N SER A 49 1.63 -5.29 -6.54
CA SER A 49 0.74 -5.39 -7.70
C SER A 49 -0.70 -5.10 -7.30
N GLN A 50 -1.20 -5.87 -6.39
CA GLN A 50 -2.56 -5.77 -5.91
C GLN A 50 -2.81 -4.42 -5.23
N ALA A 51 -1.84 -3.94 -4.45
CA ALA A 51 -1.97 -2.66 -3.77
C ALA A 51 -2.06 -1.55 -4.81
N TYR A 52 -1.20 -1.65 -5.82
CA TYR A 52 -1.19 -0.74 -6.96
C TYR A 52 -2.51 -0.78 -7.69
N GLU A 53 -2.96 -1.97 -7.96
CA GLU A 53 -4.20 -2.19 -8.67
C GLU A 53 -5.37 -1.52 -7.96
N VAL A 54 -5.36 -1.59 -6.63
CA VAL A 54 -6.37 -0.93 -5.80
C VAL A 54 -6.28 0.59 -5.96
N LEU A 55 -5.07 1.09 -5.96
CA LEU A 55 -4.80 2.50 -6.15
C LEU A 55 -5.30 2.95 -7.49
N SER A 56 -5.05 2.14 -8.47
CA SER A 56 -5.48 2.42 -9.81
C SER A 56 -6.99 2.28 -9.94
N ASP A 57 -7.65 1.83 -8.87
CA ASP A 57 -9.11 1.68 -8.93
C ASP A 57 -9.79 3.05 -8.75
N ALA A 58 -10.82 3.30 -9.54
CA ALA A 58 -11.57 4.56 -9.49
C ALA A 58 -12.13 4.88 -8.12
N LYS A 59 -12.81 3.91 -7.55
CA LYS A 59 -13.56 4.10 -6.31
C LYS A 59 -12.64 4.37 -5.16
N LYS A 60 -11.55 3.63 -5.12
CA LYS A 60 -10.60 3.70 -4.03
C LYS A 60 -9.98 5.09 -3.98
N ARG A 61 -9.63 5.62 -5.15
CA ARG A 61 -9.07 6.96 -5.22
C ARG A 61 -10.05 8.02 -4.77
N GLU A 62 -11.30 7.90 -5.20
CA GLU A 62 -12.31 8.86 -4.79
C GLU A 62 -12.49 8.81 -3.28
N LEU A 63 -12.51 7.59 -2.75
CA LEU A 63 -12.65 7.37 -1.32
C LEU A 63 -11.47 7.99 -0.56
N TYR A 64 -10.26 7.81 -1.08
CA TYR A 64 -9.07 8.41 -0.48
C TYR A 64 -9.14 9.94 -0.50
N ASP A 65 -9.38 10.48 -1.70
CA ASP A 65 -9.37 11.92 -1.91
C ASP A 65 -10.48 12.61 -1.14
N LYS A 66 -11.68 12.06 -1.20
CA LYS A 66 -12.85 12.66 -0.57
C LYS A 66 -12.90 12.33 0.92
N GLY A 67 -12.07 11.40 1.35
CA GLY A 67 -12.05 11.01 2.74
C GLY A 67 -11.13 11.90 3.56
N GLY A 68 -9.88 11.98 3.15
CA GLY A 68 -8.94 12.80 3.88
C GLY A 68 -7.51 12.49 3.51
N GLU A 69 -7.03 13.10 2.44
CA GLU A 69 -5.65 12.90 1.96
C GLU A 69 -4.66 13.19 3.10
N GLN A 70 -4.88 14.31 3.78
CA GLN A 70 -4.02 14.74 4.88
C GLN A 70 -4.33 13.98 6.16
N ALA A 71 -5.50 13.39 6.22
CA ALA A 71 -5.89 12.61 7.37
C ALA A 71 -5.30 11.20 7.27
N ILE A 72 -4.90 10.85 6.07
CA ILE A 72 -4.30 9.57 5.79
C ILE A 72 -2.77 9.70 5.76
N LYS A 73 -2.21 9.93 6.95
CA LYS A 73 -0.78 10.07 7.15
C LYS A 73 -0.38 9.46 8.50
N GLU A 74 0.89 9.67 8.89
CA GLU A 74 1.45 9.15 10.16
C GLU A 74 1.69 7.65 10.08
N GLY A 75 2.08 7.07 11.21
CA GLY A 75 2.35 5.64 11.24
C GLY A 75 1.13 4.81 11.54
N GLY A 76 0.20 5.36 12.32
CA GLY A 76 -1.02 4.65 12.64
C GLY A 76 -0.80 3.52 13.62
N ALA A 77 0.13 3.70 14.55
CA ALA A 77 0.41 2.67 15.55
C ALA A 77 -0.85 2.35 16.35
N GLY A 78 -1.16 1.08 16.46
CA GLY A 78 -2.37 0.66 17.13
C GLY A 78 -3.37 0.06 16.18
N GLY A 79 -3.16 0.31 14.90
CA GLY A 79 -4.00 -0.26 13.87
C GLY A 79 -3.34 -1.45 13.22
N GLY A 80 -3.80 -1.81 12.03
CA GLY A 80 -3.21 -2.94 11.33
C GLY A 80 -2.06 -2.51 10.44
N PHE A 81 -1.05 -1.94 11.05
CA PHE A 81 0.11 -1.45 10.32
C PHE A 81 1.05 -2.57 9.93
N GLY A 82 1.73 -2.39 8.80
CA GLY A 82 2.63 -3.41 8.31
C GLY A 82 3.59 -2.85 7.28
N SER A 83 3.52 -3.40 6.09
CA SER A 83 4.38 -3.01 4.99
C SER A 83 3.79 -1.77 4.28
N PRO A 84 4.50 -1.19 3.27
CA PRO A 84 4.02 0.01 2.55
C PRO A 84 2.68 -0.22 1.85
N MET A 85 2.43 -1.45 1.43
CA MET A 85 1.20 -1.76 0.71
C MET A 85 0.07 -2.02 1.70
N ASP A 86 0.43 -2.47 2.89
CA ASP A 86 -0.54 -2.77 3.95
C ASP A 86 -1.23 -1.51 4.44
N ILE A 87 -0.60 -0.35 4.20
CA ILE A 87 -1.12 0.93 4.68
C ILE A 87 -2.54 1.17 4.15
N PHE A 88 -2.71 1.02 2.85
CA PHE A 88 -4.01 1.21 2.23
C PHE A 88 -4.99 0.15 2.67
N ASP A 89 -4.50 -1.07 2.82
CA ASP A 89 -5.34 -2.18 3.24
C ASP A 89 -5.98 -1.85 4.57
N MET A 90 -5.16 -1.35 5.46
CA MET A 90 -5.58 -0.96 6.78
C MET A 90 -6.59 0.20 6.75
N PHE A 91 -6.26 1.25 5.99
CA PHE A 91 -7.13 2.43 5.91
C PHE A 91 -8.47 2.10 5.27
N PHE A 92 -8.47 1.17 4.36
CA PHE A 92 -9.68 0.74 3.70
C PHE A 92 -10.17 -0.57 4.33
N GLY A 93 -9.69 -0.85 5.55
CA GLY A 93 -10.07 -2.08 6.24
C GLY A 93 -10.36 -1.87 7.71
N GLY A 94 -10.50 -0.61 8.12
CA GLY A 94 -10.68 -0.27 9.53
C GLY A 94 -12.03 -0.67 10.15
N GLY A 95 -12.79 -1.50 9.46
CA GLY A 95 -14.08 -1.89 9.99
C GLY A 95 -14.17 -3.38 10.31
N GLY A 96 -13.10 -3.93 10.85
CA GLY A 96 -13.10 -5.33 11.24
C GLY A 96 -11.88 -6.09 10.74
N ARG A 97 -11.62 -5.99 9.45
CA ARG A 97 -10.53 -6.73 8.82
C ARG A 97 -9.14 -6.14 9.15
N MET A 98 -9.11 -4.96 9.75
CA MET A 98 -7.84 -4.28 10.08
C MET A 98 -7.15 -4.93 11.29
N GLN A 99 -7.86 -5.83 11.97
CA GLN A 99 -7.30 -6.51 13.13
C GLN A 99 -6.65 -7.84 12.74
N ARG A 100 -6.53 -8.06 11.44
CA ARG A 100 -5.91 -9.27 10.92
C ARG A 100 -4.41 -9.09 10.74
N GLU A 101 -3.79 -9.98 10.00
CA GLU A 101 -2.35 -9.95 9.84
C GLU A 101 -1.92 -9.31 8.51
N ARG A 102 -0.65 -8.94 8.45
CA ARG A 102 -0.08 -8.22 7.30
C ARG A 102 0.02 -9.14 6.08
N ARG A 103 0.04 -8.55 4.89
CA ARG A 103 0.14 -9.30 3.65
C ARG A 103 1.49 -9.97 3.54
N GLY A 104 1.49 -11.29 3.42
CA GLY A 104 2.74 -12.02 3.27
C GLY A 104 3.46 -12.23 4.59
N LYS A 105 2.73 -12.10 5.69
CA LYS A 105 3.30 -12.28 7.02
C LYS A 105 3.73 -13.75 7.21
N ASN A 106 4.91 -13.94 7.82
CA ASN A 106 5.43 -15.30 8.04
C ASN A 106 4.70 -16.02 9.18
N VAL A 107 4.04 -15.25 10.04
CA VAL A 107 3.26 -15.78 11.18
C VAL A 107 4.17 -16.49 12.18
N VAL A 10 3.96 6.41 3.23
CA VAL A 10 5.24 5.79 3.64
C VAL A 10 6.11 5.55 2.41
N LEU A 11 5.67 6.07 1.28
CA LEU A 11 6.32 5.88 0.01
C LEU A 11 7.45 6.88 -0.22
N GLY A 12 7.72 7.70 0.79
CA GLY A 12 8.78 8.69 0.67
C GLY A 12 8.29 9.95 0.01
N VAL A 13 6.97 10.13 0.00
CA VAL A 13 6.35 11.29 -0.61
C VAL A 13 5.55 12.05 0.41
N LYS A 14 5.13 13.24 0.04
CA LYS A 14 4.37 14.11 0.91
C LYS A 14 2.89 13.68 0.95
N PRO A 15 2.12 14.12 1.96
CA PRO A 15 0.69 13.78 2.08
C PRO A 15 -0.16 14.50 1.04
N ASN A 16 0.46 15.43 0.32
CA ASN A 16 -0.21 16.17 -0.73
C ASN A 16 0.02 15.51 -2.09
N ALA A 17 0.63 14.33 -2.06
CA ALA A 17 0.89 13.59 -3.28
C ALA A 17 -0.38 12.90 -3.73
N THR A 18 -0.79 13.17 -4.94
CA THR A 18 -2.00 12.64 -5.48
C THR A 18 -1.86 11.15 -5.81
N GLN A 19 -2.98 10.53 -6.13
CA GLN A 19 -3.03 9.10 -6.44
C GLN A 19 -2.10 8.76 -7.61
N GLU A 20 -1.94 9.73 -8.51
CA GLU A 20 -1.04 9.59 -9.66
C GLU A 20 0.40 9.34 -9.21
N GLU A 21 0.83 10.07 -8.20
CA GLU A 21 2.19 9.95 -7.69
C GLU A 21 2.43 8.58 -7.10
N LEU A 22 1.47 8.14 -6.32
CA LEU A 22 1.54 6.85 -5.65
C LEU A 22 1.56 5.74 -6.71
N LYS A 23 0.78 5.94 -7.77
CA LYS A 23 0.69 5.01 -8.89
C LYS A 23 2.09 4.82 -9.49
N LYS A 24 2.77 5.92 -9.64
CA LYS A 24 4.13 5.98 -10.11
C LYS A 24 5.09 5.30 -9.11
N ALA A 25 4.82 5.48 -7.82
CA ALA A 25 5.59 4.87 -6.74
C ALA A 25 5.64 3.36 -6.87
N TYR A 26 4.46 2.74 -6.99
CA TYR A 26 4.35 1.29 -7.16
C TYR A 26 5.07 0.81 -8.42
N ARG A 27 5.03 1.63 -9.46
CA ARG A 27 5.70 1.32 -10.72
C ARG A 27 7.17 1.12 -10.47
N LYS A 28 7.76 2.08 -9.80
CA LYS A 28 9.14 2.01 -9.42
C LYS A 28 9.41 0.86 -8.46
N LEU A 29 8.46 0.61 -7.57
CA LEU A 29 8.59 -0.49 -6.63
C LEU A 29 8.65 -1.82 -7.37
N ALA A 30 7.77 -1.98 -8.35
CA ALA A 30 7.71 -3.18 -9.16
C ALA A 30 9.00 -3.38 -9.94
N LEU A 31 9.51 -2.29 -10.50
CA LEU A 31 10.75 -2.32 -11.24
C LEU A 31 11.91 -2.70 -10.31
N LYS A 32 11.89 -2.12 -9.13
CA LYS A 32 12.92 -2.36 -8.12
C LYS A 32 12.87 -3.79 -7.60
N TYR A 33 11.69 -4.23 -7.23
CA TYR A 33 11.51 -5.54 -6.64
C TYR A 33 11.28 -6.63 -7.64
N HIS A 34 11.74 -6.43 -8.87
CA HIS A 34 11.64 -7.47 -9.91
C HIS A 34 12.20 -8.80 -9.35
N PRO A 35 11.31 -9.76 -9.04
CA PRO A 35 11.72 -11.01 -8.41
C PRO A 35 12.67 -11.84 -9.27
N ASP A 36 12.27 -12.09 -10.53
CA ASP A 36 12.98 -13.02 -11.45
C ASP A 36 13.20 -14.39 -10.77
N LYS A 37 12.53 -14.57 -9.65
CA LYS A 37 12.52 -15.79 -8.86
C LYS A 37 11.10 -16.07 -8.45
N ASN A 38 10.18 -15.87 -9.40
CA ASN A 38 8.71 -15.97 -9.18
C ASN A 38 8.28 -16.94 -8.03
N PRO A 39 8.74 -18.22 -8.02
CA PRO A 39 8.36 -19.17 -6.95
C PRO A 39 8.73 -18.68 -5.53
N ASN A 40 9.79 -17.89 -5.42
CA ASN A 40 10.27 -17.43 -4.10
C ASN A 40 9.95 -15.93 -3.83
N GLU A 41 10.41 -15.03 -4.70
CA GLU A 41 10.18 -13.58 -4.51
C GLU A 41 8.94 -13.07 -5.23
N GLY A 42 8.24 -13.97 -5.91
CA GLY A 42 7.07 -13.57 -6.67
C GLY A 42 5.93 -13.06 -5.81
N GLU A 43 5.77 -13.66 -4.63
CA GLU A 43 4.70 -13.27 -3.71
C GLU A 43 4.88 -11.80 -3.31
N LYS A 44 6.14 -11.37 -3.20
CA LYS A 44 6.47 -9.99 -2.83
C LYS A 44 5.94 -9.03 -3.89
N PHE A 45 6.17 -9.38 -5.16
CA PHE A 45 5.64 -8.60 -6.28
C PHE A 45 4.14 -8.51 -6.21
N LYS A 46 3.53 -9.65 -5.99
CA LYS A 46 2.08 -9.78 -5.94
C LYS A 46 1.47 -8.81 -4.92
N GLN A 47 2.17 -8.58 -3.83
CA GLN A 47 1.71 -7.65 -2.83
C GLN A 47 1.57 -6.25 -3.41
N ILE A 48 2.60 -5.79 -4.10
CA ILE A 48 2.56 -4.49 -4.79
C ILE A 48 1.50 -4.48 -5.88
N SER A 49 1.43 -5.54 -6.66
CA SER A 49 0.49 -5.58 -7.77
C SER A 49 -0.94 -5.36 -7.28
N GLN A 50 -1.34 -6.12 -6.28
CA GLN A 50 -2.66 -6.01 -5.69
C GLN A 50 -2.84 -4.68 -4.98
N ALA A 51 -1.80 -4.24 -4.26
CA ALA A 51 -1.80 -2.95 -3.56
C ALA A 51 -2.03 -1.82 -4.57
N TYR A 52 -1.29 -1.89 -5.65
CA TYR A 52 -1.40 -0.97 -6.76
C TYR A 52 -2.80 -0.98 -7.33
N GLU A 53 -3.29 -2.17 -7.57
CA GLU A 53 -4.62 -2.38 -8.13
C GLU A 53 -5.70 -1.69 -7.28
N VAL A 54 -5.50 -1.67 -5.98
CA VAL A 54 -6.40 -0.99 -5.07
C VAL A 54 -6.37 0.52 -5.33
N LEU A 55 -5.17 1.03 -5.52
CA LEU A 55 -4.95 2.44 -5.82
C LEU A 55 -5.57 2.80 -7.14
N SER A 56 -5.34 1.94 -8.09
CA SER A 56 -5.85 2.12 -9.43
C SER A 56 -7.37 1.90 -9.47
N ASP A 57 -7.94 1.57 -8.31
CA ASP A 57 -9.38 1.36 -8.21
C ASP A 57 -10.11 2.71 -8.11
N ALA A 58 -11.22 2.82 -8.86
CA ALA A 58 -12.03 4.04 -8.92
C ALA A 58 -12.46 4.55 -7.55
N LYS A 59 -12.94 3.65 -6.73
CA LYS A 59 -13.54 4.00 -5.45
C LYS A 59 -12.52 4.64 -4.53
N LYS A 60 -11.35 4.03 -4.47
CA LYS A 60 -10.30 4.44 -3.55
C LYS A 60 -9.73 5.81 -3.89
N ARG A 61 -9.54 6.07 -5.17
CA ARG A 61 -9.06 7.38 -5.59
C ARG A 61 -10.04 8.47 -5.19
N GLU A 62 -11.32 8.19 -5.41
CA GLU A 62 -12.39 9.10 -5.04
C GLU A 62 -12.39 9.36 -3.53
N LEU A 63 -12.19 8.30 -2.76
CA LEU A 63 -12.18 8.39 -1.32
C LEU A 63 -11.05 9.33 -0.85
N TYR A 64 -9.87 9.13 -1.44
CA TYR A 64 -8.70 9.97 -1.14
C TYR A 64 -8.93 11.42 -1.56
N ASP A 65 -9.35 11.61 -2.81
CA ASP A 65 -9.50 12.93 -3.41
C ASP A 65 -10.56 13.77 -2.71
N LYS A 66 -11.63 13.13 -2.29
CA LYS A 66 -12.71 13.86 -1.66
C LYS A 66 -12.37 14.31 -0.23
N GLY A 67 -11.88 13.39 0.60
CA GLY A 67 -11.57 13.77 1.97
C GLY A 67 -10.66 12.80 2.70
N GLY A 68 -9.49 12.53 2.16
CA GLY A 68 -8.57 11.65 2.84
C GLY A 68 -7.14 12.15 2.78
N GLU A 69 -6.91 13.17 1.97
CA GLU A 69 -5.56 13.71 1.70
C GLU A 69 -4.72 13.90 2.98
N GLN A 70 -5.19 14.77 3.87
CA GLN A 70 -4.43 15.12 5.09
C GLN A 70 -4.57 14.06 6.18
N ALA A 71 -5.50 13.15 6.00
CA ALA A 71 -5.69 12.07 6.95
C ALA A 71 -4.68 10.98 6.66
N ILE A 72 -4.14 11.03 5.47
CA ILE A 72 -3.17 10.09 4.98
C ILE A 72 -1.77 10.72 5.05
N LYS A 73 -1.11 10.51 6.19
CA LYS A 73 0.21 11.11 6.44
C LYS A 73 0.93 10.35 7.56
N GLU A 74 2.21 10.04 7.37
CA GLU A 74 3.00 9.43 8.41
C GLU A 74 3.48 10.49 9.39
N GLY A 75 2.64 10.80 10.37
CA GLY A 75 3.02 11.78 11.38
C GLY A 75 3.62 11.12 12.60
N GLY A 76 3.54 9.79 12.65
CA GLY A 76 4.11 9.05 13.75
C GLY A 76 3.26 9.12 15.02
N ALA A 77 1.97 9.37 14.85
CA ALA A 77 1.07 9.51 15.98
C ALA A 77 0.32 8.21 16.29
N GLY A 78 1.06 7.11 16.42
CA GLY A 78 0.45 5.83 16.73
C GLY A 78 -0.40 5.29 15.60
N GLY A 79 0.21 5.12 14.43
CA GLY A 79 -0.51 4.62 13.29
C GLY A 79 -0.30 3.13 13.08
N GLY A 80 0.94 2.75 12.85
CA GLY A 80 1.27 1.36 12.59
C GLY A 80 1.77 1.20 11.19
N PHE A 81 2.58 2.17 10.76
CA PHE A 81 3.08 2.23 9.40
C PHE A 81 4.08 1.11 9.15
N GLY A 82 4.04 0.55 7.96
CA GLY A 82 4.93 -0.54 7.65
C GLY A 82 5.57 -0.40 6.29
N SER A 83 5.47 -1.44 5.51
CA SER A 83 6.04 -1.48 4.19
C SER A 83 5.10 -0.76 3.18
N PRO A 84 5.50 -0.61 1.90
CA PRO A 84 4.72 0.13 0.90
C PRO A 84 3.29 -0.40 0.70
N MET A 85 3.12 -1.71 0.85
CA MET A 85 1.80 -2.32 0.62
C MET A 85 0.99 -2.39 1.93
N ASP A 86 1.67 -2.30 3.06
CA ASP A 86 1.03 -2.36 4.39
C ASP A 86 0.07 -1.20 4.62
N ILE A 87 0.13 -0.18 3.76
CA ILE A 87 -0.68 1.02 3.96
C ILE A 87 -2.17 0.68 4.14
N PHE A 88 -2.74 -0.10 3.23
CA PHE A 88 -4.15 -0.49 3.37
C PHE A 88 -4.34 -1.52 4.45
N ASP A 89 -3.31 -2.32 4.67
CA ASP A 89 -3.29 -3.30 5.73
C ASP A 89 -3.44 -2.63 7.09
N MET A 90 -2.82 -1.47 7.24
CA MET A 90 -2.95 -0.66 8.45
C MET A 90 -4.37 -0.10 8.60
N PHE A 91 -4.89 0.46 7.51
CA PHE A 91 -6.23 1.06 7.51
C PHE A 91 -7.29 0.04 7.84
N PHE A 92 -7.16 -1.13 7.30
CA PHE A 92 -8.09 -2.19 7.54
C PHE A 92 -7.54 -3.15 8.56
N GLY A 93 -6.60 -2.65 9.38
CA GLY A 93 -5.95 -3.51 10.35
C GLY A 93 -6.69 -3.60 11.66
N GLY A 94 -7.59 -2.66 11.91
CA GLY A 94 -8.33 -2.63 13.17
C GLY A 94 -9.36 -3.74 13.28
N GLY A 95 -9.43 -4.58 12.27
CA GLY A 95 -10.38 -5.67 12.27
C GLY A 95 -9.81 -6.95 12.84
N GLY A 96 -9.01 -6.82 13.90
CA GLY A 96 -8.44 -7.99 14.55
C GLY A 96 -7.32 -8.63 13.77
N ARG A 97 -6.58 -7.84 13.01
CA ARG A 97 -5.47 -8.39 12.22
C ARG A 97 -4.16 -7.64 12.52
N MET A 98 -4.20 -6.77 13.54
CA MET A 98 -3.02 -5.98 13.97
C MET A 98 -1.98 -6.85 14.64
N GLN A 99 -2.37 -8.06 14.99
CA GLN A 99 -1.50 -8.98 15.68
C GLN A 99 -0.58 -9.71 14.70
N ARG A 100 -0.87 -9.54 13.41
CA ARG A 100 -0.08 -10.17 12.36
C ARG A 100 0.94 -9.16 11.83
N GLU A 101 2.13 -9.66 11.49
CA GLU A 101 3.25 -8.81 11.11
C GLU A 101 3.15 -8.23 9.70
N ARG A 102 4.08 -7.34 9.39
CA ARG A 102 4.09 -6.56 8.15
C ARG A 102 4.55 -7.38 6.97
N ARG A 103 4.30 -6.88 5.77
CA ARG A 103 4.67 -7.58 4.55
C ARG A 103 6.11 -7.30 4.21
N GLY A 104 6.98 -8.24 4.51
CA GLY A 104 8.39 -8.06 4.24
C GLY A 104 9.20 -7.82 5.49
N LYS A 105 8.53 -7.95 6.65
CA LYS A 105 9.21 -7.76 7.92
C LYS A 105 10.27 -8.85 8.10
N ASN A 106 11.52 -8.44 8.30
CA ASN A 106 12.61 -9.40 8.48
C ASN A 106 12.84 -9.68 9.96
N VAL A 107 12.23 -8.85 10.80
CA VAL A 107 12.35 -8.96 12.26
C VAL A 107 13.79 -8.65 12.71
N VAL A 10 9.94 3.69 2.71
CA VAL A 10 8.60 3.12 2.43
C VAL A 10 8.20 3.40 0.97
N LEU A 11 7.24 4.32 0.75
CA LEU A 11 6.80 4.63 -0.60
C LEU A 11 7.58 5.79 -1.21
N GLY A 12 8.28 6.55 -0.36
CA GLY A 12 9.07 7.66 -0.84
C GLY A 12 8.23 8.81 -1.41
N VAL A 13 7.04 9.00 -0.83
CA VAL A 13 6.12 10.03 -1.30
C VAL A 13 5.50 10.78 -0.12
N LYS A 14 5.18 12.05 -0.36
CA LYS A 14 4.53 12.87 0.64
C LYS A 14 3.00 12.81 0.43
N PRO A 15 2.22 12.85 1.53
CA PRO A 15 0.74 12.78 1.44
C PRO A 15 0.12 14.04 0.83
N ASN A 16 0.96 15.01 0.53
CA ASN A 16 0.53 16.24 -0.08
C ASN A 16 0.63 16.13 -1.60
N ALA A 17 1.02 14.96 -2.07
CA ALA A 17 1.15 14.68 -3.48
C ALA A 17 -0.10 13.98 -3.98
N THR A 18 -0.37 14.09 -5.26
CA THR A 18 -1.54 13.44 -5.83
C THR A 18 -1.28 11.94 -6.03
N GLN A 19 -2.35 11.20 -6.31
CA GLN A 19 -2.30 9.74 -6.46
C GLN A 19 -1.48 9.30 -7.69
N GLU A 20 -1.29 10.23 -8.63
CA GLU A 20 -0.46 9.96 -9.82
C GLU A 20 0.95 9.54 -9.40
N GLU A 21 1.49 10.24 -8.41
CA GLU A 21 2.82 9.96 -7.92
C GLU A 21 2.87 8.58 -7.29
N LEU A 22 1.86 8.27 -6.54
CA LEU A 22 1.76 6.99 -5.87
C LEU A 22 1.71 5.86 -6.89
N LYS A 23 0.95 6.09 -7.94
CA LYS A 23 0.79 5.14 -9.03
C LYS A 23 2.14 4.84 -9.63
N LYS A 24 2.87 5.90 -9.84
CA LYS A 24 4.21 5.87 -10.34
C LYS A 24 5.15 5.11 -9.36
N ALA A 25 4.99 5.38 -8.07
CA ALA A 25 5.81 4.77 -7.03
C ALA A 25 5.73 3.26 -7.08
N TYR A 26 4.52 2.71 -7.11
CA TYR A 26 4.33 1.25 -7.17
C TYR A 26 5.02 0.65 -8.40
N ARG A 27 4.94 1.34 -9.52
CA ARG A 27 5.50 0.86 -10.76
C ARG A 27 7.00 0.76 -10.63
N LYS A 28 7.58 1.80 -10.09
CA LYS A 28 8.99 1.84 -9.82
C LYS A 28 9.37 0.80 -8.77
N LEU A 29 8.46 0.58 -7.82
CA LEU A 29 8.64 -0.44 -6.78
C LEU A 29 8.73 -1.82 -7.41
N ALA A 30 7.84 -2.06 -8.36
CA ALA A 30 7.81 -3.32 -9.09
C ALA A 30 9.10 -3.52 -9.87
N LEU A 31 9.56 -2.45 -10.50
CA LEU A 31 10.82 -2.47 -11.24
C LEU A 31 12.00 -2.74 -10.29
N LYS A 32 11.96 -2.06 -9.16
CA LYS A 32 13.00 -2.17 -8.13
C LYS A 32 13.01 -3.56 -7.50
N TYR A 33 11.83 -4.05 -7.14
CA TYR A 33 11.69 -5.37 -6.53
C TYR A 33 11.46 -6.46 -7.54
N HIS A 34 11.89 -6.24 -8.80
CA HIS A 34 11.75 -7.24 -9.86
C HIS A 34 12.31 -8.57 -9.38
N PRO A 35 11.44 -9.54 -9.03
CA PRO A 35 11.87 -10.79 -8.42
C PRO A 35 12.57 -11.77 -9.36
N ASP A 36 11.95 -12.07 -10.51
CA ASP A 36 12.43 -13.16 -11.42
C ASP A 36 12.52 -14.50 -10.64
N LYS A 37 11.89 -14.49 -9.47
CA LYS A 37 11.85 -15.62 -8.55
C LYS A 37 10.42 -15.80 -8.09
N ASN A 38 9.50 -15.68 -9.05
CA ASN A 38 8.02 -15.71 -8.82
C ASN A 38 7.57 -16.53 -7.57
N PRO A 39 7.96 -17.83 -7.45
CA PRO A 39 7.55 -18.66 -6.30
C PRO A 39 7.99 -18.11 -4.92
N ASN A 40 9.14 -17.44 -4.87
CA ASN A 40 9.68 -16.94 -3.58
C ASN A 40 9.54 -15.42 -3.43
N GLU A 41 10.17 -14.65 -4.33
CA GLU A 41 10.13 -13.19 -4.23
C GLU A 41 8.96 -12.63 -5.04
N GLY A 42 8.33 -13.48 -5.81
CA GLY A 42 7.21 -13.06 -6.61
C GLY A 42 6.02 -12.70 -5.77
N GLU A 43 5.93 -13.32 -4.60
CA GLU A 43 4.84 -13.07 -3.68
C GLU A 43 4.88 -11.61 -3.22
N LYS A 44 6.09 -11.12 -3.04
CA LYS A 44 6.33 -9.74 -2.65
C LYS A 44 5.81 -8.80 -3.74
N PHE A 45 6.11 -9.15 -4.98
CA PHE A 45 5.60 -8.45 -6.14
C PHE A 45 4.08 -8.44 -6.14
N LYS A 46 3.53 -9.61 -5.87
CA LYS A 46 2.07 -9.78 -5.87
C LYS A 46 1.41 -8.77 -4.95
N GLN A 47 2.01 -8.54 -3.80
CA GLN A 47 1.43 -7.62 -2.84
C GLN A 47 1.35 -6.20 -3.42
N ILE A 48 2.43 -5.73 -4.04
CA ILE A 48 2.42 -4.43 -4.75
C ILE A 48 1.45 -4.43 -5.92
N SER A 49 1.44 -5.51 -6.69
CA SER A 49 0.59 -5.56 -7.87
C SER A 49 -0.88 -5.33 -7.50
N GLN A 50 -1.33 -6.03 -6.50
CA GLN A 50 -2.68 -5.91 -5.97
C GLN A 50 -2.89 -4.54 -5.33
N ALA A 51 -1.89 -4.07 -4.59
CA ALA A 51 -1.95 -2.77 -3.93
C ALA A 51 -2.10 -1.67 -4.98
N TYR A 52 -1.32 -1.79 -6.01
CA TYR A 52 -1.39 -0.91 -7.17
C TYR A 52 -2.78 -0.93 -7.77
N GLU A 53 -3.28 -2.12 -7.94
CA GLU A 53 -4.61 -2.35 -8.50
C GLU A 53 -5.68 -1.65 -7.67
N VAL A 54 -5.50 -1.68 -6.34
CA VAL A 54 -6.39 -0.99 -5.41
C VAL A 54 -6.29 0.52 -5.63
N LEU A 55 -5.08 1.00 -5.81
CA LEU A 55 -4.84 2.40 -6.08
C LEU A 55 -5.50 2.79 -7.38
N SER A 56 -5.34 1.96 -8.36
CA SER A 56 -5.93 2.18 -9.67
C SER A 56 -7.45 1.94 -9.63
N ASP A 57 -7.98 1.59 -8.45
CA ASP A 57 -9.42 1.36 -8.29
C ASP A 57 -10.16 2.69 -8.18
N ALA A 58 -11.22 2.83 -8.98
CA ALA A 58 -12.01 4.06 -9.04
C ALA A 58 -12.52 4.53 -7.67
N LYS A 59 -13.12 3.62 -6.92
CA LYS A 59 -13.72 3.98 -5.63
C LYS A 59 -12.66 4.38 -4.64
N LYS A 60 -11.55 3.64 -4.62
CA LYS A 60 -10.51 3.88 -3.64
C LYS A 60 -9.91 5.28 -3.84
N ARG A 61 -9.71 5.65 -5.10
CA ARG A 61 -9.17 6.97 -5.43
C ARG A 61 -10.09 8.07 -4.97
N GLU A 62 -11.39 7.91 -5.23
CA GLU A 62 -12.37 8.89 -4.83
C GLU A 62 -12.39 9.03 -3.32
N LEU A 63 -12.35 7.90 -2.63
CA LEU A 63 -12.37 7.87 -1.19
C LEU A 63 -11.14 8.62 -0.64
N TYR A 64 -10.00 8.37 -1.26
CA TYR A 64 -8.76 9.05 -0.90
C TYR A 64 -8.89 10.56 -1.12
N ASP A 65 -9.34 10.94 -2.32
CA ASP A 65 -9.48 12.34 -2.71
C ASP A 65 -10.49 13.08 -1.86
N LYS A 66 -11.57 12.43 -1.48
CA LYS A 66 -12.62 13.10 -0.70
C LYS A 66 -12.18 13.35 0.73
N GLY A 67 -11.69 12.32 1.41
CA GLY A 67 -11.29 12.51 2.80
C GLY A 67 -10.37 11.43 3.32
N GLY A 68 -9.32 11.13 2.59
CA GLY A 68 -8.37 10.15 3.07
C GLY A 68 -6.94 10.63 2.98
N GLU A 69 -6.69 11.61 2.12
CA GLU A 69 -5.34 12.11 1.84
C GLU A 69 -4.50 12.35 3.11
N GLN A 70 -4.96 13.26 3.95
CA GLN A 70 -4.21 13.64 5.15
C GLN A 70 -4.31 12.61 6.28
N ALA A 71 -5.23 11.68 6.15
CA ALA A 71 -5.39 10.64 7.15
C ALA A 71 -4.46 9.48 6.85
N ILE A 72 -4.18 9.31 5.58
CA ILE A 72 -3.33 8.25 5.11
C ILE A 72 -1.86 8.69 5.13
N LYS A 73 -1.22 8.53 6.28
CA LYS A 73 0.18 8.89 6.43
C LYS A 73 0.94 7.77 7.13
N GLU A 74 0.34 6.57 7.16
CA GLU A 74 0.91 5.42 7.87
C GLU A 74 0.85 5.65 9.38
N GLY A 75 -0.16 5.09 10.03
CA GLY A 75 -0.31 5.24 11.45
C GLY A 75 0.77 4.49 12.20
N GLY A 76 0.70 3.16 12.14
CA GLY A 76 1.69 2.32 12.80
C GLY A 76 1.46 2.16 14.29
N ALA A 77 0.51 2.92 14.81
CA ALA A 77 0.22 2.87 16.24
C ALA A 77 -0.79 1.78 16.57
N GLY A 78 -0.40 0.54 16.33
CA GLY A 78 -1.23 -0.61 16.69
C GLY A 78 -2.44 -0.80 15.79
N GLY A 79 -2.61 0.06 14.81
CA GLY A 79 -3.76 -0.01 13.95
C GLY A 79 -3.49 -0.68 12.62
N GLY A 80 -3.59 -2.01 12.59
CA GLY A 80 -3.44 -2.76 11.34
C GLY A 80 -2.12 -2.50 10.63
N PHE A 81 -1.06 -2.34 11.39
CA PHE A 81 0.24 -2.05 10.82
C PHE A 81 0.80 -3.28 10.09
N GLY A 82 1.27 -3.06 8.87
CA GLY A 82 1.80 -4.13 8.09
C GLY A 82 2.92 -3.69 7.19
N SER A 83 2.92 -4.17 5.96
CA SER A 83 3.92 -3.80 4.98
C SER A 83 3.46 -2.55 4.20
N PRO A 84 4.31 -1.98 3.31
CA PRO A 84 3.95 -0.75 2.56
C PRO A 84 2.67 -0.93 1.74
N MET A 85 2.50 -2.12 1.19
CA MET A 85 1.33 -2.43 0.38
C MET A 85 0.09 -2.70 1.24
N ASP A 86 0.29 -3.24 2.45
CA ASP A 86 -0.82 -3.51 3.38
C ASP A 86 -1.48 -2.23 3.84
N ILE A 87 -0.80 -1.10 3.65
CA ILE A 87 -1.28 0.20 4.12
C ILE A 87 -2.67 0.49 3.58
N PHE A 88 -2.88 0.25 2.31
CA PHE A 88 -4.19 0.49 1.69
C PHE A 88 -5.26 -0.46 2.23
N ASP A 89 -4.90 -1.71 2.47
CA ASP A 89 -5.85 -2.69 2.97
C ASP A 89 -6.36 -2.25 4.33
N MET A 90 -5.44 -1.70 5.10
CA MET A 90 -5.75 -1.23 6.44
C MET A 90 -6.66 0.01 6.44
N PHE A 91 -6.25 1.04 5.71
CA PHE A 91 -7.00 2.29 5.67
C PHE A 91 -8.34 2.10 4.99
N PHE A 92 -8.36 1.28 3.98
CA PHE A 92 -9.57 1.00 3.25
C PHE A 92 -10.19 -0.29 3.80
N GLY A 93 -9.74 -0.68 4.99
CA GLY A 93 -10.21 -1.90 5.61
C GLY A 93 -10.69 -1.70 7.03
N GLY A 94 -11.17 -0.50 7.34
CA GLY A 94 -11.67 -0.19 8.68
C GLY A 94 -12.98 -0.89 9.02
N GLY A 95 -13.01 -2.19 8.83
CA GLY A 95 -14.17 -2.97 9.13
C GLY A 95 -13.83 -4.44 9.27
N GLY A 96 -13.30 -4.79 10.44
CA GLY A 96 -12.96 -6.17 10.74
C GLY A 96 -11.61 -6.61 10.17
N ARG A 97 -11.36 -6.27 8.91
CA ARG A 97 -10.14 -6.70 8.23
C ARG A 97 -8.91 -5.93 8.70
N MET A 98 -9.13 -4.75 9.30
CA MET A 98 -8.01 -3.93 9.78
C MET A 98 -7.45 -4.47 11.09
N GLN A 99 -8.15 -5.44 11.67
CA GLN A 99 -7.70 -6.07 12.91
C GLN A 99 -6.97 -7.38 12.60
N ARG A 100 -6.82 -7.65 11.32
CA ARG A 100 -6.10 -8.82 10.85
C ARG A 100 -4.60 -8.57 10.97
N GLU A 101 -3.85 -9.54 10.54
CA GLU A 101 -2.43 -9.44 10.54
C GLU A 101 -1.97 -9.29 9.10
N ARG A 102 -0.84 -8.63 8.91
CA ARG A 102 -0.34 -8.31 7.58
C ARG A 102 -0.12 -9.52 6.72
N ARG A 103 -0.21 -9.31 5.42
CA ARG A 103 -0.03 -10.35 4.45
C ARG A 103 1.42 -10.81 4.45
N GLY A 104 1.64 -12.09 4.71
CA GLY A 104 2.99 -12.60 4.72
C GLY A 104 3.68 -12.41 6.07
N LYS A 105 2.89 -12.22 7.11
CA LYS A 105 3.45 -12.02 8.46
C LYS A 105 4.18 -13.27 8.92
N ASN A 106 5.37 -13.08 9.48
CA ASN A 106 6.19 -14.19 9.94
C ASN A 106 5.80 -14.58 11.36
N VAL A 107 6.08 -13.70 12.30
CA VAL A 107 5.78 -13.93 13.69
C VAL A 107 4.88 -12.85 14.24
N VAL A 10 7.53 5.52 4.61
CA VAL A 10 7.86 4.26 3.93
C VAL A 10 7.90 4.43 2.40
N LEU A 11 6.98 5.22 1.83
CA LEU A 11 6.95 5.42 0.38
C LEU A 11 7.91 6.52 -0.06
N GLY A 12 8.30 7.39 0.88
CA GLY A 12 9.24 8.46 0.57
C GLY A 12 8.62 9.57 -0.27
N VAL A 13 7.31 9.75 -0.13
CA VAL A 13 6.61 10.77 -0.91
C VAL A 13 5.95 11.79 0.01
N LYS A 14 5.61 12.94 -0.55
CA LYS A 14 4.94 14.00 0.19
C LYS A 14 3.43 13.80 0.10
N PRO A 15 2.68 14.23 1.13
CA PRO A 15 1.21 14.12 1.13
C PRO A 15 0.58 15.18 0.23
N ASN A 16 1.43 16.06 -0.31
CA ASN A 16 0.98 17.12 -1.20
C ASN A 16 1.06 16.65 -2.65
N ALA A 17 1.39 15.37 -2.82
CA ALA A 17 1.50 14.78 -4.14
C ALA A 17 0.20 14.09 -4.52
N THR A 18 -0.10 14.08 -5.79
CA THR A 18 -1.33 13.48 -6.27
C THR A 18 -1.25 11.95 -6.35
N GLN A 19 -2.40 11.33 -6.58
CA GLN A 19 -2.53 9.88 -6.67
C GLN A 19 -1.67 9.33 -7.81
N GLU A 20 -1.51 10.13 -8.86
CA GLU A 20 -0.68 9.76 -9.99
C GLU A 20 0.75 9.45 -9.57
N GLU A 21 1.25 10.23 -8.61
CA GLU A 21 2.61 10.04 -8.13
C GLU A 21 2.74 8.70 -7.45
N LEU A 22 1.74 8.38 -6.66
CA LEU A 22 1.73 7.13 -5.93
C LEU A 22 1.67 5.95 -6.91
N LYS A 23 0.89 6.13 -7.96
CA LYS A 23 0.72 5.16 -9.02
C LYS A 23 2.09 4.87 -9.64
N LYS A 24 2.82 5.94 -9.81
CA LYS A 24 4.18 5.92 -10.31
C LYS A 24 5.13 5.17 -9.36
N ALA A 25 4.99 5.42 -8.06
CA ALA A 25 5.80 4.79 -7.03
C ALA A 25 5.73 3.27 -7.11
N TYR A 26 4.52 2.74 -7.12
CA TYR A 26 4.31 1.29 -7.21
C TYR A 26 4.94 0.72 -8.47
N ARG A 27 4.83 1.44 -9.58
CA ARG A 27 5.38 0.97 -10.85
C ARG A 27 6.86 0.80 -10.74
N LYS A 28 7.50 1.81 -10.17
CA LYS A 28 8.92 1.77 -9.91
C LYS A 28 9.26 0.69 -8.92
N LEU A 29 8.39 0.51 -7.94
CA LEU A 29 8.56 -0.52 -6.93
C LEU A 29 8.55 -1.90 -7.56
N ALA A 30 7.60 -2.12 -8.44
CA ALA A 30 7.49 -3.38 -9.13
C ALA A 30 8.73 -3.64 -9.98
N LEU A 31 9.18 -2.61 -10.65
CA LEU A 31 10.37 -2.68 -11.48
C LEU A 31 11.60 -2.97 -10.62
N LYS A 32 11.70 -2.27 -9.50
CA LYS A 32 12.85 -2.40 -8.62
C LYS A 32 12.85 -3.75 -7.86
N TYR A 33 11.66 -4.21 -7.48
CA TYR A 33 11.52 -5.46 -6.75
C TYR A 33 11.30 -6.66 -7.64
N HIS A 34 11.54 -6.49 -8.95
CA HIS A 34 11.42 -7.60 -9.90
C HIS A 34 12.26 -8.78 -9.40
N PRO A 35 11.60 -9.81 -8.88
CA PRO A 35 12.29 -10.91 -8.22
C PRO A 35 12.90 -11.97 -9.12
N ASP A 36 12.11 -12.47 -10.09
CA ASP A 36 12.49 -13.66 -10.89
C ASP A 36 12.64 -14.85 -9.94
N LYS A 37 12.04 -14.68 -8.76
CA LYS A 37 12.09 -15.64 -7.67
C LYS A 37 10.66 -15.86 -7.18
N ASN A 38 9.74 -15.96 -8.16
CA ASN A 38 8.28 -16.09 -7.95
C ASN A 38 7.86 -16.91 -6.71
N PRO A 39 8.43 -18.13 -6.48
CA PRO A 39 8.06 -18.94 -5.32
C PRO A 39 8.15 -18.19 -3.98
N ASN A 40 9.18 -17.37 -3.82
CA ASN A 40 9.38 -16.65 -2.57
C ASN A 40 9.08 -15.16 -2.68
N GLU A 41 9.75 -14.49 -3.60
CA GLU A 41 9.60 -13.04 -3.75
C GLU A 41 8.48 -12.68 -4.72
N GLY A 42 7.79 -13.68 -5.22
CA GLY A 42 6.70 -13.43 -6.15
C GLY A 42 5.55 -12.74 -5.47
N GLU A 43 5.26 -13.17 -4.24
CA GLU A 43 4.19 -12.58 -3.46
C GLU A 43 4.49 -11.11 -3.15
N LYS A 44 5.78 -10.79 -3.01
CA LYS A 44 6.18 -9.41 -2.76
C LYS A 44 5.75 -8.53 -3.93
N PHE A 45 6.04 -9.00 -5.14
CA PHE A 45 5.59 -8.34 -6.37
C PHE A 45 4.09 -8.22 -6.38
N LYS A 46 3.46 -9.34 -6.09
CA LYS A 46 2.02 -9.44 -6.07
C LYS A 46 1.40 -8.40 -5.15
N GLN A 47 2.02 -8.18 -4.01
CA GLN A 47 1.54 -7.17 -3.07
C GLN A 47 1.50 -5.80 -3.72
N ILE A 48 2.61 -5.40 -4.36
CA ILE A 48 2.65 -4.11 -5.06
C ILE A 48 1.67 -4.11 -6.22
N SER A 49 1.65 -5.19 -6.99
CA SER A 49 0.81 -5.24 -8.18
C SER A 49 -0.66 -5.01 -7.85
N GLN A 50 -1.16 -5.78 -6.92
CA GLN A 50 -2.55 -5.71 -6.51
C GLN A 50 -2.86 -4.40 -5.79
N ALA A 51 -1.94 -3.97 -4.92
CA ALA A 51 -2.14 -2.71 -4.19
C ALA A 51 -2.18 -1.57 -5.16
N TYR A 52 -1.29 -1.63 -6.12
CA TYR A 52 -1.24 -0.68 -7.22
C TYR A 52 -2.55 -0.66 -7.96
N GLU A 53 -3.00 -1.85 -8.31
CA GLU A 53 -4.26 -2.02 -9.02
C GLU A 53 -5.42 -1.44 -8.23
N VAL A 54 -5.40 -1.63 -6.92
CA VAL A 54 -6.40 -1.08 -6.03
C VAL A 54 -6.31 0.46 -6.01
N LEU A 55 -5.10 0.96 -5.97
CA LEU A 55 -4.87 2.42 -5.99
C LEU A 55 -5.41 2.98 -7.27
N SER A 56 -5.09 2.31 -8.33
CA SER A 56 -5.54 2.70 -9.63
C SER A 56 -7.03 2.40 -9.85
N ASP A 57 -7.70 1.92 -8.79
CA ASP A 57 -9.14 1.66 -8.86
C ASP A 57 -9.91 2.98 -8.67
N ALA A 58 -10.99 3.13 -9.40
CA ALA A 58 -11.79 4.37 -9.38
C ALA A 58 -12.26 4.79 -7.98
N LYS A 59 -12.88 3.86 -7.27
CA LYS A 59 -13.45 4.19 -5.95
C LYS A 59 -12.42 4.39 -4.89
N LYS A 60 -11.36 3.65 -4.97
CA LYS A 60 -10.32 3.74 -3.97
C LYS A 60 -9.70 5.12 -4.01
N ARG A 61 -9.56 5.66 -5.22
CA ARG A 61 -9.08 7.01 -5.39
C ARG A 61 -10.05 8.03 -4.81
N GLU A 62 -11.35 7.84 -5.06
CA GLU A 62 -12.37 8.72 -4.48
C GLU A 62 -12.30 8.66 -2.95
N LEU A 63 -12.12 7.45 -2.45
CA LEU A 63 -11.98 7.20 -1.03
C LEU A 63 -10.74 7.89 -0.47
N TYR A 64 -9.65 7.85 -1.22
CA TYR A 64 -8.41 8.53 -0.81
C TYR A 64 -8.62 10.04 -0.69
N ASP A 65 -9.21 10.63 -1.72
CA ASP A 65 -9.43 12.08 -1.75
C ASP A 65 -10.36 12.53 -0.64
N LYS A 66 -11.46 11.82 -0.52
CA LYS A 66 -12.51 12.20 0.43
C LYS A 66 -12.21 11.69 1.85
N GLY A 67 -11.27 10.77 1.96
CA GLY A 67 -10.95 10.20 3.26
C GLY A 67 -9.88 10.98 4.00
N GLY A 68 -9.11 11.77 3.28
CA GLY A 68 -8.07 12.54 3.92
C GLY A 68 -6.69 12.23 3.37
N GLU A 69 -6.43 12.67 2.16
CA GLU A 69 -5.15 12.46 1.48
C GLU A 69 -3.95 12.89 2.36
N GLN A 70 -4.08 14.03 3.03
CA GLN A 70 -3.00 14.54 3.87
C GLN A 70 -2.98 13.83 5.23
N ALA A 71 -4.11 13.25 5.60
CA ALA A 71 -4.25 12.56 6.87
C ALA A 71 -3.80 11.11 6.77
N ILE A 72 -3.55 10.64 5.56
CA ILE A 72 -3.14 9.27 5.32
C ILE A 72 -1.61 9.10 5.53
N LYS A 73 -0.91 10.20 5.72
CA LYS A 73 0.50 10.12 6.01
C LYS A 73 0.76 10.59 7.44
N GLU A 74 0.53 9.69 8.39
CA GLU A 74 0.76 9.98 9.79
C GLU A 74 1.50 8.83 10.45
N GLY A 75 1.70 8.92 11.75
CA GLY A 75 2.34 7.85 12.48
C GLY A 75 1.51 6.58 12.50
N GLY A 76 0.20 6.74 12.57
CA GLY A 76 -0.69 5.59 12.59
C GLY A 76 -0.71 4.91 13.93
N ALA A 77 -0.68 5.71 14.99
CA ALA A 77 -0.66 5.18 16.35
C ALA A 77 -1.87 4.30 16.64
N GLY A 78 -1.62 2.99 16.72
CA GLY A 78 -2.68 2.04 16.99
C GLY A 78 -3.55 1.79 15.78
N GLY A 79 -3.08 2.21 14.61
CA GLY A 79 -3.86 2.06 13.40
C GLY A 79 -3.52 0.79 12.64
N GLY A 80 -2.34 0.26 12.86
CA GLY A 80 -1.91 -0.94 12.17
C GLY A 80 -0.96 -0.66 11.03
N PHE A 81 -0.08 0.33 11.23
CA PHE A 81 0.89 0.70 10.20
C PHE A 81 1.78 -0.49 9.83
N GLY A 82 1.90 -0.75 8.54
CA GLY A 82 2.62 -1.91 8.09
C GLY A 82 3.49 -1.68 6.88
N SER A 83 3.38 -2.58 5.92
CA SER A 83 4.17 -2.55 4.71
C SER A 83 3.63 -1.48 3.73
N PRO A 84 4.41 -1.11 2.67
CA PRO A 84 4.01 -0.06 1.71
C PRO A 84 2.65 -0.34 1.05
N MET A 85 2.45 -1.58 0.66
CA MET A 85 1.22 -1.98 0.00
C MET A 85 0.16 -2.41 1.02
N ASP A 86 0.66 -2.88 2.15
CA ASP A 86 -0.15 -3.37 3.29
C ASP A 86 -1.02 -2.25 3.87
N ILE A 87 -0.73 -1.01 3.51
CA ILE A 87 -1.46 0.14 4.01
C ILE A 87 -2.95 0.01 3.70
N PHE A 88 -3.29 -0.41 2.49
CA PHE A 88 -4.68 -0.61 2.13
C PHE A 88 -5.30 -1.75 2.92
N ASP A 89 -4.53 -2.80 3.17
CA ASP A 89 -5.06 -3.93 3.94
C ASP A 89 -5.43 -3.46 5.33
N MET A 90 -4.66 -2.50 5.84
CA MET A 90 -4.97 -1.87 7.11
C MET A 90 -6.31 -1.11 7.05
N PHE A 91 -6.46 -0.27 6.02
CA PHE A 91 -7.67 0.54 5.85
C PHE A 91 -8.90 -0.31 5.57
N PHE A 92 -8.73 -1.33 4.80
CA PHE A 92 -9.83 -2.20 4.46
C PHE A 92 -9.78 -3.43 5.36
N GLY A 93 -9.01 -3.33 6.43
CA GLY A 93 -8.84 -4.44 7.34
C GLY A 93 -9.85 -4.46 8.46
N GLY A 94 -10.85 -3.59 8.37
CA GLY A 94 -11.87 -3.50 9.41
C GLY A 94 -12.76 -4.73 9.45
N GLY A 95 -12.55 -5.63 8.51
CA GLY A 95 -13.32 -6.85 8.47
C GLY A 95 -12.63 -8.00 9.19
N GLY A 96 -11.99 -7.71 10.30
CA GLY A 96 -11.35 -8.74 11.08
C GLY A 96 -9.88 -8.92 10.75
N ARG A 97 -9.40 -8.20 9.74
CA ARG A 97 -7.98 -8.32 9.34
C ARG A 97 -7.07 -7.53 10.27
N MET A 98 -7.66 -6.72 11.12
CA MET A 98 -6.92 -5.91 12.09
C MET A 98 -6.13 -6.78 13.06
N GLN A 99 -6.56 -8.02 13.20
CA GLN A 99 -5.94 -8.95 14.13
C GLN A 99 -4.84 -9.76 13.43
N ARG A 100 -4.62 -9.48 12.16
CA ARG A 100 -3.64 -10.22 11.32
C ARG A 100 -2.25 -9.60 11.38
N GLU A 101 -1.28 -10.33 10.87
CA GLU A 101 0.09 -9.87 10.81
C GLU A 101 0.51 -9.61 9.37
N ARG A 102 1.80 -9.37 9.17
CA ARG A 102 2.32 -9.05 7.86
C ARG A 102 3.48 -9.95 7.51
N ARG A 103 3.54 -10.41 6.27
CA ARG A 103 4.69 -11.19 5.85
C ARG A 103 5.90 -10.28 5.75
N GLY A 104 6.93 -10.58 6.50
CA GLY A 104 8.08 -9.72 6.55
C GLY A 104 8.06 -8.83 7.77
N LYS A 105 7.09 -9.08 8.66
CA LYS A 105 6.98 -8.35 9.93
C LYS A 105 8.29 -8.52 10.74
N ASN A 106 9.06 -7.43 10.83
CA ASN A 106 10.41 -7.46 11.44
C ASN A 106 10.39 -7.88 12.91
N VAL A 107 9.43 -7.37 13.64
CA VAL A 107 9.32 -7.69 15.04
C VAL A 107 7.97 -8.38 15.33
N VAL A 10 7.87 6.11 4.21
CA VAL A 10 7.59 4.88 3.46
C VAL A 10 7.84 5.09 1.96
N LEU A 11 6.91 5.75 1.27
CA LEU A 11 7.06 6.02 -0.15
C LEU A 11 7.80 7.34 -0.39
N GLY A 12 7.94 8.14 0.66
CA GLY A 12 8.61 9.41 0.52
C GLY A 12 7.68 10.46 -0.07
N VAL A 13 6.40 10.33 0.19
CA VAL A 13 5.40 11.23 -0.35
C VAL A 13 4.65 11.95 0.77
N LYS A 14 4.08 13.11 0.45
CA LYS A 14 3.33 13.91 1.39
C LYS A 14 1.81 13.65 1.23
N PRO A 15 0.99 13.88 2.31
CA PRO A 15 -0.46 13.59 2.29
C PRO A 15 -1.25 14.48 1.33
N ASN A 16 -0.71 15.64 0.99
CA ASN A 16 -1.39 16.56 0.09
C ASN A 16 -0.96 16.35 -1.35
N ALA A 17 -0.24 15.26 -1.59
CA ALA A 17 0.19 14.91 -2.93
C ALA A 17 -0.90 14.12 -3.63
N THR A 18 -0.92 14.16 -4.94
CA THR A 18 -1.91 13.44 -5.70
C THR A 18 -1.54 11.96 -5.80
N GLN A 19 -2.53 11.16 -6.16
CA GLN A 19 -2.38 9.71 -6.26
C GLN A 19 -1.51 9.32 -7.46
N GLU A 20 -1.25 10.28 -8.35
CA GLU A 20 -0.38 10.08 -9.50
C GLU A 20 1.01 9.65 -9.04
N GLU A 21 1.49 10.29 -8.00
CA GLU A 21 2.80 10.01 -7.48
C GLU A 21 2.85 8.59 -6.94
N LEU A 22 1.81 8.22 -6.22
CA LEU A 22 1.74 6.89 -5.64
C LEU A 22 1.73 5.84 -6.73
N LYS A 23 0.96 6.12 -7.76
CA LYS A 23 0.84 5.26 -8.92
C LYS A 23 2.20 5.07 -9.57
N LYS A 24 2.92 6.17 -9.67
CA LYS A 24 4.26 6.22 -10.24
C LYS A 24 5.24 5.42 -9.36
N ALA A 25 5.11 5.58 -8.04
CA ALA A 25 5.95 4.92 -7.06
C ALA A 25 5.90 3.42 -7.24
N TYR A 26 4.69 2.85 -7.27
CA TYR A 26 4.53 1.40 -7.44
C TYR A 26 5.19 0.91 -8.73
N ARG A 27 5.11 1.73 -9.78
CA ARG A 27 5.71 1.37 -11.08
C ARG A 27 7.20 1.21 -10.94
N LYS A 28 7.83 2.21 -10.38
CA LYS A 28 9.26 2.19 -10.14
C LYS A 28 9.61 1.09 -9.16
N LEU A 29 8.80 0.99 -8.13
CA LEU A 29 9.00 0.05 -7.03
C LEU A 29 8.89 -1.42 -7.50
N ALA A 30 7.86 -1.72 -8.28
CA ALA A 30 7.65 -3.06 -8.85
C ALA A 30 8.80 -3.45 -9.75
N LEU A 31 9.23 -2.50 -10.56
CA LEU A 31 10.36 -2.70 -11.45
C LEU A 31 11.63 -2.94 -10.66
N LYS A 32 11.78 -2.20 -9.59
CA LYS A 32 12.92 -2.30 -8.69
C LYS A 32 12.98 -3.68 -8.02
N TYR A 33 11.85 -4.11 -7.49
CA TYR A 33 11.76 -5.40 -6.82
C TYR A 33 11.35 -6.52 -7.77
N HIS A 34 11.62 -6.35 -9.06
CA HIS A 34 11.31 -7.39 -10.03
C HIS A 34 12.18 -8.61 -9.72
N PRO A 35 11.58 -9.67 -9.16
CA PRO A 35 12.34 -10.83 -8.68
C PRO A 35 12.75 -11.83 -9.77
N ASP A 36 11.80 -12.16 -10.65
CA ASP A 36 11.97 -13.25 -11.64
C ASP A 36 12.17 -14.58 -10.91
N LYS A 37 11.76 -14.56 -9.65
CA LYS A 37 11.87 -15.70 -8.75
C LYS A 37 10.51 -15.94 -8.13
N ASN A 38 9.48 -15.79 -8.97
CA ASN A 38 8.04 -15.86 -8.61
C ASN A 38 7.71 -16.85 -7.45
N PRO A 39 8.20 -18.12 -7.48
CA PRO A 39 7.91 -19.09 -6.41
C PRO A 39 8.21 -18.56 -4.99
N ASN A 40 9.30 -17.83 -4.84
CA ASN A 40 9.69 -17.33 -3.51
C ASN A 40 9.46 -15.82 -3.35
N GLU A 41 10.07 -15.02 -4.24
CA GLU A 41 9.96 -13.56 -4.14
C GLU A 41 8.75 -13.03 -4.90
N GLY A 42 7.98 -13.93 -5.48
CA GLY A 42 6.81 -13.54 -6.23
C GLY A 42 5.73 -12.95 -5.35
N GLU A 43 5.64 -13.45 -4.12
CA GLU A 43 4.65 -12.97 -3.16
C GLU A 43 4.85 -11.48 -2.91
N LYS A 44 6.11 -11.05 -2.94
CA LYS A 44 6.45 -9.65 -2.75
C LYS A 44 5.83 -8.80 -3.86
N PHE A 45 6.04 -9.24 -5.10
CA PHE A 45 5.48 -8.58 -6.26
C PHE A 45 3.97 -8.58 -6.19
N LYS A 46 3.43 -9.72 -5.86
CA LYS A 46 1.97 -9.90 -5.78
C LYS A 46 1.35 -8.86 -4.86
N GLN A 47 1.99 -8.57 -3.74
CA GLN A 47 1.44 -7.59 -2.82
C GLN A 47 1.38 -6.21 -3.50
N ILE A 48 2.45 -5.83 -4.17
CA ILE A 48 2.51 -4.56 -4.93
C ILE A 48 1.51 -4.53 -6.06
N SER A 49 1.43 -5.62 -6.79
CA SER A 49 0.56 -5.66 -7.95
C SER A 49 -0.88 -5.37 -7.54
N GLN A 50 -1.36 -6.09 -6.57
CA GLN A 50 -2.69 -5.97 -6.08
C GLN A 50 -2.91 -4.62 -5.37
N ALA A 51 -1.91 -4.20 -4.57
CA ALA A 51 -2.01 -2.92 -3.85
C ALA A 51 -2.08 -1.78 -4.84
N TYR A 52 -1.27 -1.86 -5.87
CA TYR A 52 -1.28 -0.93 -6.97
C TYR A 52 -2.63 -0.91 -7.65
N GLU A 53 -3.12 -2.09 -7.93
CA GLU A 53 -4.41 -2.28 -8.57
C GLU A 53 -5.54 -1.66 -7.74
N VAL A 54 -5.43 -1.77 -6.42
CA VAL A 54 -6.38 -1.15 -5.52
C VAL A 54 -6.28 0.37 -5.62
N LEU A 55 -5.06 0.86 -5.71
CA LEU A 55 -4.82 2.29 -5.86
C LEU A 55 -5.41 2.78 -7.15
N SER A 56 -5.21 2.00 -8.19
CA SER A 56 -5.75 2.31 -9.50
C SER A 56 -7.26 2.06 -9.54
N ASP A 57 -7.82 1.60 -8.43
CA ASP A 57 -9.27 1.31 -8.35
C ASP A 57 -10.06 2.60 -8.23
N ALA A 58 -11.19 2.65 -8.91
CA ALA A 58 -12.03 3.86 -8.95
C ALA A 58 -12.43 4.39 -7.57
N LYS A 59 -12.96 3.52 -6.72
CA LYS A 59 -13.49 3.96 -5.42
C LYS A 59 -12.41 4.38 -4.48
N LYS A 60 -11.30 3.67 -4.51
CA LYS A 60 -10.22 3.96 -3.59
C LYS A 60 -9.67 5.36 -3.87
N ARG A 61 -9.54 5.69 -5.14
CA ARG A 61 -9.11 7.01 -5.55
C ARG A 61 -10.11 8.07 -5.16
N GLU A 62 -11.39 7.79 -5.37
CA GLU A 62 -12.44 8.72 -4.99
C GLU A 62 -12.44 8.97 -3.51
N LEU A 63 -12.33 7.90 -2.74
CA LEU A 63 -12.36 7.99 -1.29
C LEU A 63 -11.18 8.82 -0.75
N TYR A 64 -9.99 8.60 -1.30
CA TYR A 64 -8.80 9.35 -0.91
C TYR A 64 -8.99 10.84 -1.19
N ASP A 65 -9.45 11.16 -2.40
CA ASP A 65 -9.68 12.55 -2.81
C ASP A 65 -10.79 13.20 -2.01
N LYS A 66 -11.84 12.46 -1.75
CA LYS A 66 -12.99 12.98 -1.06
C LYS A 66 -12.71 13.26 0.42
N GLY A 67 -12.07 12.33 1.12
CA GLY A 67 -11.82 12.55 2.53
C GLY A 67 -10.72 11.71 3.13
N GLY A 68 -9.76 11.29 2.34
CA GLY A 68 -8.70 10.47 2.90
C GLY A 68 -7.38 11.21 3.03
N GLU A 69 -7.21 12.25 2.23
CA GLU A 69 -5.96 13.02 2.14
C GLU A 69 -5.34 13.32 3.52
N GLN A 70 -6.07 14.04 4.35
CA GLN A 70 -5.55 14.51 5.63
C GLN A 70 -5.59 13.44 6.73
N ALA A 71 -6.37 12.41 6.53
CA ALA A 71 -6.44 11.34 7.51
C ALA A 71 -5.27 10.39 7.30
N ILE A 72 -4.68 10.50 6.13
CA ILE A 72 -3.56 9.68 5.73
C ILE A 72 -2.24 10.45 5.95
N LYS A 73 -1.87 10.58 7.22
CA LYS A 73 -0.65 11.30 7.62
C LYS A 73 -0.20 10.81 9.00
N GLU A 74 0.83 11.48 9.54
CA GLU A 74 1.38 11.19 10.88
C GLU A 74 2.23 9.90 10.86
N GLY A 75 3.10 9.75 11.86
CA GLY A 75 3.97 8.58 11.94
C GLY A 75 3.21 7.29 12.10
N GLY A 76 2.09 7.36 12.81
CA GLY A 76 1.26 6.21 12.99
C GLY A 76 1.77 5.26 14.07
N ALA A 77 2.36 5.83 15.12
CA ALA A 77 2.84 5.02 16.22
C ALA A 77 1.69 4.30 16.89
N GLY A 78 1.58 3.00 16.65
CA GLY A 78 0.49 2.24 17.22
C GLY A 78 -0.68 2.10 16.25
N GLY A 79 -0.45 2.41 15.00
CA GLY A 79 -1.49 2.33 13.99
C GLY A 79 -1.50 0.98 13.28
N GLY A 80 -0.34 0.58 12.77
CA GLY A 80 -0.25 -0.68 12.05
C GLY A 80 0.45 -0.56 10.73
N PHE A 81 1.53 0.20 10.70
CA PHE A 81 2.32 0.39 9.48
C PHE A 81 3.33 -0.73 9.27
N GLY A 82 3.94 -0.77 8.10
CA GLY A 82 4.91 -1.79 7.79
C GLY A 82 5.63 -1.51 6.48
N SER A 83 5.27 -2.24 5.45
CA SER A 83 5.86 -2.07 4.15
C SER A 83 4.95 -1.14 3.27
N PRO A 84 5.35 -0.79 2.01
CA PRO A 84 4.59 0.13 1.16
C PRO A 84 3.15 -0.32 0.90
N MET A 85 2.95 -1.61 0.67
CA MET A 85 1.62 -2.11 0.36
C MET A 85 0.82 -2.41 1.62
N ASP A 86 1.53 -2.53 2.75
CA ASP A 86 0.90 -2.75 4.06
C ASP A 86 0.00 -1.58 4.42
N ILE A 87 0.27 -0.42 3.82
CA ILE A 87 -0.49 0.79 4.09
C ILE A 87 -1.98 0.57 3.79
N PHE A 88 -2.29 0.09 2.59
CA PHE A 88 -3.67 -0.17 2.22
C PHE A 88 -4.19 -1.38 2.97
N ASP A 89 -3.30 -2.32 3.23
CA ASP A 89 -3.64 -3.54 3.97
C ASP A 89 -4.19 -3.17 5.32
N MET A 90 -3.63 -2.13 5.89
CA MET A 90 -4.07 -1.64 7.17
C MET A 90 -5.45 -1.00 7.08
N PHE A 91 -5.62 -0.14 6.09
CA PHE A 91 -6.89 0.58 5.90
C PHE A 91 -8.03 -0.34 5.56
N PHE A 92 -7.73 -1.36 4.79
CA PHE A 92 -8.73 -2.33 4.40
C PHE A 92 -8.54 -3.59 5.22
N GLY A 93 -7.93 -3.43 6.39
CA GLY A 93 -7.65 -4.57 7.23
C GLY A 93 -8.81 -5.00 8.11
N GLY A 94 -9.84 -4.18 8.21
CA GLY A 94 -10.96 -4.48 9.09
C GLY A 94 -11.79 -5.67 8.65
N GLY A 95 -11.61 -6.10 7.41
CA GLY A 95 -12.39 -7.20 6.92
C GLY A 95 -11.61 -8.50 6.84
N GLY A 96 -11.33 -9.09 8.00
CA GLY A 96 -10.62 -10.36 8.05
C GLY A 96 -9.17 -10.26 7.61
N ARG A 97 -8.60 -9.08 7.70
CA ARG A 97 -7.23 -8.87 7.30
C ARG A 97 -6.39 -8.32 8.48
N MET A 98 -7.05 -8.12 9.61
CA MET A 98 -6.39 -7.69 10.86
C MET A 98 -5.50 -8.81 11.35
N GLN A 99 -5.82 -10.01 10.91
CA GLN A 99 -5.11 -11.20 11.29
C GLN A 99 -3.87 -11.39 10.41
N ARG A 100 -3.72 -10.53 9.41
CA ARG A 100 -2.56 -10.54 8.56
C ARG A 100 -1.47 -9.65 9.13
N GLU A 101 -0.26 -10.15 9.13
CA GLU A 101 0.85 -9.45 9.68
C GLU A 101 1.56 -8.67 8.61
N ARG A 102 2.26 -7.65 9.04
CA ARG A 102 2.95 -6.75 8.14
C ARG A 102 4.10 -7.46 7.46
N ARG A 103 4.34 -7.08 6.23
CA ARG A 103 5.33 -7.74 5.41
C ARG A 103 6.74 -7.46 5.92
N GLY A 104 7.31 -8.44 6.61
CA GLY A 104 8.63 -8.29 7.18
C GLY A 104 8.58 -8.05 8.68
N LYS A 105 7.38 -8.15 9.25
CA LYS A 105 7.17 -7.95 10.69
C LYS A 105 7.93 -9.00 11.51
N ASN A 106 7.34 -10.18 11.60
CA ASN A 106 7.92 -11.28 12.38
C ASN A 106 8.72 -12.22 11.50
N VAL A 107 8.76 -11.89 10.19
CA VAL A 107 9.51 -12.64 9.14
C VAL A 107 9.49 -14.17 9.32
N VAL A 10 7.76 7.33 4.39
CA VAL A 10 8.01 6.01 3.79
C VAL A 10 7.94 6.03 2.24
N LEU A 11 6.83 6.51 1.68
CA LEU A 11 6.69 6.55 0.22
C LEU A 11 7.30 7.82 -0.36
N GLY A 12 7.48 8.83 0.50
CA GLY A 12 8.08 10.09 0.05
C GLY A 12 7.15 10.92 -0.80
N VAL A 13 6.01 11.28 -0.24
CA VAL A 13 5.03 12.07 -0.97
C VAL A 13 4.39 13.12 -0.05
N LYS A 14 4.07 14.27 -0.62
CA LYS A 14 3.42 15.35 0.12
C LYS A 14 1.90 15.28 -0.06
N PRO A 15 1.12 15.86 0.88
CA PRO A 15 -0.35 15.85 0.81
C PRO A 15 -0.89 16.65 -0.37
N ASN A 16 -0.06 17.51 -0.94
CA ASN A 16 -0.47 18.34 -2.07
C ASN A 16 -0.23 17.60 -3.40
N ALA A 17 0.30 16.38 -3.30
CA ALA A 17 0.55 15.56 -4.48
C ALA A 17 -0.54 14.51 -4.63
N THR A 18 -0.96 14.28 -5.86
CA THR A 18 -2.00 13.32 -6.13
C THR A 18 -1.47 11.88 -6.15
N GLN A 19 -2.38 10.92 -6.17
CA GLN A 19 -2.03 9.50 -6.16
C GLN A 19 -1.24 9.09 -7.41
N GLU A 20 -1.23 9.96 -8.43
CA GLU A 20 -0.52 9.67 -9.69
C GLU A 20 0.95 9.38 -9.43
N GLU A 21 1.54 10.12 -8.52
CA GLU A 21 2.94 9.94 -8.19
C GLU A 21 3.16 8.57 -7.57
N LEU A 22 2.26 8.22 -6.68
CA LEU A 22 2.32 6.94 -5.99
C LEU A 22 2.17 5.81 -6.98
N LYS A 23 1.28 6.01 -7.94
CA LYS A 23 1.00 5.06 -8.99
C LYS A 23 2.31 4.75 -9.72
N LYS A 24 3.07 5.79 -9.97
CA LYS A 24 4.40 5.72 -10.56
C LYS A 24 5.40 5.02 -9.59
N ALA A 25 5.31 5.39 -8.31
CA ALA A 25 6.18 4.84 -7.26
C ALA A 25 6.10 3.32 -7.21
N TYR A 26 4.88 2.79 -7.16
CA TYR A 26 4.68 1.35 -7.17
C TYR A 26 5.27 0.71 -8.42
N ARG A 27 5.19 1.42 -9.54
CA ARG A 27 5.70 0.93 -10.82
C ARG A 27 7.18 0.72 -10.72
N LYS A 28 7.87 1.77 -10.27
CA LYS A 28 9.29 1.72 -10.11
C LYS A 28 9.68 0.70 -9.07
N LEU A 29 8.89 0.62 -8.01
CA LEU A 29 9.13 -0.32 -6.94
C LEU A 29 9.04 -1.76 -7.48
N ALA A 30 7.95 -2.03 -8.21
CA ALA A 30 7.71 -3.33 -8.82
C ALA A 30 8.80 -3.70 -9.80
N LEU A 31 9.17 -2.74 -10.65
CA LEU A 31 10.23 -2.94 -11.63
C LEU A 31 11.56 -3.21 -10.95
N LYS A 32 11.79 -2.48 -9.87
CA LYS A 32 13.00 -2.60 -9.08
C LYS A 32 13.08 -4.00 -8.47
N TYR A 33 11.97 -4.44 -7.91
CA TYR A 33 11.89 -5.74 -7.24
C TYR A 33 11.48 -6.87 -8.18
N HIS A 34 11.51 -6.62 -9.50
CA HIS A 34 11.12 -7.67 -10.49
C HIS A 34 11.83 -8.99 -10.18
N PRO A 35 11.08 -9.95 -9.64
CA PRO A 35 11.65 -11.19 -9.15
C PRO A 35 11.94 -12.24 -10.22
N ASP A 36 11.05 -12.35 -11.22
CA ASP A 36 11.09 -13.45 -12.26
C ASP A 36 11.17 -14.82 -11.57
N LYS A 37 10.86 -14.82 -10.29
CA LYS A 37 10.93 -15.98 -9.43
C LYS A 37 9.65 -16.07 -8.62
N ASN A 38 8.52 -15.82 -9.30
CA ASN A 38 7.15 -15.79 -8.71
C ASN A 38 6.94 -16.72 -7.48
N PRO A 39 7.34 -18.02 -7.53
CA PRO A 39 7.16 -18.93 -6.40
C PRO A 39 7.75 -18.40 -5.09
N ASN A 40 8.90 -17.72 -5.15
CA ASN A 40 9.54 -17.26 -3.93
C ASN A 40 9.37 -15.75 -3.70
N GLU A 41 9.86 -14.93 -4.64
CA GLU A 41 9.78 -13.46 -4.49
C GLU A 41 8.57 -12.89 -5.20
N GLY A 42 7.74 -13.77 -5.75
CA GLY A 42 6.55 -13.33 -6.44
C GLY A 42 5.58 -12.68 -5.49
N GLU A 43 5.58 -13.16 -4.26
CA GLU A 43 4.72 -12.63 -3.22
C GLU A 43 4.99 -11.14 -3.00
N LYS A 44 6.26 -10.77 -3.05
CA LYS A 44 6.66 -9.37 -2.86
C LYS A 44 6.02 -8.52 -3.95
N PHE A 45 6.14 -8.98 -5.19
CA PHE A 45 5.51 -8.33 -6.32
C PHE A 45 4.03 -8.26 -6.13
N LYS A 46 3.45 -9.39 -5.77
CA LYS A 46 2.01 -9.50 -5.59
C LYS A 46 1.48 -8.46 -4.62
N GLN A 47 2.18 -8.27 -3.51
CA GLN A 47 1.73 -7.32 -2.53
C GLN A 47 1.69 -5.91 -3.12
N ILE A 48 2.75 -5.52 -3.82
CA ILE A 48 2.78 -4.23 -4.52
C ILE A 48 1.76 -4.17 -5.63
N SER A 49 1.63 -5.23 -6.41
CA SER A 49 0.71 -5.24 -7.52
C SER A 49 -0.69 -4.95 -7.07
N GLN A 50 -1.16 -5.72 -6.13
CA GLN A 50 -2.51 -5.58 -5.59
C GLN A 50 -2.68 -4.25 -4.86
N ALA A 51 -1.65 -3.84 -4.12
CA ALA A 51 -1.66 -2.56 -3.43
C ALA A 51 -1.82 -1.44 -4.46
N TYR A 52 -1.04 -1.54 -5.51
CA TYR A 52 -1.10 -0.65 -6.65
C TYR A 52 -2.47 -0.66 -7.28
N GLU A 53 -2.97 -1.85 -7.50
CA GLU A 53 -4.28 -2.07 -8.11
C GLU A 53 -5.36 -1.30 -7.34
N VAL A 54 -5.28 -1.38 -6.02
CA VAL A 54 -6.21 -0.66 -5.13
C VAL A 54 -6.04 0.84 -5.28
N LEU A 55 -4.80 1.27 -5.33
CA LEU A 55 -4.47 2.68 -5.43
C LEU A 55 -5.01 3.25 -6.72
N SER A 56 -4.77 2.53 -7.75
CA SER A 56 -5.18 2.89 -9.06
C SER A 56 -6.66 2.63 -9.29
N ASP A 57 -7.34 2.11 -8.27
CA ASP A 57 -8.77 1.79 -8.43
C ASP A 57 -9.62 3.04 -8.30
N ALA A 58 -10.45 3.27 -9.32
CA ALA A 58 -11.31 4.46 -9.41
C ALA A 58 -12.10 4.73 -8.15
N LYS A 59 -12.76 3.72 -7.62
CA LYS A 59 -13.59 3.91 -6.42
C LYS A 59 -12.75 4.21 -5.22
N LYS A 60 -11.63 3.54 -5.10
CA LYS A 60 -10.74 3.78 -3.99
C LYS A 60 -10.21 5.20 -4.11
N ARG A 61 -9.98 5.63 -5.34
CA ARG A 61 -9.55 7.00 -5.65
C ARG A 61 -10.57 8.02 -5.18
N GLU A 62 -11.83 7.80 -5.55
CA GLU A 62 -12.92 8.70 -5.16
C GLU A 62 -13.05 8.75 -3.65
N LEU A 63 -13.01 7.58 -3.05
CA LEU A 63 -13.10 7.43 -1.62
C LEU A 63 -11.93 8.12 -0.92
N TYR A 64 -10.73 7.95 -1.47
CA TYR A 64 -9.52 8.60 -0.94
C TYR A 64 -9.62 10.11 -1.01
N ASP A 65 -9.98 10.63 -2.18
CA ASP A 65 -10.03 12.07 -2.41
C ASP A 65 -11.04 12.72 -1.47
N LYS A 66 -12.20 12.12 -1.37
CA LYS A 66 -13.28 12.64 -0.53
C LYS A 66 -13.10 12.26 0.94
N GLY A 67 -12.19 11.33 1.19
CA GLY A 67 -11.98 10.84 2.54
C GLY A 67 -10.97 11.65 3.32
N GLY A 68 -10.42 12.67 2.72
CA GLY A 68 -9.44 13.48 3.40
C GLY A 68 -8.04 13.10 3.01
N GLU A 69 -7.79 13.07 1.71
CA GLU A 69 -6.47 12.71 1.13
C GLU A 69 -5.30 13.36 1.88
N GLN A 70 -5.40 14.65 2.16
CA GLN A 70 -4.34 15.37 2.85
C GLN A 70 -4.25 14.94 4.31
N ALA A 71 -5.39 14.63 4.89
CA ALA A 71 -5.48 14.23 6.29
C ALA A 71 -5.14 12.74 6.48
N ILE A 72 -4.98 12.03 5.38
CA ILE A 72 -4.69 10.60 5.42
C ILE A 72 -3.18 10.34 5.64
N LYS A 73 -2.36 11.35 5.50
CA LYS A 73 -0.93 11.19 5.70
C LYS A 73 -0.56 11.37 7.19
N GLU A 74 -0.50 10.26 7.91
CA GLU A 74 -0.11 10.26 9.32
C GLU A 74 0.80 9.07 9.61
N GLY A 75 1.24 8.97 10.87
CA GLY A 75 2.10 7.87 11.27
C GLY A 75 1.39 6.53 11.21
N GLY A 76 0.12 6.51 11.58
CA GLY A 76 -0.66 5.29 11.53
C GLY A 76 -0.44 4.41 12.76
N ALA A 77 0.17 4.98 13.79
CA ALA A 77 0.44 4.25 15.01
C ALA A 77 -0.84 3.90 15.74
N GLY A 78 -1.01 2.62 16.05
CA GLY A 78 -2.19 2.17 16.76
C GLY A 78 -3.40 2.01 15.86
N GLY A 79 -3.22 2.28 14.57
CA GLY A 79 -4.34 2.21 13.64
C GLY A 79 -4.32 0.98 12.74
N GLY A 80 -3.37 0.11 12.96
CA GLY A 80 -3.23 -1.07 12.13
C GLY A 80 -2.04 -0.94 11.20
N PHE A 81 -1.01 -0.26 11.69
CA PHE A 81 0.22 -0.02 10.93
C PHE A 81 0.72 -1.27 10.23
N GLY A 82 0.86 -1.17 8.93
CA GLY A 82 1.30 -2.28 8.13
C GLY A 82 2.60 -1.99 7.43
N SER A 83 2.85 -2.73 6.38
CA SER A 83 4.04 -2.54 5.58
C SER A 83 3.77 -1.39 4.56
N PRO A 84 4.74 -1.03 3.67
CA PRO A 84 4.55 0.07 2.70
C PRO A 84 3.37 -0.17 1.76
N MET A 85 3.05 -1.42 1.53
CA MET A 85 1.95 -1.79 0.65
C MET A 85 0.64 -1.82 1.44
N ASP A 86 0.71 -2.32 2.68
CA ASP A 86 -0.47 -2.48 3.57
C ASP A 86 -1.09 -1.15 3.94
N ILE A 87 -0.32 -0.06 3.79
CA ILE A 87 -0.77 1.27 4.21
C ILE A 87 -2.19 1.59 3.71
N PHE A 88 -2.43 1.41 2.43
CA PHE A 88 -3.76 1.67 1.89
C PHE A 88 -4.77 0.65 2.35
N ASP A 89 -4.35 -0.60 2.48
CA ASP A 89 -5.26 -1.66 2.92
C ASP A 89 -5.77 -1.35 4.30
N MET A 90 -4.90 -0.77 5.13
CA MET A 90 -5.28 -0.38 6.47
C MET A 90 -6.38 0.69 6.44
N PHE A 91 -6.17 1.72 5.63
CA PHE A 91 -7.12 2.83 5.51
C PHE A 91 -8.43 2.39 4.89
N PHE A 92 -8.35 1.51 3.95
CA PHE A 92 -9.54 1.01 3.29
C PHE A 92 -9.91 -0.35 3.87
N GLY A 93 -9.36 -0.65 5.05
CA GLY A 93 -9.60 -1.93 5.68
C GLY A 93 -10.53 -1.88 6.85
N GLY A 94 -11.29 -0.80 6.95
CA GLY A 94 -12.22 -0.66 8.05
C GLY A 94 -13.42 -1.58 7.90
N GLY A 95 -13.48 -2.27 6.78
CA GLY A 95 -14.57 -3.18 6.53
C GLY A 95 -14.23 -4.60 6.92
N GLY A 96 -13.83 -4.80 8.16
CA GLY A 96 -13.57 -6.15 8.65
C GLY A 96 -12.11 -6.58 8.55
N ARG A 97 -11.26 -5.76 7.97
CA ARG A 97 -9.85 -6.12 7.81
C ARG A 97 -9.05 -5.62 8.99
N MET A 98 -9.74 -4.97 9.91
CA MET A 98 -9.14 -4.42 11.13
C MET A 98 -8.58 -5.54 12.01
N GLN A 99 -9.27 -6.66 12.00
CA GLN A 99 -8.87 -7.80 12.81
C GLN A 99 -7.80 -8.64 12.11
N ARG A 100 -7.27 -8.10 11.02
CA ARG A 100 -6.22 -8.76 10.26
C ARG A 100 -4.88 -8.13 10.58
N GLU A 101 -3.88 -8.96 10.78
CA GLU A 101 -2.55 -8.48 11.10
C GLU A 101 -1.75 -8.27 9.84
N ARG A 102 -0.76 -7.41 9.90
CA ARG A 102 0.08 -7.15 8.73
C ARG A 102 0.94 -8.35 8.43
N ARG A 103 1.22 -8.56 7.16
CA ARG A 103 2.03 -9.69 6.76
C ARG A 103 3.50 -9.39 7.05
N GLY A 104 4.17 -10.32 7.70
CA GLY A 104 5.54 -10.09 8.10
C GLY A 104 5.62 -9.57 9.53
N LYS A 105 4.48 -9.57 10.20
CA LYS A 105 4.37 -9.11 11.59
C LYS A 105 5.17 -10.02 12.52
N ASN A 106 5.18 -11.30 12.19
CA ASN A 106 5.88 -12.30 12.98
C ASN A 106 6.57 -13.29 12.02
N VAL A 107 6.95 -12.78 10.85
CA VAL A 107 7.57 -13.57 9.78
C VAL A 107 6.51 -14.47 9.12
N VAL A 10 6.83 6.00 4.69
CA VAL A 10 7.70 4.93 4.17
C VAL A 10 7.95 5.08 2.67
N LEU A 11 7.03 5.76 1.98
CA LEU A 11 7.10 5.90 0.54
C LEU A 11 8.01 7.05 0.13
N GLY A 12 8.49 7.80 1.12
CA GLY A 12 9.42 8.89 0.84
C GLY A 12 8.71 10.14 0.36
N VAL A 13 7.41 10.19 0.52
CA VAL A 13 6.63 11.32 0.06
C VAL A 13 5.52 11.66 1.07
N LYS A 14 5.10 12.92 1.06
CA LYS A 14 4.04 13.41 1.93
C LYS A 14 2.67 12.98 1.39
N PRO A 15 1.64 12.95 2.27
CA PRO A 15 0.27 12.54 1.89
C PRO A 15 -0.45 13.61 1.05
N ASN A 16 0.22 14.71 0.81
CA ASN A 16 -0.37 15.79 0.01
C ASN A 16 -0.03 15.59 -1.46
N ALA A 17 0.59 14.47 -1.76
CA ALA A 17 0.91 14.11 -3.12
C ALA A 17 -0.33 13.52 -3.80
N THR A 18 -0.40 13.69 -5.09
CA THR A 18 -1.52 13.17 -5.85
C THR A 18 -1.38 11.66 -6.06
N GLN A 19 -2.47 11.01 -6.45
CA GLN A 19 -2.46 9.57 -6.69
C GLN A 19 -1.57 9.23 -7.88
N GLU A 20 -1.37 10.19 -8.76
CA GLU A 20 -0.48 10.03 -9.91
C GLU A 20 0.92 9.65 -9.44
N GLU A 21 1.38 10.36 -8.43
CA GLU A 21 2.70 10.13 -7.87
C GLU A 21 2.78 8.74 -7.26
N LEU A 22 1.77 8.41 -6.49
CA LEU A 22 1.72 7.13 -5.80
C LEU A 22 1.66 5.99 -6.80
N LYS A 23 0.89 6.20 -7.86
CA LYS A 23 0.75 5.26 -8.94
C LYS A 23 2.11 5.00 -9.58
N LYS A 24 2.85 6.08 -9.76
CA LYS A 24 4.20 6.03 -10.31
C LYS A 24 5.13 5.27 -9.36
N ALA A 25 4.97 5.52 -8.07
CA ALA A 25 5.78 4.88 -7.04
C ALA A 25 5.71 3.36 -7.13
N TYR A 26 4.50 2.82 -7.16
CA TYR A 26 4.31 1.36 -7.26
C TYR A 26 4.94 0.80 -8.52
N ARG A 27 4.83 1.54 -9.61
CA ARG A 27 5.38 1.09 -10.89
C ARG A 27 6.89 0.94 -10.76
N LYS A 28 7.51 1.94 -10.17
CA LYS A 28 8.92 1.90 -9.88
C LYS A 28 9.24 0.81 -8.87
N LEU A 29 8.35 0.63 -7.90
CA LEU A 29 8.54 -0.40 -6.87
C LEU A 29 8.55 -1.77 -7.50
N ALA A 30 7.60 -2.01 -8.39
CA ALA A 30 7.49 -3.29 -9.08
C ALA A 30 8.72 -3.54 -9.92
N LEU A 31 9.18 -2.50 -10.62
CA LEU A 31 10.38 -2.58 -11.43
C LEU A 31 11.60 -2.85 -10.55
N LYS A 32 11.67 -2.15 -9.45
CA LYS A 32 12.77 -2.27 -8.50
C LYS A 32 12.79 -3.64 -7.84
N TYR A 33 11.63 -4.07 -7.36
CA TYR A 33 11.51 -5.34 -6.66
C TYR A 33 11.28 -6.50 -7.59
N HIS A 34 11.59 -6.32 -8.88
CA HIS A 34 11.46 -7.39 -9.87
C HIS A 34 12.15 -8.67 -9.35
N PRO A 35 11.38 -9.68 -8.93
CA PRO A 35 11.95 -10.85 -8.33
C PRO A 35 12.60 -11.81 -9.32
N ASP A 36 11.87 -12.16 -10.40
CA ASP A 36 12.31 -13.21 -11.35
C ASP A 36 12.56 -14.53 -10.59
N LYS A 37 12.06 -14.56 -9.36
CA LYS A 37 12.15 -15.68 -8.46
C LYS A 37 10.76 -15.94 -7.91
N ASN A 38 9.77 -15.84 -8.80
CA ASN A 38 8.33 -15.97 -8.48
C ASN A 38 8.01 -16.96 -7.33
N PRO A 39 8.57 -18.21 -7.33
CA PRO A 39 8.31 -19.18 -6.24
C PRO A 39 8.66 -18.62 -4.85
N ASN A 40 9.66 -17.76 -4.76
CA ASN A 40 10.07 -17.22 -3.45
C ASN A 40 9.67 -15.75 -3.25
N GLU A 41 10.14 -14.85 -4.12
CA GLU A 41 9.85 -13.41 -3.97
C GLU A 41 8.66 -12.98 -4.83
N GLY A 42 7.99 -13.95 -5.43
CA GLY A 42 6.85 -13.65 -6.26
C GLY A 42 5.71 -13.08 -5.46
N GLU A 43 5.58 -13.55 -4.22
CA GLU A 43 4.54 -13.08 -3.32
C GLU A 43 4.75 -11.59 -3.03
N LYS A 44 6.01 -11.17 -2.97
CA LYS A 44 6.37 -9.77 -2.72
C LYS A 44 5.84 -8.88 -3.84
N PHE A 45 6.03 -9.33 -5.08
CA PHE A 45 5.51 -8.63 -6.25
C PHE A 45 4.01 -8.48 -6.16
N LYS A 46 3.37 -9.58 -5.82
CA LYS A 46 1.91 -9.65 -5.73
C LYS A 46 1.38 -8.52 -4.85
N GLN A 47 2.09 -8.26 -3.76
CA GLN A 47 1.67 -7.25 -2.81
C GLN A 47 1.60 -5.89 -3.49
N ILE A 48 2.67 -5.49 -4.19
CA ILE A 48 2.66 -4.22 -4.94
C ILE A 48 1.63 -4.25 -6.05
N SER A 49 1.57 -5.34 -6.79
CA SER A 49 0.68 -5.44 -7.93
C SER A 49 -0.76 -5.15 -7.54
N GLN A 50 -1.26 -5.93 -6.61
CA GLN A 50 -2.61 -5.82 -6.12
C GLN A 50 -2.85 -4.51 -5.38
N ALA A 51 -1.86 -4.08 -4.58
CA ALA A 51 -1.97 -2.81 -3.84
C ALA A 51 -2.10 -1.67 -4.83
N TYR A 52 -1.29 -1.75 -5.88
CA TYR A 52 -1.33 -0.82 -6.99
C TYR A 52 -2.70 -0.82 -7.64
N GLU A 53 -3.18 -2.01 -7.91
CA GLU A 53 -4.47 -2.22 -8.55
C GLU A 53 -5.58 -1.53 -7.77
N VAL A 54 -5.52 -1.65 -6.46
CA VAL A 54 -6.49 -1.00 -5.57
C VAL A 54 -6.36 0.51 -5.65
N LEU A 55 -5.12 0.98 -5.67
CA LEU A 55 -4.84 2.40 -5.70
C LEU A 55 -5.44 3.04 -6.93
N SER A 56 -5.20 2.42 -8.04
CA SER A 56 -5.70 2.90 -9.29
C SER A 56 -7.18 2.53 -9.49
N ASP A 57 -7.81 2.02 -8.43
CA ASP A 57 -9.24 1.73 -8.51
C ASP A 57 -10.04 3.03 -8.38
N ALA A 58 -11.06 3.18 -9.22
CA ALA A 58 -11.87 4.40 -9.25
C ALA A 58 -12.41 4.80 -7.87
N LYS A 59 -13.04 3.85 -7.18
CA LYS A 59 -13.63 4.14 -5.87
C LYS A 59 -12.59 4.45 -4.84
N LYS A 60 -11.51 3.70 -4.86
CA LYS A 60 -10.47 3.90 -3.88
C LYS A 60 -9.86 5.29 -4.06
N ARG A 61 -9.69 5.69 -5.33
CA ARG A 61 -9.19 7.02 -5.63
C ARG A 61 -10.11 8.11 -5.09
N GLU A 62 -11.41 7.97 -5.32
CA GLU A 62 -12.38 8.94 -4.84
C GLU A 62 -12.35 8.99 -3.33
N LEU A 63 -12.28 7.83 -2.73
CA LEU A 63 -12.24 7.71 -1.30
C LEU A 63 -10.99 8.37 -0.71
N TYR A 64 -9.86 8.20 -1.39
CA TYR A 64 -8.62 8.85 -0.97
C TYR A 64 -8.76 10.37 -1.03
N ASP A 65 -9.17 10.87 -2.19
CA ASP A 65 -9.31 12.31 -2.42
C ASP A 65 -10.38 12.95 -1.53
N LYS A 66 -11.55 12.34 -1.52
CA LYS A 66 -12.71 12.90 -0.81
C LYS A 66 -12.65 12.59 0.69
N GLY A 67 -11.85 11.60 1.07
CA GLY A 67 -11.76 11.22 2.46
C GLY A 67 -10.72 11.99 3.24
N GLY A 68 -9.79 12.62 2.54
CA GLY A 68 -8.79 13.40 3.22
C GLY A 68 -7.39 12.93 2.91
N GLU A 69 -6.96 13.13 1.67
CA GLU A 69 -5.62 12.73 1.20
C GLU A 69 -4.51 13.19 2.16
N GLN A 70 -4.54 14.47 2.50
CA GLN A 70 -3.52 15.06 3.34
C GLN A 70 -3.66 14.62 4.80
N ALA A 71 -4.83 14.09 5.12
CA ALA A 71 -5.11 13.59 6.44
C ALA A 71 -4.72 12.11 6.52
N ILE A 72 -4.56 11.50 5.35
CA ILE A 72 -4.16 10.10 5.26
C ILE A 72 -2.64 10.00 5.34
N LYS A 73 -2.12 9.96 6.55
CA LYS A 73 -0.69 9.94 6.79
C LYS A 73 -0.27 8.69 7.55
N GLU A 74 0.91 8.17 7.19
CA GLU A 74 1.48 7.04 7.89
C GLU A 74 1.94 7.46 9.28
N GLY A 75 1.22 7.01 10.29
CA GLY A 75 1.59 7.32 11.66
C GLY A 75 2.26 6.15 12.33
N GLY A 76 1.63 4.98 12.24
CA GLY A 76 2.19 3.79 12.83
C GLY A 76 1.94 3.69 14.32
N ALA A 77 0.92 4.38 14.79
CA ALA A 77 0.61 4.37 16.22
C ALA A 77 -0.29 3.20 16.60
N GLY A 78 0.23 1.98 16.43
CA GLY A 78 -0.50 0.78 16.81
C GLY A 78 -1.81 0.60 16.06
N GLY A 79 -1.89 1.16 14.87
CA GLY A 79 -3.13 1.10 14.11
C GLY A 79 -3.17 -0.04 13.11
N GLY A 80 -2.23 -0.98 13.24
CA GLY A 80 -2.18 -2.08 12.30
C GLY A 80 -1.27 -1.77 11.14
N PHE A 81 -0.21 -1.02 11.43
CA PHE A 81 0.73 -0.59 10.40
C PHE A 81 1.42 -1.77 9.75
N GLY A 82 1.42 -1.77 8.43
CA GLY A 82 2.01 -2.84 7.69
C GLY A 82 3.18 -2.40 6.85
N SER A 83 3.38 -3.07 5.74
CA SER A 83 4.44 -2.76 4.81
C SER A 83 4.00 -1.55 3.93
N PRO A 84 4.86 -1.08 2.99
CA PRO A 84 4.53 0.09 2.13
C PRO A 84 3.25 -0.10 1.31
N MET A 85 2.91 -1.35 1.01
CA MET A 85 1.72 -1.64 0.23
C MET A 85 0.54 -1.87 1.17
N ASP A 86 0.82 -2.53 2.31
CA ASP A 86 -0.19 -2.89 3.31
C ASP A 86 -0.89 -1.66 3.90
N ILE A 87 -0.37 -0.47 3.58
CA ILE A 87 -0.92 0.77 4.12
C ILE A 87 -2.43 0.86 3.86
N PHE A 88 -2.84 0.58 2.63
CA PHE A 88 -4.26 0.57 2.31
C PHE A 88 -4.97 -0.58 2.98
N ASP A 89 -4.27 -1.70 3.08
CA ASP A 89 -4.79 -2.88 3.75
C ASP A 89 -5.05 -2.59 5.23
N MET A 90 -4.28 -1.67 5.80
CA MET A 90 -4.50 -1.22 7.18
C MET A 90 -5.72 -0.31 7.27
N PHE A 91 -5.75 0.72 6.43
CA PHE A 91 -6.84 1.69 6.44
C PHE A 91 -8.16 1.07 6.07
N PHE A 92 -8.13 0.17 5.15
CA PHE A 92 -9.32 -0.52 4.72
C PHE A 92 -9.32 -1.92 5.32
N GLY A 93 -8.58 -2.10 6.42
CA GLY A 93 -8.45 -3.43 6.99
C GLY A 93 -9.17 -3.65 8.30
N GLY A 94 -9.74 -2.60 8.87
CA GLY A 94 -10.45 -2.70 10.16
C GLY A 94 -11.68 -3.64 10.14
N GLY A 95 -11.89 -4.32 9.03
CA GLY A 95 -13.00 -5.23 8.91
C GLY A 95 -12.59 -6.68 9.13
N GLY A 96 -11.46 -6.90 9.80
CA GLY A 96 -11.01 -8.25 10.08
C GLY A 96 -9.64 -8.56 9.49
N ARG A 97 -9.03 -7.59 8.86
CA ARG A 97 -7.72 -7.77 8.24
C ARG A 97 -6.61 -7.07 9.04
N MET A 98 -7.01 -6.15 9.90
CA MET A 98 -6.08 -5.38 10.73
C MET A 98 -5.43 -6.25 11.80
N GLN A 99 -5.95 -7.46 11.94
CA GLN A 99 -5.46 -8.40 12.92
C GLN A 99 -4.50 -9.40 12.27
N ARG A 100 -4.23 -9.19 10.99
CA ARG A 100 -3.31 -10.04 10.26
C ARG A 100 -1.95 -9.34 10.20
N GLU A 101 -0.89 -10.12 10.25
CA GLU A 101 0.45 -9.57 10.34
C GLU A 101 1.10 -9.31 8.98
N ARG A 102 2.20 -8.56 9.03
CA ARG A 102 2.93 -8.13 7.83
C ARG A 102 3.66 -9.27 7.15
N ARG A 103 3.87 -9.10 5.86
CA ARG A 103 4.62 -10.07 5.08
C ARG A 103 6.10 -9.97 5.43
N GLY A 104 6.66 -11.06 5.92
CA GLY A 104 8.05 -11.06 6.31
C GLY A 104 8.26 -10.55 7.73
N LYS A 105 7.17 -10.45 8.49
CA LYS A 105 7.24 -9.98 9.87
C LYS A 105 8.01 -10.97 10.75
N ASN A 106 8.73 -10.42 11.74
CA ASN A 106 9.51 -11.25 12.67
C ASN A 106 8.57 -12.01 13.63
N VAL A 107 7.28 -11.69 13.53
CA VAL A 107 6.23 -12.29 14.37
C VAL A 107 6.48 -11.98 15.84
N VAL A 10 6.13 6.17 4.51
CA VAL A 10 5.83 4.91 3.79
C VAL A 10 6.73 4.72 2.59
N LEU A 11 6.42 5.43 1.53
CA LEU A 11 7.10 5.30 0.26
C LEU A 11 8.33 6.20 0.17
N GLY A 12 8.61 6.95 1.23
CA GLY A 12 9.75 7.84 1.21
C GLY A 12 9.47 9.10 0.44
N VAL A 13 8.22 9.51 0.41
CA VAL A 13 7.79 10.67 -0.35
C VAL A 13 6.94 11.60 0.51
N LYS A 14 6.91 12.88 0.15
CA LYS A 14 6.13 13.91 0.84
C LYS A 14 4.63 13.57 0.82
N PRO A 15 3.85 14.10 1.80
CA PRO A 15 2.40 13.85 1.88
C PRO A 15 1.63 14.54 0.75
N ASN A 16 2.30 15.46 0.07
CA ASN A 16 1.68 16.19 -1.03
C ASN A 16 1.87 15.41 -2.34
N ALA A 17 1.84 14.09 -2.22
CA ALA A 17 1.97 13.22 -3.36
C ALA A 17 0.60 12.89 -3.91
N THR A 18 0.43 13.08 -5.19
CA THR A 18 -0.83 12.81 -5.84
C THR A 18 -0.98 11.31 -6.10
N GLN A 19 -2.18 10.89 -6.47
CA GLN A 19 -2.41 9.49 -6.79
C GLN A 19 -1.55 9.10 -8.00
N GLU A 20 -1.33 10.05 -8.91
CA GLU A 20 -0.44 9.87 -10.06
C GLU A 20 0.98 9.55 -9.59
N GLU A 21 1.45 10.32 -8.62
CA GLU A 21 2.79 10.17 -8.08
C GLU A 21 2.94 8.80 -7.47
N LEU A 22 1.93 8.41 -6.74
CA LEU A 22 1.91 7.12 -6.08
C LEU A 22 1.93 5.99 -7.12
N LYS A 23 1.14 6.19 -8.17
CA LYS A 23 1.02 5.24 -9.28
C LYS A 23 2.41 5.03 -9.89
N LYS A 24 3.09 6.14 -10.04
CA LYS A 24 4.45 6.18 -10.54
C LYS A 24 5.40 5.44 -9.58
N ALA A 25 5.20 5.66 -8.28
CA ALA A 25 5.99 5.00 -7.24
C ALA A 25 5.90 3.49 -7.35
N TYR A 26 4.68 2.96 -7.41
CA TYR A 26 4.47 1.51 -7.51
C TYR A 26 5.14 0.92 -8.75
N ARG A 27 5.04 1.64 -9.87
CA ARG A 27 5.61 1.17 -11.14
C ARG A 27 7.11 1.00 -11.02
N LYS A 28 7.75 2.04 -10.55
CA LYS A 28 9.17 2.02 -10.32
C LYS A 28 9.53 1.01 -9.24
N LEU A 29 8.68 0.90 -8.24
CA LEU A 29 8.87 -0.01 -7.12
C LEU A 29 8.89 -1.47 -7.63
N ALA A 30 7.90 -1.80 -8.45
CA ALA A 30 7.78 -3.15 -9.01
C ALA A 30 8.98 -3.48 -9.88
N LEU A 31 9.42 -2.50 -10.65
CA LEU A 31 10.60 -2.65 -11.50
C LEU A 31 11.84 -2.87 -10.63
N LYS A 32 11.91 -2.13 -9.53
CA LYS A 32 13.01 -2.20 -8.58
C LYS A 32 13.08 -3.56 -7.88
N TYR A 33 11.94 -3.98 -7.35
CA TYR A 33 11.85 -5.24 -6.61
C TYR A 33 11.55 -6.42 -7.49
N HIS A 34 11.98 -6.38 -8.76
CA HIS A 34 11.77 -7.51 -9.68
C HIS A 34 12.35 -8.79 -9.05
N PRO A 35 11.48 -9.70 -8.60
CA PRO A 35 11.94 -10.91 -7.92
C PRO A 35 12.72 -11.88 -8.80
N ASP A 36 12.17 -12.19 -9.97
CA ASP A 36 12.71 -13.25 -10.86
C ASP A 36 12.80 -14.59 -10.12
N LYS A 37 12.16 -14.62 -8.96
CA LYS A 37 12.04 -15.76 -8.09
C LYS A 37 10.60 -15.90 -7.65
N ASN A 38 9.67 -15.68 -8.60
CA ASN A 38 8.20 -15.72 -8.38
C ASN A 38 7.75 -16.64 -7.22
N PRO A 39 8.17 -17.93 -7.19
CA PRO A 39 7.78 -18.87 -6.11
C PRO A 39 8.06 -18.33 -4.69
N ASN A 40 9.14 -17.57 -4.52
CA ASN A 40 9.51 -17.06 -3.19
C ASN A 40 9.26 -15.54 -3.05
N GLU A 41 9.90 -14.74 -3.93
CA GLU A 41 9.77 -13.27 -3.85
C GLU A 41 8.58 -12.77 -4.66
N GLY A 42 7.89 -13.68 -5.32
CA GLY A 42 6.73 -13.29 -6.10
C GLY A 42 5.62 -12.79 -5.23
N GLU A 43 5.54 -13.34 -4.02
CA GLU A 43 4.54 -12.95 -3.06
C GLU A 43 4.70 -11.47 -2.70
N LYS A 44 5.95 -11.01 -2.65
CA LYS A 44 6.26 -9.62 -2.35
C LYS A 44 5.67 -8.74 -3.44
N PHE A 45 5.90 -9.15 -4.68
CA PHE A 45 5.36 -8.47 -5.86
C PHE A 45 3.86 -8.42 -5.80
N LYS A 46 3.26 -9.54 -5.46
CA LYS A 46 1.81 -9.66 -5.40
C LYS A 46 1.21 -8.56 -4.53
N GLN A 47 1.85 -8.27 -3.42
CA GLN A 47 1.36 -7.27 -2.49
C GLN A 47 1.25 -5.89 -3.20
N ILE A 48 2.34 -5.45 -3.80
CA ILE A 48 2.33 -4.20 -4.61
C ILE A 48 1.40 -4.29 -5.82
N SER A 49 1.41 -5.42 -6.53
CA SER A 49 0.61 -5.54 -7.75
C SER A 49 -0.86 -5.26 -7.47
N GLN A 50 -1.39 -5.94 -6.49
CA GLN A 50 -2.77 -5.80 -6.09
C GLN A 50 -3.01 -4.42 -5.48
N ALA A 51 -2.05 -3.95 -4.68
CA ALA A 51 -2.12 -2.63 -4.04
C ALA A 51 -2.22 -1.55 -5.11
N TYR A 52 -1.36 -1.66 -6.10
CA TYR A 52 -1.34 -0.78 -7.24
C TYR A 52 -2.68 -0.79 -7.95
N GLU A 53 -3.17 -1.98 -8.19
CA GLU A 53 -4.44 -2.17 -8.85
C GLU A 53 -5.58 -1.50 -8.08
N VAL A 54 -5.49 -1.56 -6.76
CA VAL A 54 -6.46 -0.89 -5.89
C VAL A 54 -6.39 0.61 -6.09
N LEU A 55 -5.17 1.11 -6.18
CA LEU A 55 -4.91 2.55 -6.40
C LEU A 55 -5.52 2.99 -7.69
N SER A 56 -5.34 2.17 -8.69
CA SER A 56 -5.87 2.45 -9.99
C SER A 56 -7.40 2.30 -10.02
N ASP A 57 -7.99 1.85 -8.91
CA ASP A 57 -9.45 1.69 -8.86
C ASP A 57 -10.14 3.05 -8.65
N ALA A 58 -11.17 3.32 -9.45
CA ALA A 58 -11.90 4.60 -9.41
C ALA A 58 -12.41 4.96 -8.01
N LYS A 59 -13.10 4.02 -7.37
CA LYS A 59 -13.73 4.29 -6.06
C LYS A 59 -12.69 4.47 -4.99
N LYS A 60 -11.61 3.71 -5.08
CA LYS A 60 -10.57 3.76 -4.06
C LYS A 60 -9.94 5.14 -4.04
N ARG A 61 -9.72 5.72 -5.22
CA ARG A 61 -9.16 7.05 -5.32
C ARG A 61 -10.11 8.09 -4.71
N GLU A 62 -11.40 7.96 -4.97
CA GLU A 62 -12.38 8.88 -4.38
C GLU A 62 -12.37 8.76 -2.88
N LEU A 63 -12.35 7.54 -2.41
CA LEU A 63 -12.34 7.26 -0.99
C LEU A 63 -11.07 7.83 -0.35
N TYR A 64 -9.95 7.74 -1.06
CA TYR A 64 -8.70 8.34 -0.62
C TYR A 64 -8.81 9.87 -0.48
N ASP A 65 -9.14 10.52 -1.58
CA ASP A 65 -9.21 11.98 -1.63
C ASP A 65 -10.30 12.55 -0.74
N LYS A 66 -11.49 11.99 -0.85
CA LYS A 66 -12.65 12.48 -0.14
C LYS A 66 -12.65 11.97 1.31
N GLY A 67 -11.83 10.95 1.58
CA GLY A 67 -11.73 10.39 2.91
C GLY A 67 -10.66 11.06 3.75
N GLY A 68 -9.80 11.83 3.10
CA GLY A 68 -8.74 12.50 3.81
C GLY A 68 -7.36 12.06 3.35
N GLU A 69 -6.94 12.55 2.19
CA GLU A 69 -5.62 12.22 1.63
C GLU A 69 -4.49 12.54 2.62
N GLN A 70 -4.53 13.74 3.19
CA GLN A 70 -3.49 14.18 4.11
C GLN A 70 -3.66 13.54 5.47
N ALA A 71 -4.81 12.91 5.66
CA ALA A 71 -5.08 12.20 6.88
C ALA A 71 -4.54 10.78 6.77
N ILE A 72 -4.29 10.36 5.53
CA ILE A 72 -3.73 9.06 5.26
C ILE A 72 -2.21 9.19 5.06
N LYS A 73 -1.51 9.33 6.16
CA LYS A 73 -0.06 9.46 6.11
C LYS A 73 0.56 8.71 7.28
N GLU A 74 1.80 8.29 7.12
CA GLU A 74 2.49 7.54 8.14
C GLU A 74 2.89 8.44 9.29
N GLY A 75 2.27 8.21 10.43
CA GLY A 75 2.58 9.00 11.59
C GLY A 75 3.39 8.23 12.60
N GLY A 76 3.46 6.91 12.43
CA GLY A 76 4.18 6.07 13.36
C GLY A 76 3.43 5.89 14.67
N ALA A 77 3.44 6.93 15.49
CA ALA A 77 2.81 6.90 16.80
C ALA A 77 1.29 6.77 16.71
N GLY A 78 0.78 5.62 17.11
CA GLY A 78 -0.65 5.39 17.13
C GLY A 78 -1.22 4.94 15.80
N GLY A 79 -0.38 4.87 14.80
CA GLY A 79 -0.84 4.46 13.49
C GLY A 79 -0.51 3.02 13.20
N GLY A 80 -1.10 2.48 12.16
CA GLY A 80 -0.79 1.13 11.76
C GLY A 80 0.34 1.12 10.78
N PHE A 81 1.53 1.34 11.29
CA PHE A 81 2.72 1.45 10.47
C PHE A 81 3.10 0.10 9.85
N GLY A 82 3.18 0.10 8.53
CA GLY A 82 3.53 -1.10 7.82
C GLY A 82 4.46 -0.82 6.67
N SER A 83 4.37 -1.63 5.65
CA SER A 83 5.18 -1.48 4.47
C SER A 83 4.46 -0.58 3.45
N PRO A 84 5.02 -0.34 2.24
CA PRO A 84 4.37 0.48 1.21
C PRO A 84 3.02 -0.10 0.79
N MET A 85 2.86 -1.40 0.93
CA MET A 85 1.63 -2.07 0.54
C MET A 85 0.65 -2.26 1.71
N ASP A 86 1.17 -2.33 2.95
CA ASP A 86 0.33 -2.51 4.17
C ASP A 86 -0.67 -1.39 4.39
N ILE A 87 -0.57 -0.33 3.59
CA ILE A 87 -1.46 0.82 3.76
C ILE A 87 -2.91 0.36 3.76
N PHE A 88 -3.29 -0.45 2.78
CA PHE A 88 -4.66 -0.96 2.74
C PHE A 88 -4.87 -2.10 3.72
N ASP A 89 -3.78 -2.78 4.09
CA ASP A 89 -3.84 -3.85 5.08
C ASP A 89 -4.32 -3.30 6.40
N MET A 90 -3.88 -2.11 6.72
CA MET A 90 -4.32 -1.40 7.92
C MET A 90 -5.80 -1.03 7.86
N PHE A 91 -6.22 -0.52 6.71
CA PHE A 91 -7.62 -0.10 6.52
C PHE A 91 -8.57 -1.27 6.55
N PHE A 92 -8.13 -2.38 6.03
CA PHE A 92 -8.93 -3.58 6.02
C PHE A 92 -8.38 -4.57 7.02
N GLY A 93 -7.69 -4.06 8.04
CA GLY A 93 -7.06 -4.92 9.02
C GLY A 93 -7.87 -5.15 10.28
N GLY A 94 -8.91 -4.36 10.47
CA GLY A 94 -9.71 -4.48 11.68
C GLY A 94 -10.56 -5.72 11.72
N GLY A 95 -10.57 -6.45 10.62
CA GLY A 95 -11.35 -7.68 10.55
C GLY A 95 -10.58 -8.89 11.03
N GLY A 96 -9.29 -8.70 11.32
CA GLY A 96 -8.50 -9.82 11.80
C GLY A 96 -7.09 -9.85 11.24
N ARG A 97 -6.52 -8.68 11.01
CA ARG A 97 -5.16 -8.61 10.52
C ARG A 97 -4.33 -7.74 11.45
N MET A 98 -4.95 -7.35 12.55
CA MET A 98 -4.30 -6.58 13.61
C MET A 98 -3.35 -7.47 14.39
N GLN A 99 -3.72 -8.74 14.50
CA GLN A 99 -2.92 -9.72 15.22
C GLN A 99 -1.79 -10.20 14.32
N ARG A 100 -1.86 -9.78 13.06
CA ARG A 100 -0.89 -10.12 12.04
C ARG A 100 0.17 -9.03 11.93
N GLU A 101 1.30 -9.37 11.35
CA GLU A 101 2.40 -8.44 11.25
C GLU A 101 2.44 -7.80 9.87
N ARG A 102 3.19 -6.70 9.77
CA ARG A 102 3.31 -5.98 8.50
C ARG A 102 4.16 -6.77 7.51
N ARG A 103 3.99 -6.46 6.23
CA ARG A 103 4.71 -7.13 5.17
C ARG A 103 6.18 -6.72 5.22
N GLY A 104 7.06 -7.70 5.36
CA GLY A 104 8.49 -7.40 5.39
C GLY A 104 8.94 -6.85 6.72
N LYS A 105 8.33 -7.32 7.80
CA LYS A 105 8.68 -6.87 9.15
C LYS A 105 10.00 -7.49 9.60
N ASN A 106 10.03 -8.81 9.65
CA ASN A 106 11.25 -9.53 10.07
C ASN A 106 12.06 -9.89 8.84
N VAL A 107 11.46 -9.65 7.67
CA VAL A 107 12.06 -9.90 6.36
C VAL A 107 12.88 -11.22 6.31
N VAL A 10 8.31 6.63 4.69
CA VAL A 10 7.52 5.44 4.29
C VAL A 10 7.64 5.21 2.77
N LEU A 11 6.80 5.89 2.00
CA LEU A 11 6.83 5.76 0.53
C LEU A 11 7.78 6.75 -0.12
N GLY A 12 8.37 7.63 0.69
CA GLY A 12 9.28 8.63 0.17
C GLY A 12 8.54 9.87 -0.30
N VAL A 13 7.29 9.99 0.09
CA VAL A 13 6.46 11.12 -0.29
C VAL A 13 5.69 11.66 0.90
N LYS A 14 5.20 12.88 0.79
CA LYS A 14 4.44 13.51 1.85
C LYS A 14 2.97 13.08 1.78
N PRO A 15 2.20 13.24 2.89
CA PRO A 15 0.78 12.85 2.93
C PRO A 15 -0.11 13.76 2.07
N ASN A 16 0.49 14.76 1.44
CA ASN A 16 -0.22 15.65 0.56
C ASN A 16 -0.01 15.25 -0.91
N ALA A 17 0.63 14.11 -1.12
CA ALA A 17 0.87 13.60 -2.46
C ALA A 17 -0.38 12.93 -3.00
N THR A 18 -0.73 13.24 -4.23
CA THR A 18 -1.90 12.68 -4.85
C THR A 18 -1.70 11.24 -5.34
N GLN A 19 -2.79 10.60 -5.70
CA GLN A 19 -2.82 9.20 -6.14
C GLN A 19 -1.95 8.98 -7.40
N GLU A 20 -1.84 10.00 -8.25
CA GLU A 20 -1.04 9.91 -9.48
C GLU A 20 0.42 9.56 -9.18
N GLU A 21 1.00 10.25 -8.22
CA GLU A 21 2.39 10.02 -7.84
C GLU A 21 2.55 8.63 -7.28
N LEU A 22 1.60 8.25 -6.45
CA LEU A 22 1.63 6.95 -5.80
C LEU A 22 1.56 5.85 -6.85
N LYS A 23 0.72 6.07 -7.85
CA LYS A 23 0.55 5.16 -8.96
C LYS A 23 1.89 4.95 -9.65
N LYS A 24 2.59 6.05 -9.84
CA LYS A 24 3.91 6.07 -10.42
C LYS A 24 4.91 5.35 -9.50
N ALA A 25 4.80 5.61 -8.20
CA ALA A 25 5.65 5.01 -7.18
C ALA A 25 5.58 3.50 -7.22
N TYR A 26 4.37 2.93 -7.22
CA TYR A 26 4.21 1.47 -7.30
C TYR A 26 4.85 0.92 -8.56
N ARG A 27 4.74 1.65 -9.65
CA ARG A 27 5.28 1.21 -10.94
C ARG A 27 6.79 1.11 -10.85
N LYS A 28 7.41 2.14 -10.33
CA LYS A 28 8.84 2.15 -10.12
C LYS A 28 9.23 1.08 -9.12
N LEU A 29 8.41 0.96 -8.09
CA LEU A 29 8.64 0.02 -7.01
C LEU A 29 8.60 -1.42 -7.56
N ALA A 30 7.59 -1.70 -8.38
CA ALA A 30 7.43 -3.00 -9.01
C ALA A 30 8.63 -3.33 -9.89
N LEU A 31 9.07 -2.32 -10.63
CA LEU A 31 10.24 -2.46 -11.49
C LEU A 31 11.47 -2.75 -10.65
N LYS A 32 11.57 -2.04 -9.54
CA LYS A 32 12.68 -2.18 -8.60
C LYS A 32 12.68 -3.56 -7.92
N TYR A 33 11.53 -3.97 -7.43
CA TYR A 33 11.39 -5.24 -6.73
C TYR A 33 11.13 -6.40 -7.66
N HIS A 34 11.58 -6.30 -8.90
CA HIS A 34 11.42 -7.41 -9.86
C HIS A 34 12.13 -8.64 -9.30
N PRO A 35 11.37 -9.66 -8.89
CA PRO A 35 11.96 -10.84 -8.32
C PRO A 35 12.48 -11.81 -9.36
N ASP A 36 11.67 -12.08 -10.39
CA ASP A 36 11.99 -13.09 -11.43
C ASP A 36 12.18 -14.46 -10.75
N LYS A 37 11.71 -14.51 -9.52
CA LYS A 37 11.76 -15.67 -8.64
C LYS A 37 10.39 -15.88 -8.04
N ASN A 38 9.36 -15.76 -8.90
CA ASN A 38 7.91 -15.83 -8.53
C ASN A 38 7.61 -16.70 -7.28
N PRO A 39 8.11 -17.97 -7.20
CA PRO A 39 7.84 -18.84 -6.05
C PRO A 39 8.25 -18.24 -4.68
N ASN A 40 9.36 -17.49 -4.64
CA ASN A 40 9.85 -16.98 -3.34
C ASN A 40 9.58 -15.49 -3.15
N GLU A 41 10.12 -14.65 -4.04
CA GLU A 41 9.92 -13.20 -3.91
C GLU A 41 8.74 -12.72 -4.71
N GLY A 42 8.06 -13.64 -5.36
CA GLY A 42 6.89 -13.29 -6.14
C GLY A 42 5.77 -12.81 -5.26
N GLU A 43 5.74 -13.32 -4.04
CA GLU A 43 4.74 -12.90 -3.06
C GLU A 43 4.90 -11.42 -2.77
N LYS A 44 6.15 -10.97 -2.69
CA LYS A 44 6.46 -9.57 -2.42
C LYS A 44 5.93 -8.71 -3.58
N PHE A 45 6.19 -9.16 -4.80
CA PHE A 45 5.67 -8.50 -6.01
C PHE A 45 4.16 -8.43 -5.98
N LYS A 46 3.57 -9.56 -5.66
CA LYS A 46 2.12 -9.70 -5.60
C LYS A 46 1.51 -8.63 -4.71
N GLN A 47 2.14 -8.35 -3.60
CA GLN A 47 1.62 -7.35 -2.69
C GLN A 47 1.52 -5.98 -3.39
N ILE A 48 2.59 -5.58 -4.08
CA ILE A 48 2.57 -4.33 -4.85
C ILE A 48 1.56 -4.39 -5.99
N SER A 49 1.55 -5.50 -6.72
CA SER A 49 0.70 -5.62 -7.89
C SER A 49 -0.77 -5.39 -7.54
N GLN A 50 -1.24 -6.15 -6.58
CA GLN A 50 -2.62 -6.08 -6.15
C GLN A 50 -2.93 -4.75 -5.47
N ALA A 51 -1.99 -4.25 -4.66
CA ALA A 51 -2.17 -2.96 -3.98
C ALA A 51 -2.27 -1.86 -5.00
N TYR A 52 -1.41 -1.95 -6.00
CA TYR A 52 -1.43 -1.04 -7.14
C TYR A 52 -2.77 -1.10 -7.81
N GLU A 53 -3.23 -2.30 -8.04
CA GLU A 53 -4.51 -2.54 -8.69
C GLU A 53 -5.64 -1.84 -7.94
N VAL A 54 -5.59 -1.89 -6.62
CA VAL A 54 -6.57 -1.21 -5.77
C VAL A 54 -6.44 0.30 -5.93
N LEU A 55 -5.22 0.78 -5.98
CA LEU A 55 -4.94 2.19 -6.16
C LEU A 55 -5.46 2.65 -7.50
N SER A 56 -5.23 1.84 -8.49
CA SER A 56 -5.67 2.13 -9.85
C SER A 56 -7.19 1.99 -9.95
N ASP A 57 -7.84 1.60 -8.85
CA ASP A 57 -9.29 1.47 -8.84
C ASP A 57 -9.93 2.86 -8.76
N ALA A 58 -10.96 3.09 -9.56
CA ALA A 58 -11.65 4.38 -9.61
C ALA A 58 -12.08 4.88 -8.24
N LYS A 59 -12.75 4.02 -7.53
CA LYS A 59 -13.40 4.36 -6.27
C LYS A 59 -12.39 4.70 -5.21
N LYS A 60 -11.34 3.92 -5.15
CA LYS A 60 -10.34 4.06 -4.10
C LYS A 60 -9.60 5.38 -4.22
N ARG A 61 -9.32 5.79 -5.44
CA ARG A 61 -8.67 7.08 -5.69
C ARG A 61 -9.55 8.22 -5.20
N GLU A 62 -10.84 8.14 -5.53
CA GLU A 62 -11.80 9.14 -5.10
C GLU A 62 -11.91 9.19 -3.59
N LEU A 63 -12.04 8.02 -2.99
CA LEU A 63 -12.17 7.88 -1.55
C LEU A 63 -10.95 8.43 -0.81
N TYR A 64 -9.77 8.13 -1.34
CA TYR A 64 -8.52 8.61 -0.77
C TYR A 64 -8.48 10.14 -0.77
N ASP A 65 -8.87 10.74 -1.90
CA ASP A 65 -8.86 12.20 -2.05
C ASP A 65 -9.85 12.89 -1.11
N LYS A 66 -10.94 12.20 -0.80
CA LYS A 66 -11.99 12.79 0.03
C LYS A 66 -11.55 12.91 1.48
N GLY A 67 -11.30 11.78 2.11
CA GLY A 67 -10.89 11.81 3.50
C GLY A 67 -10.13 10.58 3.89
N GLY A 68 -8.86 10.75 4.16
CA GLY A 68 -8.03 9.66 4.54
C GLY A 68 -6.59 9.96 4.33
N GLU A 69 -6.30 10.78 3.32
CA GLU A 69 -4.90 11.13 2.96
C GLU A 69 -4.04 11.55 4.16
N GLN A 70 -4.61 12.37 5.04
CA GLN A 70 -3.90 12.81 6.26
C GLN A 70 -3.71 11.63 7.23
N ALA A 71 -4.62 10.68 7.15
CA ALA A 71 -4.65 9.51 8.00
C ALA A 71 -3.85 8.35 7.42
N ILE A 72 -3.26 8.56 6.24
CA ILE A 72 -2.50 7.52 5.54
C ILE A 72 -1.06 7.46 6.10
N LYS A 73 -0.76 8.34 7.05
CA LYS A 73 0.56 8.42 7.64
C LYS A 73 0.51 8.57 9.16
N GLU A 74 0.79 7.50 9.88
CA GLU A 74 0.87 7.55 11.34
C GLU A 74 2.32 7.40 11.78
N GLY A 75 2.53 7.49 13.09
CA GLY A 75 3.87 7.38 13.62
C GLY A 75 4.22 5.98 14.10
N GLY A 76 3.29 5.04 13.94
CA GLY A 76 3.54 3.68 14.39
C GLY A 76 3.40 3.55 15.89
N ALA A 77 2.44 4.30 16.44
CA ALA A 77 2.21 4.35 17.88
C ALA A 77 1.18 3.32 18.32
N GLY A 78 0.87 2.39 17.44
CA GLY A 78 -0.10 1.36 17.78
C GLY A 78 -1.05 1.06 16.63
N GLY A 79 -0.99 1.89 15.60
CA GLY A 79 -1.81 1.65 14.43
C GLY A 79 -1.14 0.70 13.46
N GLY A 80 -1.14 1.05 12.20
CA GLY A 80 -0.51 0.20 11.21
C GLY A 80 0.92 0.61 10.95
N PHE A 81 1.81 -0.37 10.95
CA PHE A 81 3.23 -0.13 10.73
C PHE A 81 3.86 -1.31 9.98
N GLY A 82 3.12 -1.86 9.04
CA GLY A 82 3.58 -3.01 8.30
C GLY A 82 4.47 -2.65 7.12
N SER A 83 3.90 -2.73 5.94
CA SER A 83 4.63 -2.47 4.70
C SER A 83 4.00 -1.28 3.94
N PRO A 84 4.64 -0.80 2.84
CA PRO A 84 4.10 0.34 2.05
C PRO A 84 2.75 0.01 1.42
N MET A 85 2.70 -1.13 0.74
CA MET A 85 1.49 -1.63 0.09
C MET A 85 0.47 -2.07 1.14
N ASP A 86 1.00 -2.51 2.25
CA ASP A 86 0.24 -2.99 3.41
C ASP A 86 -0.67 -1.90 3.99
N ILE A 87 -0.36 -0.63 3.69
CA ILE A 87 -1.12 0.48 4.25
C ILE A 87 -2.60 0.36 3.88
N PHE A 88 -2.90 0.07 2.63
CA PHE A 88 -4.28 -0.10 2.21
C PHE A 88 -4.88 -1.38 2.74
N ASP A 89 -4.09 -2.45 2.79
CA ASP A 89 -4.59 -3.75 3.26
C ASP A 89 -5.08 -3.60 4.68
N MET A 90 -4.38 -2.78 5.42
CA MET A 90 -4.72 -2.44 6.79
C MET A 90 -6.11 -1.79 6.87
N PHE A 91 -6.37 -0.86 5.96
CA PHE A 91 -7.64 -0.15 5.93
C PHE A 91 -8.81 -1.05 5.61
N PHE A 92 -8.58 -2.05 4.79
CA PHE A 92 -9.64 -2.99 4.46
C PHE A 92 -9.39 -4.30 5.21
N GLY A 93 -8.64 -4.22 6.30
CA GLY A 93 -8.27 -5.41 7.02
C GLY A 93 -8.68 -5.43 8.48
N GLY A 94 -9.80 -4.83 8.80
CA GLY A 94 -10.26 -4.79 10.19
C GLY A 94 -10.90 -6.09 10.66
N GLY A 95 -10.32 -7.20 10.24
CA GLY A 95 -10.82 -8.48 10.63
C GLY A 95 -9.95 -9.62 10.17
N GLY A 96 -9.33 -10.30 11.12
CA GLY A 96 -8.52 -11.47 10.82
C GLY A 96 -7.12 -11.15 10.32
N ARG A 97 -7.01 -10.41 9.22
CA ARG A 97 -5.71 -10.15 8.61
C ARG A 97 -4.78 -9.27 9.46
N MET A 98 -5.38 -8.54 10.43
CA MET A 98 -4.57 -7.71 11.36
C MET A 98 -3.63 -8.56 12.19
N GLN A 99 -3.94 -9.83 12.31
CA GLN A 99 -3.17 -10.74 13.12
C GLN A 99 -2.03 -11.37 12.32
N ARG A 100 -1.88 -10.93 11.08
CA ARG A 100 -0.84 -11.41 10.19
C ARG A 100 0.41 -10.55 10.29
N GLU A 101 1.53 -11.08 9.85
CA GLU A 101 2.79 -10.37 9.90
C GLU A 101 3.22 -10.00 8.49
N ARG A 102 4.10 -9.03 8.39
CA ARG A 102 4.60 -8.59 7.10
C ARG A 102 5.79 -9.45 6.69
N ARG A 103 5.88 -9.78 5.39
CA ARG A 103 7.01 -10.56 4.90
C ARG A 103 8.24 -9.70 4.77
N GLY A 104 8.82 -9.43 5.92
CA GLY A 104 9.99 -8.61 6.05
C GLY A 104 10.08 -8.11 7.47
N LYS A 105 9.74 -9.00 8.39
CA LYS A 105 9.70 -8.69 9.80
C LYS A 105 10.85 -9.37 10.53
N ASN A 106 11.43 -8.68 11.50
CA ASN A 106 12.61 -9.20 12.19
C ASN A 106 12.23 -10.16 13.31
N VAL A 107 10.97 -10.18 13.65
CA VAL A 107 10.48 -11.07 14.68
C VAL A 107 9.03 -11.44 14.41
N VAL A 10 5.47 7.27 5.22
CA VAL A 10 4.70 6.40 4.30
C VAL A 10 5.58 6.04 3.08
N LEU A 11 5.19 6.50 1.89
CA LEU A 11 5.93 6.23 0.66
C LEU A 11 7.02 7.28 0.44
N GLY A 12 7.18 8.19 1.40
CA GLY A 12 8.15 9.25 1.25
C GLY A 12 7.59 10.40 0.45
N VAL A 13 6.32 10.68 0.67
CA VAL A 13 5.62 11.70 -0.09
C VAL A 13 4.83 12.61 0.85
N LYS A 14 4.31 13.70 0.30
CA LYS A 14 3.50 14.65 1.06
C LYS A 14 2.03 14.24 0.99
N PRO A 15 1.21 14.66 1.96
CA PRO A 15 -0.24 14.32 1.99
C PRO A 15 -1.00 14.99 0.83
N ASN A 16 -0.36 15.96 0.21
CA ASN A 16 -0.96 16.68 -0.90
C ASN A 16 -0.57 16.06 -2.23
N ALA A 17 0.10 14.91 -2.16
CA ALA A 17 0.57 14.23 -3.35
C ALA A 17 -0.58 13.70 -4.19
N THR A 18 -0.49 13.87 -5.49
CA THR A 18 -1.49 13.39 -6.39
C THR A 18 -1.35 11.87 -6.53
N GLN A 19 -2.48 11.18 -6.71
CA GLN A 19 -2.52 9.72 -6.83
C GLN A 19 -1.58 9.20 -7.94
N GLU A 20 -1.30 10.06 -8.94
CA GLU A 20 -0.39 9.71 -10.04
C GLU A 20 1.01 9.37 -9.52
N GLU A 21 1.48 10.17 -8.57
CA GLU A 21 2.82 10.00 -8.02
C GLU A 21 2.95 8.64 -7.35
N LEU A 22 1.96 8.31 -6.57
CA LEU A 22 1.93 7.07 -5.85
C LEU A 22 1.90 5.90 -6.82
N LYS A 23 1.10 6.08 -7.86
CA LYS A 23 0.93 5.10 -8.92
C LYS A 23 2.29 4.82 -9.58
N LYS A 24 3.01 5.90 -9.78
CA LYS A 24 4.36 5.86 -10.32
C LYS A 24 5.32 5.10 -9.38
N ALA A 25 5.21 5.40 -8.08
CA ALA A 25 6.06 4.80 -7.06
C ALA A 25 5.97 3.27 -7.08
N TYR A 26 4.74 2.75 -7.07
CA TYR A 26 4.54 1.30 -7.07
C TYR A 26 5.19 0.63 -8.29
N ARG A 27 5.07 1.27 -9.45
CA ARG A 27 5.60 0.69 -10.68
C ARG A 27 7.11 0.61 -10.63
N LYS A 28 7.71 1.69 -10.16
CA LYS A 28 9.15 1.75 -10.00
C LYS A 28 9.59 0.72 -8.97
N LEU A 29 8.80 0.59 -7.93
CA LEU A 29 9.08 -0.32 -6.84
C LEU A 29 9.08 -1.77 -7.39
N ALA A 30 8.06 -2.08 -8.21
CA ALA A 30 7.94 -3.40 -8.82
C ALA A 30 9.13 -3.70 -9.72
N LEU A 31 9.55 -2.69 -10.47
CA LEU A 31 10.71 -2.81 -11.34
C LEU A 31 11.98 -3.06 -10.52
N LYS A 32 12.09 -2.35 -9.40
CA LYS A 32 13.21 -2.50 -8.48
C LYS A 32 13.23 -3.89 -7.84
N TYR A 33 12.09 -4.30 -7.31
CA TYR A 33 11.97 -5.58 -6.64
C TYR A 33 11.62 -6.70 -7.60
N HIS A 34 12.12 -6.62 -8.83
CA HIS A 34 11.91 -7.70 -9.81
C HIS A 34 12.45 -8.99 -9.26
N PRO A 35 11.56 -9.93 -8.88
CA PRO A 35 11.96 -11.18 -8.26
C PRO A 35 12.71 -12.15 -9.19
N ASP A 36 12.15 -12.39 -10.39
CA ASP A 36 12.66 -13.44 -11.32
C ASP A 36 12.70 -14.80 -10.60
N LYS A 37 12.04 -14.84 -9.44
CA LYS A 37 11.95 -15.98 -8.56
C LYS A 37 10.50 -16.12 -8.12
N ASN A 38 9.60 -15.93 -9.08
CA ASN A 38 8.11 -15.89 -8.87
C ASN A 38 7.59 -16.69 -7.65
N PRO A 39 7.87 -18.01 -7.52
CA PRO A 39 7.35 -18.80 -6.40
C PRO A 39 7.83 -18.33 -5.01
N ASN A 40 8.97 -17.64 -4.95
CA ASN A 40 9.52 -17.21 -3.66
C ASN A 40 9.34 -15.71 -3.41
N GLU A 41 9.93 -14.89 -4.28
CA GLU A 41 9.88 -13.43 -4.12
C GLU A 41 8.75 -12.82 -4.94
N GLY A 42 8.06 -13.65 -5.69
CA GLY A 42 6.96 -13.17 -6.49
C GLY A 42 5.81 -12.70 -5.64
N GLU A 43 5.68 -13.28 -4.46
CA GLU A 43 4.61 -12.92 -3.54
C GLU A 43 4.74 -11.44 -3.14
N LYS A 44 5.97 -10.99 -2.97
CA LYS A 44 6.25 -9.58 -2.64
C LYS A 44 5.77 -8.68 -3.77
N PHE A 45 6.04 -9.10 -5.00
CA PHE A 45 5.56 -8.41 -6.20
C PHE A 45 4.05 -8.29 -6.18
N LYS A 46 3.41 -9.41 -5.88
CA LYS A 46 1.96 -9.50 -5.86
C LYS A 46 1.37 -8.43 -4.96
N GLN A 47 1.96 -8.24 -3.80
CA GLN A 47 1.44 -7.29 -2.85
C GLN A 47 1.46 -5.89 -3.44
N ILE A 48 2.57 -5.50 -4.06
CA ILE A 48 2.65 -4.21 -4.74
C ILE A 48 1.69 -4.14 -5.91
N SER A 49 1.63 -5.22 -6.71
CA SER A 49 0.77 -5.23 -7.88
C SER A 49 -0.67 -4.98 -7.49
N GLN A 50 -1.15 -5.76 -6.54
CA GLN A 50 -2.52 -5.67 -6.06
C GLN A 50 -2.79 -4.35 -5.34
N ALA A 51 -1.84 -3.90 -4.51
CA ALA A 51 -1.99 -2.63 -3.79
C ALA A 51 -2.06 -1.48 -4.80
N TYR A 52 -1.21 -1.58 -5.80
CA TYR A 52 -1.21 -0.66 -6.93
C TYR A 52 -2.56 -0.69 -7.63
N GLU A 53 -3.03 -1.89 -7.89
CA GLU A 53 -4.31 -2.11 -8.54
C GLU A 53 -5.45 -1.45 -7.75
N VAL A 54 -5.38 -1.55 -6.43
CA VAL A 54 -6.35 -0.92 -5.54
C VAL A 54 -6.25 0.61 -5.65
N LEU A 55 -5.05 1.09 -5.73
CA LEU A 55 -4.81 2.51 -5.91
C LEU A 55 -5.43 2.98 -7.21
N SER A 56 -5.25 2.19 -8.22
CA SER A 56 -5.84 2.44 -9.52
C SER A 56 -7.35 2.15 -9.52
N ASP A 57 -7.88 1.72 -8.37
CA ASP A 57 -9.31 1.42 -8.27
C ASP A 57 -10.12 2.71 -8.14
N ALA A 58 -11.16 2.82 -8.97
CA ALA A 58 -12.01 4.00 -9.04
C ALA A 58 -12.53 4.44 -7.67
N LYS A 59 -13.09 3.50 -6.95
CA LYS A 59 -13.74 3.79 -5.69
C LYS A 59 -12.75 4.26 -4.66
N LYS A 60 -11.61 3.59 -4.63
CA LYS A 60 -10.61 3.87 -3.61
C LYS A 60 -10.05 5.27 -3.79
N ARG A 61 -9.83 5.68 -5.03
CA ARG A 61 -9.36 7.02 -5.30
C ARG A 61 -10.37 8.06 -4.88
N GLU A 62 -11.66 7.81 -5.15
CA GLU A 62 -12.71 8.73 -4.70
C GLU A 62 -12.68 8.86 -3.19
N LEU A 63 -12.47 7.72 -2.55
CA LEU A 63 -12.38 7.65 -1.11
C LEU A 63 -11.20 8.47 -0.58
N TYR A 64 -10.05 8.39 -1.28
CA TYR A 64 -8.87 9.19 -0.94
C TYR A 64 -9.14 10.69 -1.08
N ASP A 65 -9.64 11.08 -2.25
CA ASP A 65 -9.88 12.49 -2.58
C ASP A 65 -10.90 13.13 -1.65
N LYS A 66 -12.03 12.47 -1.47
CA LYS A 66 -13.10 13.01 -0.63
C LYS A 66 -12.87 12.69 0.84
N GLY A 67 -11.96 11.78 1.11
CA GLY A 67 -11.74 11.34 2.48
C GLY A 67 -10.89 12.28 3.28
N GLY A 68 -9.83 12.80 2.69
CA GLY A 68 -8.96 13.67 3.42
C GLY A 68 -7.51 13.38 3.17
N GLU A 69 -7.06 13.65 1.94
CA GLU A 69 -5.65 13.44 1.55
C GLU A 69 -4.71 14.14 2.54
N GLN A 70 -5.07 15.35 2.92
CA GLN A 70 -4.29 16.16 3.86
C GLN A 70 -4.35 15.56 5.28
N ALA A 71 -5.40 14.79 5.54
CA ALA A 71 -5.61 14.15 6.83
C ALA A 71 -4.94 12.77 6.90
N ILE A 72 -4.56 12.27 5.74
CA ILE A 72 -3.95 10.93 5.59
C ILE A 72 -2.46 10.94 5.99
N LYS A 73 -1.98 12.10 6.43
CA LYS A 73 -0.60 12.24 6.90
C LYS A 73 -0.31 11.41 8.15
N GLU A 74 -1.21 11.50 9.14
CA GLU A 74 -1.04 10.81 10.43
C GLU A 74 0.24 11.26 11.15
N GLY A 75 0.50 10.64 12.29
CA GLY A 75 1.70 10.95 13.04
C GLY A 75 2.64 9.77 13.12
N GLY A 76 2.06 8.56 13.03
CA GLY A 76 2.87 7.36 13.10
C GLY A 76 2.91 6.75 14.48
N ALA A 77 2.28 7.43 15.43
CA ALA A 77 2.27 6.99 16.82
C ALA A 77 1.27 5.85 17.05
N GLY A 78 1.78 4.63 17.03
CA GLY A 78 0.94 3.47 17.27
C GLY A 78 0.02 3.17 16.12
N GLY A 79 0.29 3.81 14.99
CA GLY A 79 -0.53 3.61 13.82
C GLY A 79 -0.19 2.34 13.09
N GLY A 80 -1.03 1.97 12.12
CA GLY A 80 -0.79 0.77 11.36
C GLY A 80 0.19 0.99 10.23
N PHE A 81 1.36 1.50 10.56
CA PHE A 81 2.37 1.77 9.57
C PHE A 81 3.21 0.52 9.36
N GLY A 82 3.16 0.01 8.15
CA GLY A 82 3.90 -1.19 7.84
C GLY A 82 4.67 -1.08 6.55
N SER A 83 4.42 -2.02 5.66
CA SER A 83 5.10 -2.05 4.39
C SER A 83 4.39 -1.10 3.39
N PRO A 84 4.99 -0.87 2.20
CA PRO A 84 4.46 0.09 1.21
C PRO A 84 3.06 -0.28 0.69
N MET A 85 2.71 -1.54 0.79
CA MET A 85 1.41 -1.99 0.26
C MET A 85 0.35 -2.13 1.36
N ASP A 86 0.79 -2.26 2.61
CA ASP A 86 -0.13 -2.44 3.75
C ASP A 86 -1.05 -1.25 3.93
N ILE A 87 -0.69 -0.12 3.34
CA ILE A 87 -1.43 1.13 3.50
C ILE A 87 -2.93 0.93 3.35
N PHE A 88 -3.35 0.37 2.24
CA PHE A 88 -4.78 0.18 1.99
C PHE A 88 -5.39 -0.90 2.85
N ASP A 89 -4.66 -1.97 3.10
CA ASP A 89 -5.17 -3.06 3.95
C ASP A 89 -5.41 -2.52 5.33
N MET A 90 -4.50 -1.66 5.74
CA MET A 90 -4.56 -1.02 7.03
C MET A 90 -5.70 0.00 7.09
N PHE A 91 -5.77 0.88 6.08
CA PHE A 91 -6.81 1.91 6.02
C PHE A 91 -8.19 1.32 5.96
N PHE A 92 -8.35 0.28 5.19
CA PHE A 92 -9.62 -0.37 5.04
C PHE A 92 -9.75 -1.48 6.07
N GLY A 93 -8.78 -1.55 6.96
CA GLY A 93 -8.76 -2.58 7.98
C GLY A 93 -9.02 -2.03 9.36
N GLY A 94 -9.80 -0.97 9.42
CA GLY A 94 -10.11 -0.34 10.70
C GLY A 94 -11.06 -1.15 11.56
N GLY A 95 -11.52 -2.27 11.04
CA GLY A 95 -12.47 -3.07 11.78
C GLY A 95 -11.85 -4.31 12.41
N GLY A 96 -11.02 -4.12 13.41
CA GLY A 96 -10.47 -5.24 14.17
C GLY A 96 -9.25 -5.92 13.55
N ARG A 97 -8.56 -5.26 12.64
CA ARG A 97 -7.35 -5.85 12.04
C ARG A 97 -6.17 -4.87 12.00
N MET A 98 -6.38 -3.70 12.59
CA MET A 98 -5.32 -2.68 12.72
C MET A 98 -4.26 -3.13 13.69
N GLN A 99 -4.68 -3.90 14.67
CA GLN A 99 -3.82 -4.39 15.74
C GLN A 99 -2.87 -5.48 15.23
N ARG A 100 -3.07 -5.88 13.98
CA ARG A 100 -2.24 -6.91 13.34
C ARG A 100 -0.92 -6.33 12.84
N GLU A 101 0.00 -7.23 12.54
CA GLU A 101 1.31 -6.84 12.05
C GLU A 101 1.28 -6.67 10.55
N ARG A 102 2.28 -6.00 10.01
CA ARG A 102 2.34 -5.73 8.58
C ARG A 102 2.60 -7.00 7.78
N ARG A 103 2.22 -6.97 6.51
CA ARG A 103 2.41 -8.09 5.63
C ARG A 103 3.88 -8.18 5.21
N GLY A 104 4.45 -9.36 5.33
CA GLY A 104 5.82 -9.55 4.97
C GLY A 104 6.77 -9.10 6.07
N LYS A 105 6.23 -8.97 7.28
CA LYS A 105 7.03 -8.55 8.42
C LYS A 105 8.09 -9.62 8.73
N ASN A 106 9.33 -9.19 8.88
CA ASN A 106 10.43 -10.12 9.13
C ASN A 106 10.66 -10.32 10.62
N VAL A 107 9.74 -9.78 11.43
CA VAL A 107 9.76 -9.88 12.90
C VAL A 107 11.18 -9.86 13.48
N VAL A 10 8.63 5.52 4.56
CA VAL A 10 8.13 4.33 3.85
C VAL A 10 8.29 4.49 2.33
N LEU A 11 7.33 5.18 1.71
CA LEU A 11 7.34 5.36 0.27
C LEU A 11 8.11 6.63 -0.11
N GLY A 12 8.37 7.48 0.89
CA GLY A 12 9.14 8.69 0.66
C GLY A 12 8.37 9.77 -0.08
N VAL A 13 7.06 9.65 -0.10
CA VAL A 13 6.22 10.61 -0.81
C VAL A 13 5.60 11.63 0.14
N LYS A 14 5.01 12.66 -0.43
CA LYS A 14 4.35 13.72 0.35
C LYS A 14 2.87 13.35 0.55
N PRO A 15 2.25 13.83 1.64
CA PRO A 15 0.81 13.61 1.87
C PRO A 15 -0.03 14.52 0.98
N ASN A 16 0.65 15.48 0.37
CA ASN A 16 0.00 16.45 -0.52
C ASN A 16 0.19 16.00 -1.97
N ALA A 17 0.49 14.74 -2.17
CA ALA A 17 0.71 14.21 -3.50
C ALA A 17 -0.53 13.52 -4.04
N THR A 18 -0.75 13.67 -5.33
CA THR A 18 -1.90 13.07 -5.97
C THR A 18 -1.69 11.57 -6.21
N GLN A 19 -2.77 10.89 -6.58
CA GLN A 19 -2.77 9.46 -6.81
C GLN A 19 -1.85 9.08 -7.98
N GLU A 20 -1.70 10.00 -8.93
CA GLU A 20 -0.82 9.78 -10.10
C GLU A 20 0.61 9.50 -9.66
N GLU A 21 1.07 10.24 -8.65
CA GLU A 21 2.44 10.10 -8.14
C GLU A 21 2.64 8.70 -7.58
N LEU A 22 1.68 8.28 -6.81
CA LEU A 22 1.71 6.98 -6.17
C LEU A 22 1.71 5.88 -7.23
N LYS A 23 0.94 6.10 -8.27
CA LYS A 23 0.86 5.18 -9.40
C LYS A 23 2.25 4.97 -9.98
N LYS A 24 2.94 6.08 -10.13
CA LYS A 24 4.30 6.12 -10.61
C LYS A 24 5.26 5.39 -9.64
N ALA A 25 5.06 5.61 -8.36
CA ALA A 25 5.86 4.99 -7.30
C ALA A 25 5.82 3.48 -7.40
N TYR A 26 4.62 2.92 -7.48
CA TYR A 26 4.45 1.47 -7.57
C TYR A 26 5.15 0.86 -8.78
N ARG A 27 5.13 1.57 -9.91
CA ARG A 27 5.74 1.05 -11.14
C ARG A 27 7.24 0.88 -10.94
N LYS A 28 7.87 1.95 -10.47
CA LYS A 28 9.28 1.96 -10.18
C LYS A 28 9.60 0.98 -9.06
N LEU A 29 8.68 0.90 -8.13
CA LEU A 29 8.79 0.02 -6.99
C LEU A 29 8.82 -1.45 -7.47
N ALA A 30 7.91 -1.78 -8.39
CA ALA A 30 7.84 -3.12 -8.98
C ALA A 30 9.12 -3.46 -9.71
N LEU A 31 9.68 -2.45 -10.39
CA LEU A 31 10.94 -2.59 -11.10
C LEU A 31 12.05 -2.92 -10.11
N LYS A 32 12.03 -2.22 -8.99
CA LYS A 32 12.99 -2.40 -7.91
C LYS A 32 12.85 -3.78 -7.25
N TYR A 33 11.62 -4.14 -6.92
CA TYR A 33 11.33 -5.38 -6.23
C TYR A 33 11.15 -6.56 -7.17
N HIS A 34 11.64 -6.46 -8.41
CA HIS A 34 11.61 -7.60 -9.33
C HIS A 34 12.44 -8.74 -8.77
N PRO A 35 11.80 -9.81 -8.31
CA PRO A 35 12.51 -10.92 -7.70
C PRO A 35 13.15 -11.87 -8.71
N ASP A 36 12.38 -12.23 -9.76
CA ASP A 36 12.78 -13.28 -10.72
C ASP A 36 12.95 -14.59 -9.98
N LYS A 37 12.35 -14.62 -8.79
CA LYS A 37 12.41 -15.73 -7.87
C LYS A 37 10.99 -16.06 -7.43
N ASN A 38 10.07 -16.02 -8.41
CA ASN A 38 8.61 -16.24 -8.22
C ASN A 38 8.24 -17.17 -7.05
N PRO A 39 8.83 -18.40 -6.94
CA PRO A 39 8.53 -19.32 -5.84
C PRO A 39 8.72 -18.71 -4.44
N ASN A 40 9.75 -17.88 -4.29
CA ASN A 40 10.07 -17.31 -2.97
C ASN A 40 9.53 -15.89 -2.77
N GLU A 41 9.96 -14.95 -3.61
CA GLU A 41 9.56 -13.52 -3.46
C GLU A 41 8.45 -13.11 -4.42
N GLY A 42 7.79 -14.08 -5.03
CA GLY A 42 6.74 -13.77 -5.99
C GLY A 42 5.54 -13.10 -5.36
N GLU A 43 5.20 -13.51 -4.14
CA GLU A 43 4.04 -12.95 -3.43
C GLU A 43 4.26 -11.45 -3.18
N LYS A 44 5.51 -11.04 -2.93
CA LYS A 44 5.82 -9.65 -2.64
C LYS A 44 5.47 -8.77 -3.83
N PHE A 45 5.86 -9.21 -5.02
CA PHE A 45 5.51 -8.51 -6.24
C PHE A 45 4.02 -8.37 -6.34
N LYS A 46 3.37 -9.47 -6.12
CA LYS A 46 1.92 -9.55 -6.17
C LYS A 46 1.28 -8.52 -5.24
N GLN A 47 1.90 -8.29 -4.09
CA GLN A 47 1.39 -7.32 -3.15
C GLN A 47 1.35 -5.94 -3.79
N ILE A 48 2.46 -5.54 -4.43
CA ILE A 48 2.50 -4.26 -5.16
C ILE A 48 1.52 -4.24 -6.31
N SER A 49 1.48 -5.33 -7.09
CA SER A 49 0.62 -5.37 -8.26
C SER A 49 -0.83 -5.16 -7.88
N GLN A 50 -1.28 -5.88 -6.88
CA GLN A 50 -2.65 -5.78 -6.40
C GLN A 50 -2.91 -4.47 -5.68
N ALA A 51 -1.94 -4.02 -4.88
CA ALA A 51 -2.06 -2.74 -4.16
C ALA A 51 -2.16 -1.60 -5.15
N TYR A 52 -1.35 -1.70 -6.19
CA TYR A 52 -1.38 -0.77 -7.29
C TYR A 52 -2.75 -0.74 -7.92
N GLU A 53 -3.27 -1.92 -8.15
CA GLU A 53 -4.59 -2.10 -8.73
C GLU A 53 -5.67 -1.43 -7.88
N VAL A 54 -5.50 -1.49 -6.56
CA VAL A 54 -6.41 -0.83 -5.64
C VAL A 54 -6.32 0.69 -5.81
N LEU A 55 -5.09 1.16 -5.96
CA LEU A 55 -4.83 2.58 -6.19
C LEU A 55 -5.45 3.03 -7.49
N SER A 56 -5.27 2.21 -8.50
CA SER A 56 -5.82 2.49 -9.80
C SER A 56 -7.33 2.30 -9.80
N ASP A 57 -7.88 1.88 -8.67
CA ASP A 57 -9.32 1.68 -8.56
C ASP A 57 -10.03 3.01 -8.36
N ALA A 58 -11.13 3.19 -9.08
CA ALA A 58 -11.88 4.45 -9.05
C ALA A 58 -12.28 4.88 -7.63
N LYS A 59 -12.88 3.97 -6.87
CA LYS A 59 -13.36 4.31 -5.54
C LYS A 59 -12.28 4.57 -4.57
N LYS A 60 -11.22 3.84 -4.64
CA LYS A 60 -10.16 4.02 -3.68
C LYS A 60 -9.54 5.39 -3.83
N ARG A 61 -9.42 5.85 -5.07
CA ARG A 61 -8.96 7.20 -5.35
C ARG A 61 -9.95 8.24 -4.79
N GLU A 62 -11.24 8.01 -5.02
CA GLU A 62 -12.30 8.91 -4.52
C GLU A 62 -12.30 8.95 -3.00
N LEU A 63 -12.25 7.79 -2.40
CA LEU A 63 -12.29 7.64 -0.95
C LEU A 63 -11.07 8.31 -0.33
N TYR A 64 -9.91 8.15 -0.97
CA TYR A 64 -8.69 8.80 -0.51
C TYR A 64 -8.85 10.32 -0.51
N ASP A 65 -9.35 10.86 -1.62
CA ASP A 65 -9.52 12.30 -1.78
C ASP A 65 -10.56 12.85 -0.81
N LYS A 66 -11.72 12.22 -0.79
CA LYS A 66 -12.86 12.70 -0.03
C LYS A 66 -12.80 12.30 1.45
N GLY A 67 -11.96 11.34 1.76
CA GLY A 67 -11.87 10.86 3.13
C GLY A 67 -10.89 11.64 3.98
N GLY A 68 -9.74 11.96 3.41
CA GLY A 68 -8.73 12.69 4.17
C GLY A 68 -7.35 12.50 3.60
N GLU A 69 -7.15 13.02 2.41
CA GLU A 69 -5.87 12.93 1.69
C GLU A 69 -4.71 13.30 2.59
N GLN A 70 -4.78 14.50 3.11
CA GLN A 70 -3.71 15.03 3.91
C GLN A 70 -3.75 14.48 5.33
N ALA A 71 -4.88 13.92 5.71
CA ALA A 71 -5.05 13.33 7.03
C ALA A 71 -4.40 11.95 7.10
N ILE A 72 -4.05 11.44 5.93
CA ILE A 72 -3.42 10.14 5.80
C ILE A 72 -1.87 10.27 5.95
N LYS A 73 -1.45 11.46 6.39
CA LYS A 73 -0.03 11.73 6.65
C LYS A 73 0.48 10.86 7.81
N GLU A 74 -0.38 10.60 8.77
CA GLU A 74 -0.02 9.74 9.89
C GLU A 74 -0.25 8.29 9.45
N GLY A 75 0.84 7.54 9.33
CA GLY A 75 0.79 6.18 8.79
C GLY A 75 0.19 5.12 9.71
N GLY A 76 -1.01 5.38 10.24
CA GLY A 76 -1.70 4.40 11.07
C GLY A 76 -0.96 4.03 12.35
N ALA A 77 -0.13 2.97 12.26
CA ALA A 77 0.65 2.47 13.41
C ALA A 77 -0.25 1.91 14.52
N GLY A 78 -1.43 1.44 14.14
CA GLY A 78 -2.35 0.88 15.11
C GLY A 78 -3.28 -0.15 14.51
N GLY A 79 -4.12 0.28 13.57
CA GLY A 79 -5.07 -0.63 12.93
C GLY A 79 -4.51 -1.32 11.71
N GLY A 80 -3.20 -1.25 11.56
CA GLY A 80 -2.54 -1.87 10.42
C GLY A 80 -1.07 -1.52 10.38
N PHE A 81 -0.25 -2.50 10.02
CA PHE A 81 1.21 -2.33 9.90
C PHE A 81 1.85 -3.59 9.35
N GLY A 82 1.83 -3.74 8.03
CA GLY A 82 2.41 -4.91 7.42
C GLY A 82 3.43 -4.58 6.35
N SER A 83 3.02 -3.84 5.36
CA SER A 83 3.87 -3.50 4.24
C SER A 83 3.50 -2.12 3.67
N PRO A 84 4.27 -1.55 2.72
CA PRO A 84 3.95 -0.26 2.12
C PRO A 84 2.67 -0.33 1.29
N MET A 85 2.30 -1.53 0.91
CA MET A 85 1.12 -1.76 0.12
C MET A 85 -0.12 -1.94 1.02
N ASP A 86 0.09 -2.58 2.18
CA ASP A 86 -0.99 -2.88 3.14
C ASP A 86 -1.62 -1.62 3.72
N ILE A 87 -0.94 -0.48 3.53
CA ILE A 87 -1.40 0.79 4.06
C ILE A 87 -2.85 1.08 3.64
N PHE A 88 -3.15 0.88 2.37
CA PHE A 88 -4.51 1.08 1.91
C PHE A 88 -5.46 0.05 2.49
N ASP A 89 -4.98 -1.18 2.60
CA ASP A 89 -5.80 -2.25 3.17
C ASP A 89 -6.19 -1.93 4.59
N MET A 90 -5.31 -1.27 5.31
CA MET A 90 -5.62 -0.80 6.66
C MET A 90 -6.77 0.21 6.64
N PHE A 91 -6.69 1.16 5.71
CA PHE A 91 -7.71 2.20 5.60
C PHE A 91 -9.06 1.68 5.19
N PHE A 92 -9.06 0.71 4.33
CA PHE A 92 -10.30 0.11 3.87
C PHE A 92 -10.47 -1.25 4.53
N GLY A 93 -9.83 -1.41 5.70
CA GLY A 93 -9.88 -2.69 6.40
C GLY A 93 -10.61 -2.61 7.71
N GLY A 94 -11.50 -1.64 7.84
CA GLY A 94 -12.25 -1.43 9.07
C GLY A 94 -13.29 -2.51 9.35
N GLY A 95 -13.27 -3.58 8.57
CA GLY A 95 -14.20 -4.65 8.79
C GLY A 95 -13.55 -6.01 8.77
N GLY A 96 -13.04 -6.43 9.91
CA GLY A 96 -12.46 -7.75 10.05
C GLY A 96 -11.03 -7.86 9.53
N ARG A 97 -10.63 -6.95 8.65
CA ARG A 97 -9.30 -7.02 8.06
C ARG A 97 -8.22 -6.60 9.07
N MET A 98 -8.61 -5.78 10.02
CA MET A 98 -7.71 -5.29 11.09
C MET A 98 -7.25 -6.44 11.98
N GLN A 99 -8.06 -7.49 12.00
CA GLN A 99 -7.79 -8.64 12.84
C GLN A 99 -6.85 -9.62 12.12
N ARG A 100 -6.51 -9.27 10.88
CA ARG A 100 -5.61 -10.07 10.07
C ARG A 100 -4.17 -9.64 10.29
N GLU A 101 -3.26 -10.57 10.13
CA GLU A 101 -1.84 -10.34 10.39
C GLU A 101 -1.09 -9.94 9.10
N ARG A 102 0.23 -9.74 9.24
CA ARG A 102 1.08 -9.36 8.11
C ARG A 102 1.31 -10.57 7.24
N ARG A 103 1.64 -10.33 5.98
CA ARG A 103 1.95 -11.41 5.08
C ARG A 103 3.40 -11.85 5.30
N GLY A 104 3.58 -12.86 6.13
CA GLY A 104 4.91 -13.34 6.45
C GLY A 104 5.29 -13.05 7.89
N LYS A 105 4.30 -13.16 8.78
CA LYS A 105 4.49 -12.91 10.21
C LYS A 105 5.04 -14.19 10.86
N ASN A 106 6.10 -14.05 11.67
CA ASN A 106 6.79 -15.21 12.24
C ASN A 106 6.10 -15.80 13.47
N VAL A 107 5.12 -15.07 14.01
CA VAL A 107 4.39 -15.53 15.18
C VAL A 107 3.28 -14.55 15.51
N VAL A 10 9.44 4.46 4.71
CA VAL A 10 9.72 3.26 3.92
C VAL A 10 9.63 3.54 2.41
N LEU A 11 8.58 4.25 1.98
CA LEU A 11 8.39 4.57 0.57
C LEU A 11 9.13 5.84 0.18
N GLY A 12 9.50 6.65 1.18
CA GLY A 12 10.22 7.88 0.91
C GLY A 12 9.36 8.90 0.19
N VAL A 13 8.07 8.93 0.52
CA VAL A 13 7.14 9.82 -0.14
C VAL A 13 6.46 10.75 0.86
N LYS A 14 6.35 12.01 0.50
CA LYS A 14 5.71 13.01 1.34
C LYS A 14 4.19 12.84 1.30
N PRO A 15 3.47 13.25 2.37
CA PRO A 15 2.02 13.08 2.46
C PRO A 15 1.25 14.07 1.57
N ASN A 16 1.99 15.00 0.98
CA ASN A 16 1.38 16.01 0.12
C ASN A 16 1.45 15.60 -1.35
N ALA A 17 1.80 14.35 -1.59
CA ALA A 17 1.91 13.82 -2.94
C ALA A 17 0.54 13.42 -3.49
N THR A 18 0.34 13.60 -4.79
CA THR A 18 -0.89 13.22 -5.45
C THR A 18 -0.93 11.71 -5.74
N GLN A 19 -2.10 11.23 -6.12
CA GLN A 19 -2.32 9.80 -6.38
C GLN A 19 -1.46 9.32 -7.56
N GLU A 20 -1.23 10.22 -8.52
CA GLU A 20 -0.38 9.90 -9.67
C GLU A 20 1.02 9.50 -9.24
N GLU A 21 1.54 10.20 -8.25
CA GLU A 21 2.87 9.94 -7.73
C GLU A 21 2.94 8.53 -7.16
N LEU A 22 1.92 8.19 -6.40
CA LEU A 22 1.84 6.88 -5.77
C LEU A 22 1.76 5.79 -6.82
N LYS A 23 0.97 6.06 -7.85
CA LYS A 23 0.79 5.14 -8.99
C LYS A 23 2.13 4.87 -9.64
N LYS A 24 2.88 5.94 -9.78
CA LYS A 24 4.23 5.92 -10.31
C LYS A 24 5.17 5.10 -9.39
N ALA A 25 5.05 5.34 -8.09
CA ALA A 25 5.87 4.68 -7.08
C ALA A 25 5.77 3.18 -7.19
N TYR A 26 4.55 2.67 -7.25
CA TYR A 26 4.34 1.22 -7.35
C TYR A 26 5.00 0.62 -8.58
N ARG A 27 4.93 1.32 -9.71
CA ARG A 27 5.50 0.82 -10.96
C ARG A 27 7.01 0.68 -10.83
N LYS A 28 7.65 1.75 -10.39
CA LYS A 28 9.07 1.75 -10.16
C LYS A 28 9.46 0.80 -9.04
N LEU A 29 8.60 0.70 -8.04
CA LEU A 29 8.81 -0.17 -6.90
C LEU A 29 8.86 -1.62 -7.38
N ALA A 30 7.92 -1.97 -8.25
CA ALA A 30 7.84 -3.31 -8.83
C ALA A 30 9.10 -3.61 -9.63
N LEU A 31 9.57 -2.60 -10.36
CA LEU A 31 10.79 -2.71 -11.12
C LEU A 31 11.99 -2.93 -10.19
N LYS A 32 11.98 -2.22 -9.07
CA LYS A 32 13.02 -2.32 -8.06
C LYS A 32 13.04 -3.72 -7.42
N TYR A 33 11.87 -4.17 -6.99
CA TYR A 33 11.75 -5.46 -6.34
C TYR A 33 11.52 -6.59 -7.33
N HIS A 34 11.92 -6.38 -8.61
CA HIS A 34 11.79 -7.41 -9.64
C HIS A 34 12.40 -8.71 -9.11
N PRO A 35 11.55 -9.68 -8.78
CA PRO A 35 12.00 -10.92 -8.15
C PRO A 35 12.84 -11.82 -9.06
N ASP A 36 12.30 -12.09 -10.26
CA ASP A 36 12.86 -13.10 -11.19
C ASP A 36 12.93 -14.45 -10.48
N LYS A 37 12.28 -14.52 -9.33
CA LYS A 37 12.19 -15.70 -8.50
C LYS A 37 10.75 -15.86 -8.07
N ASN A 38 9.84 -15.61 -9.01
CA ASN A 38 8.36 -15.63 -8.79
C ASN A 38 7.89 -16.62 -7.67
N PRO A 39 8.35 -17.91 -7.66
CA PRO A 39 7.96 -18.85 -6.60
C PRO A 39 8.26 -18.35 -5.16
N ASN A 40 9.33 -17.58 -4.99
CA ASN A 40 9.73 -17.10 -3.66
C ASN A 40 9.42 -15.61 -3.45
N GLU A 41 9.98 -14.77 -4.31
CA GLU A 41 9.82 -13.32 -4.19
C GLU A 41 8.64 -12.81 -5.00
N GLY A 42 7.90 -13.73 -5.62
CA GLY A 42 6.76 -13.35 -6.42
C GLY A 42 5.67 -12.75 -5.59
N GLU A 43 5.50 -13.27 -4.37
CA GLU A 43 4.49 -12.77 -3.45
C GLU A 43 4.75 -11.31 -3.13
N LYS A 44 6.00 -10.96 -2.99
CA LYS A 44 6.41 -9.59 -2.70
C LYS A 44 5.97 -8.68 -3.83
N PHE A 45 6.21 -9.11 -5.06
CA PHE A 45 5.71 -8.40 -6.24
C PHE A 45 4.19 -8.32 -6.22
N LYS A 46 3.58 -9.47 -5.97
CA LYS A 46 2.12 -9.60 -5.96
C LYS A 46 1.48 -8.59 -5.01
N GLN A 47 2.13 -8.35 -3.88
CA GLN A 47 1.63 -7.39 -2.92
C GLN A 47 1.51 -6.02 -3.58
N ILE A 48 2.57 -5.60 -4.28
CA ILE A 48 2.56 -4.32 -5.01
C ILE A 48 1.54 -4.32 -6.12
N SER A 49 1.48 -5.41 -6.88
CA SER A 49 0.58 -5.47 -8.02
C SER A 49 -0.86 -5.24 -7.60
N GLN A 50 -1.28 -5.98 -6.61
CA GLN A 50 -2.64 -5.88 -6.09
C GLN A 50 -2.87 -4.54 -5.39
N ALA A 51 -1.88 -4.08 -4.63
CA ALA A 51 -1.97 -2.78 -3.93
C ALA A 51 -2.13 -1.68 -4.94
N TYR A 52 -1.33 -1.75 -5.98
CA TYR A 52 -1.41 -0.84 -7.10
C TYR A 52 -2.80 -0.86 -7.72
N GLU A 53 -3.26 -2.06 -7.96
CA GLU A 53 -4.58 -2.28 -8.53
C GLU A 53 -5.67 -1.64 -7.67
N VAL A 54 -5.51 -1.74 -6.36
CA VAL A 54 -6.42 -1.12 -5.41
C VAL A 54 -6.29 0.42 -5.49
N LEU A 55 -5.08 0.91 -5.62
CA LEU A 55 -4.83 2.34 -5.71
C LEU A 55 -5.51 2.92 -6.91
N SER A 56 -5.30 2.29 -8.04
CA SER A 56 -5.92 2.72 -9.26
C SER A 56 -7.39 2.26 -9.34
N ASP A 57 -7.93 1.78 -8.22
CA ASP A 57 -9.34 1.38 -8.15
C ASP A 57 -10.24 2.61 -8.03
N ALA A 58 -11.35 2.60 -8.77
CA ALA A 58 -12.26 3.74 -8.85
C ALA A 58 -12.72 4.25 -7.47
N LYS A 59 -13.21 3.35 -6.63
CA LYS A 59 -13.72 3.75 -5.31
C LYS A 59 -12.61 4.25 -4.43
N LYS A 60 -11.47 3.60 -4.49
CA LYS A 60 -10.37 3.95 -3.62
C LYS A 60 -9.87 5.35 -3.93
N ARG A 61 -9.79 5.68 -5.22
CA ARG A 61 -9.38 7.02 -5.63
C ARG A 61 -10.39 8.04 -5.12
N GLU A 62 -11.67 7.71 -5.27
CA GLU A 62 -12.75 8.59 -4.81
C GLU A 62 -12.64 8.85 -3.33
N LEU A 63 -12.40 7.78 -2.59
CA LEU A 63 -12.30 7.88 -1.14
C LEU A 63 -11.13 8.78 -0.74
N TYR A 64 -9.99 8.59 -1.42
CA TYR A 64 -8.79 9.40 -1.18
C TYR A 64 -9.06 10.88 -1.51
N ASP A 65 -9.67 11.12 -2.67
CA ASP A 65 -9.97 12.48 -3.14
C ASP A 65 -10.93 13.22 -2.21
N LYS A 66 -11.86 12.48 -1.64
CA LYS A 66 -12.89 13.06 -0.78
C LYS A 66 -12.33 13.53 0.56
N GLY A 67 -11.98 12.59 1.44
CA GLY A 67 -11.48 12.99 2.74
C GLY A 67 -10.79 11.86 3.48
N GLY A 68 -9.59 12.14 3.99
CA GLY A 68 -8.87 11.14 4.74
C GLY A 68 -7.41 11.09 4.39
N GLU A 69 -7.03 11.85 3.36
CA GLU A 69 -5.66 11.92 2.81
C GLU A 69 -4.58 11.89 3.92
N GLN A 70 -4.70 12.84 4.86
CA GLN A 70 -3.72 13.01 5.94
C GLN A 70 -3.72 11.83 6.90
N ALA A 71 -4.88 11.22 7.07
CA ALA A 71 -5.03 10.08 7.99
C ALA A 71 -4.59 8.78 7.33
N ILE A 72 -4.12 8.88 6.11
CA ILE A 72 -3.71 7.70 5.35
C ILE A 72 -2.21 7.42 5.55
N LYS A 73 -1.48 8.38 6.09
CA LYS A 73 -0.07 8.18 6.37
C LYS A 73 0.22 8.39 7.85
N GLU A 74 0.28 7.29 8.57
CA GLU A 74 0.57 7.31 10.00
C GLU A 74 1.38 6.07 10.35
N GLY A 75 1.95 6.04 11.55
CA GLY A 75 2.74 4.90 11.97
C GLY A 75 1.94 3.61 11.96
N GLY A 76 0.68 3.69 12.37
CA GLY A 76 -0.18 2.53 12.38
C GLY A 76 0.11 1.63 13.56
N ALA A 77 0.75 2.18 14.57
CA ALA A 77 1.11 1.44 15.76
C ALA A 77 -0.14 1.03 16.52
N GLY A 78 -0.24 -0.23 16.84
CA GLY A 78 -1.39 -0.72 17.55
C GLY A 78 -2.44 -1.28 16.61
N GLY A 79 -2.33 -0.93 15.34
CA GLY A 79 -3.27 -1.40 14.35
C GLY A 79 -2.80 -2.66 13.69
N GLY A 80 -2.60 -2.60 12.38
CA GLY A 80 -2.15 -3.76 11.64
C GLY A 80 -0.91 -3.45 10.84
N PHE A 81 0.13 -3.02 11.53
CA PHE A 81 1.39 -2.68 10.88
C PHE A 81 2.00 -3.89 10.17
N GLY A 82 1.94 -3.86 8.85
CA GLY A 82 2.49 -4.95 8.07
C GLY A 82 3.58 -4.49 7.11
N SER A 83 3.26 -4.51 5.83
CA SER A 83 4.23 -4.15 4.81
C SER A 83 3.90 -2.76 4.19
N PRO A 84 4.77 -2.19 3.30
CA PRO A 84 4.55 -0.86 2.69
C PRO A 84 3.24 -0.78 1.91
N MET A 85 3.02 -1.77 1.07
CA MET A 85 1.80 -1.87 0.26
C MET A 85 0.60 -2.15 1.14
N ASP A 86 0.83 -2.97 2.16
CA ASP A 86 -0.17 -3.37 3.15
C ASP A 86 -0.72 -2.17 3.93
N ILE A 87 -0.03 -1.02 3.86
CA ILE A 87 -0.46 0.18 4.57
C ILE A 87 -1.86 0.60 4.10
N PHE A 88 -2.08 0.58 2.80
CA PHE A 88 -3.38 0.92 2.24
C PHE A 88 -4.42 -0.12 2.63
N ASP A 89 -3.98 -1.37 2.67
CA ASP A 89 -4.85 -2.47 3.05
C ASP A 89 -5.28 -2.34 4.52
N MET A 90 -4.48 -1.65 5.30
CA MET A 90 -4.83 -1.39 6.68
C MET A 90 -5.80 -0.22 6.80
N PHE A 91 -5.43 0.92 6.22
CA PHE A 91 -6.27 2.12 6.28
C PHE A 91 -7.58 1.96 5.52
N PHE A 92 -7.51 1.27 4.40
CA PHE A 92 -8.69 1.03 3.60
C PHE A 92 -9.24 -0.35 3.92
N GLY A 93 -8.81 -0.90 5.04
CA GLY A 93 -9.24 -2.21 5.42
C GLY A 93 -10.47 -2.21 6.29
N GLY A 94 -11.05 -1.03 6.49
CA GLY A 94 -12.24 -0.90 7.34
C GLY A 94 -13.50 -1.44 6.69
N GLY A 95 -13.52 -2.74 6.46
CA GLY A 95 -14.67 -3.37 5.89
C GLY A 95 -14.31 -4.50 4.95
N GLY A 96 -14.24 -5.72 5.48
CA GLY A 96 -13.93 -6.88 4.67
C GLY A 96 -12.45 -7.02 4.36
N ARG A 97 -11.62 -6.47 5.22
CA ARG A 97 -10.18 -6.53 4.99
C ARG A 97 -9.40 -6.60 6.32
N MET A 98 -10.05 -6.18 7.40
CA MET A 98 -9.44 -6.25 8.74
C MET A 98 -9.23 -7.69 9.14
N GLN A 99 -10.12 -8.54 8.65
CA GLN A 99 -10.08 -9.95 8.93
C GLN A 99 -8.94 -10.62 8.16
N ARG A 100 -8.32 -9.86 7.25
CA ARG A 100 -7.19 -10.35 6.46
C ARG A 100 -5.89 -10.14 7.21
N GLU A 101 -4.96 -11.03 6.98
CA GLU A 101 -3.69 -10.98 7.65
C GLU A 101 -2.56 -10.60 6.71
N ARG A 102 -1.42 -10.35 7.30
CA ARG A 102 -0.25 -9.86 6.60
C ARG A 102 0.47 -11.00 5.88
N ARG A 103 1.27 -10.64 4.88
CA ARG A 103 2.04 -11.62 4.14
C ARG A 103 2.92 -12.43 5.09
N GLY A 104 2.94 -13.73 4.90
CA GLY A 104 3.79 -14.59 5.70
C GLY A 104 3.26 -14.81 7.12
N LYS A 105 2.10 -14.24 7.45
CA LYS A 105 1.55 -14.42 8.80
C LYS A 105 0.88 -15.80 8.92
N ASN A 106 0.71 -16.47 7.79
CA ASN A 106 0.10 -17.80 7.77
C ASN A 106 0.80 -18.67 6.73
N VAL A 107 0.85 -18.18 5.51
CA VAL A 107 1.47 -18.91 4.42
C VAL A 107 2.84 -18.32 4.11
N VAL A 10 8.72 7.80 3.44
CA VAL A 10 8.34 6.41 3.13
C VAL A 10 8.41 6.12 1.63
N LEU A 11 7.38 6.50 0.87
CA LEU A 11 7.37 6.24 -0.58
C LEU A 11 8.03 7.39 -1.36
N GLY A 12 8.40 8.45 -0.65
CA GLY A 12 8.98 9.60 -1.33
C GLY A 12 7.90 10.49 -1.89
N VAL A 13 6.95 10.85 -1.05
CA VAL A 13 5.80 11.63 -1.46
C VAL A 13 5.46 12.70 -0.41
N LYS A 14 4.95 13.82 -0.88
CA LYS A 14 4.55 14.92 0.00
C LYS A 14 3.13 14.71 0.50
N PRO A 15 2.78 15.34 1.65
CA PRO A 15 1.44 15.26 2.23
C PRO A 15 0.35 15.70 1.24
N ASN A 16 0.67 16.74 0.49
CA ASN A 16 -0.28 17.35 -0.45
C ASN A 16 -0.07 16.87 -1.90
N ALA A 17 0.73 15.83 -2.08
CA ALA A 17 0.98 15.30 -3.42
C ALA A 17 -0.18 14.44 -3.91
N THR A 18 -0.36 14.39 -5.21
CA THR A 18 -1.45 13.63 -5.82
C THR A 18 -1.14 12.12 -5.90
N GLN A 19 -2.18 11.36 -6.21
CA GLN A 19 -2.13 9.89 -6.30
C GLN A 19 -1.21 9.41 -7.44
N GLU A 20 -1.04 10.25 -8.47
CA GLU A 20 -0.21 9.91 -9.63
C GLU A 20 1.21 9.53 -9.23
N GLU A 21 1.75 10.25 -8.26
CA GLU A 21 3.09 9.97 -7.78
C GLU A 21 3.17 8.56 -7.23
N LEU A 22 2.17 8.22 -6.45
CA LEU A 22 2.08 6.91 -5.82
C LEU A 22 1.96 5.83 -6.88
N LYS A 23 1.17 6.12 -7.90
CA LYS A 23 0.94 5.19 -9.00
C LYS A 23 2.27 4.89 -9.69
N LYS A 24 3.05 5.94 -9.86
CA LYS A 24 4.38 5.86 -10.43
C LYS A 24 5.32 5.06 -9.52
N ALA A 25 5.22 5.34 -8.21
CA ALA A 25 6.05 4.70 -7.19
C ALA A 25 5.93 3.19 -7.25
N TYR A 26 4.70 2.69 -7.25
CA TYR A 26 4.47 1.24 -7.34
C TYR A 26 5.10 0.66 -8.60
N ARG A 27 4.98 1.38 -9.70
CA ARG A 27 5.52 0.95 -10.99
C ARG A 27 7.01 0.84 -10.95
N LYS A 28 7.66 1.89 -10.46
CA LYS A 28 9.09 1.88 -10.32
C LYS A 28 9.52 0.81 -9.33
N LEU A 29 8.72 0.66 -8.29
CA LEU A 29 9.00 -0.30 -7.25
C LEU A 29 8.97 -1.72 -7.84
N ALA A 30 7.96 -1.99 -8.66
CA ALA A 30 7.81 -3.28 -9.33
C ALA A 30 8.99 -3.53 -10.25
N LEU A 31 9.39 -2.49 -10.95
CA LEU A 31 10.53 -2.55 -11.85
C LEU A 31 11.80 -2.85 -11.05
N LYS A 32 11.93 -2.15 -9.93
CA LYS A 32 13.08 -2.30 -9.04
C LYS A 32 13.13 -3.67 -8.36
N TYR A 33 12.02 -4.08 -7.79
CA TYR A 33 11.94 -5.32 -7.05
C TYR A 33 11.61 -6.53 -7.91
N HIS A 34 12.00 -6.50 -9.20
CA HIS A 34 11.83 -7.68 -10.05
C HIS A 34 12.58 -8.85 -9.41
N PRO A 35 11.84 -9.81 -8.82
CA PRO A 35 12.46 -10.91 -8.07
C PRO A 35 13.05 -12.01 -8.93
N ASP A 36 12.34 -12.37 -10.01
CA ASP A 36 12.70 -13.54 -10.85
C ASP A 36 12.72 -14.80 -9.98
N LYS A 37 12.11 -14.69 -8.81
CA LYS A 37 12.03 -15.74 -7.81
C LYS A 37 10.61 -15.92 -7.36
N ASN A 38 9.70 -15.87 -8.33
CA ASN A 38 8.24 -16.01 -8.13
C ASN A 38 7.83 -16.95 -6.96
N PRO A 39 8.37 -18.20 -6.88
CA PRO A 39 8.01 -19.12 -5.79
C PRO A 39 8.41 -18.60 -4.37
N ASN A 40 9.43 -17.74 -4.30
CA ASN A 40 9.88 -17.22 -3.00
C ASN A 40 9.49 -15.75 -2.79
N GLU A 41 9.96 -14.87 -3.68
CA GLU A 41 9.71 -13.43 -3.58
C GLU A 41 8.56 -12.98 -4.49
N GLY A 42 7.87 -13.92 -5.08
CA GLY A 42 6.79 -13.59 -6.01
C GLY A 42 5.63 -12.91 -5.33
N GLU A 43 5.36 -13.32 -4.11
CA GLU A 43 4.28 -12.75 -3.33
C GLU A 43 4.54 -11.26 -3.08
N LYS A 44 5.81 -10.87 -2.95
CA LYS A 44 6.16 -9.46 -2.74
C LYS A 44 5.69 -8.62 -3.91
N PHE A 45 5.99 -9.10 -5.12
CA PHE A 45 5.54 -8.45 -6.35
C PHE A 45 4.03 -8.38 -6.38
N LYS A 46 3.42 -9.50 -6.08
CA LYS A 46 1.98 -9.62 -6.08
C LYS A 46 1.34 -8.61 -5.13
N GLN A 47 1.93 -8.41 -3.96
CA GLN A 47 1.40 -7.44 -3.02
C GLN A 47 1.38 -6.04 -3.63
N ILE A 48 2.49 -5.63 -4.24
CA ILE A 48 2.54 -4.34 -4.93
C ILE A 48 1.57 -4.28 -6.07
N SER A 49 1.51 -5.36 -6.86
CA SER A 49 0.64 -5.35 -8.02
C SER A 49 -0.80 -5.10 -7.60
N GLN A 50 -1.26 -5.87 -6.64
CA GLN A 50 -2.63 -5.77 -6.13
C GLN A 50 -2.85 -4.44 -5.39
N ALA A 51 -1.88 -4.02 -4.59
CA ALA A 51 -1.98 -2.75 -3.87
C ALA A 51 -2.09 -1.62 -4.89
N TYR A 52 -1.26 -1.70 -5.91
CA TYR A 52 -1.28 -0.77 -7.02
C TYR A 52 -2.64 -0.78 -7.69
N GLU A 53 -3.12 -1.97 -7.96
CA GLU A 53 -4.42 -2.17 -8.59
C GLU A 53 -5.53 -1.46 -7.80
N VAL A 54 -5.43 -1.51 -6.47
CA VAL A 54 -6.39 -0.83 -5.59
C VAL A 54 -6.29 0.68 -5.79
N LEU A 55 -5.07 1.17 -5.87
CA LEU A 55 -4.80 2.58 -6.10
C LEU A 55 -5.35 2.99 -7.44
N SER A 56 -5.15 2.12 -8.40
CA SER A 56 -5.64 2.34 -9.73
C SER A 56 -7.17 2.17 -9.80
N ASP A 57 -7.77 1.80 -8.67
CA ASP A 57 -9.23 1.64 -8.62
C ASP A 57 -9.91 3.00 -8.39
N ALA A 58 -10.85 3.35 -9.27
CA ALA A 58 -11.54 4.64 -9.22
C ALA A 58 -12.15 4.96 -7.85
N LYS A 59 -12.88 4.02 -7.29
CA LYS A 59 -13.58 4.25 -6.02
C LYS A 59 -12.63 4.42 -4.88
N LYS A 60 -11.56 3.66 -4.88
CA LYS A 60 -10.60 3.76 -3.82
C LYS A 60 -9.99 5.16 -3.85
N ARG A 61 -9.79 5.69 -5.06
CA ARG A 61 -9.25 7.04 -5.22
C ARG A 61 -10.26 8.07 -4.70
N GLU A 62 -11.52 7.94 -5.13
CA GLU A 62 -12.59 8.87 -4.73
C GLU A 62 -12.75 8.89 -3.23
N LEU A 63 -12.76 7.72 -2.64
CA LEU A 63 -12.93 7.58 -1.21
C LEU A 63 -11.79 8.27 -0.45
N TYR A 64 -10.57 8.07 -0.94
CA TYR A 64 -9.39 8.70 -0.36
C TYR A 64 -9.46 10.23 -0.48
N ASP A 65 -9.73 10.71 -1.70
CA ASP A 65 -9.76 12.14 -1.98
C ASP A 65 -10.81 12.87 -1.18
N LYS A 66 -12.02 12.37 -1.23
CA LYS A 66 -13.15 13.03 -0.60
C LYS A 66 -13.18 12.77 0.91
N GLY A 67 -12.38 11.82 1.36
CA GLY A 67 -12.35 11.46 2.76
C GLY A 67 -11.40 12.32 3.57
N GLY A 68 -10.49 13.00 2.89
CA GLY A 68 -9.53 13.84 3.59
C GLY A 68 -8.12 13.33 3.43
N GLU A 69 -7.59 13.46 2.22
CA GLU A 69 -6.25 12.95 1.89
C GLU A 69 -5.17 13.37 2.92
N GLN A 70 -5.12 14.65 3.25
CA GLN A 70 -4.13 15.15 4.22
C GLN A 70 -4.48 14.73 5.65
N ALA A 71 -5.76 14.62 5.92
CA ALA A 71 -6.27 14.29 7.27
C ALA A 71 -6.03 12.82 7.61
N ILE A 72 -5.59 12.06 6.63
CA ILE A 72 -5.33 10.64 6.78
C ILE A 72 -3.84 10.34 7.03
N LYS A 73 -2.98 11.29 6.71
CA LYS A 73 -1.54 11.06 6.80
C LYS A 73 -0.86 11.89 7.89
N GLU A 74 -1.47 11.94 9.06
CA GLU A 74 -0.89 12.67 10.18
C GLU A 74 0.27 11.89 10.81
N GLY A 75 0.39 10.61 10.47
CA GLY A 75 1.44 9.78 11.01
C GLY A 75 1.03 8.32 11.08
N GLY A 76 0.04 8.04 11.92
CA GLY A 76 -0.44 6.67 12.04
C GLY A 76 0.28 5.89 13.12
N ALA A 77 0.72 6.60 14.14
CA ALA A 77 1.41 5.97 15.25
C ALA A 77 0.47 5.03 16.00
N GLY A 78 0.67 3.73 15.82
CA GLY A 78 -0.19 2.74 16.47
C GLY A 78 -1.55 2.67 15.83
N GLY A 79 -1.65 3.17 14.61
CA GLY A 79 -2.93 3.22 13.94
C GLY A 79 -3.04 2.27 12.76
N GLY A 80 -2.58 1.04 12.94
CA GLY A 80 -2.69 0.06 11.86
C GLY A 80 -1.60 0.16 10.83
N PHE A 81 -0.43 0.63 11.26
CA PHE A 81 0.72 0.75 10.37
C PHE A 81 1.17 -0.65 9.91
N GLY A 82 1.26 -0.82 8.61
CA GLY A 82 1.64 -2.11 8.09
C GLY A 82 2.81 -2.05 7.14
N SER A 83 2.78 -2.89 6.11
CA SER A 83 3.84 -2.95 5.12
C SER A 83 3.70 -1.74 4.16
N PRO A 84 4.62 -1.56 3.17
CA PRO A 84 4.55 -0.43 2.23
C PRO A 84 3.31 -0.47 1.35
N MET A 85 2.71 -1.65 1.23
CA MET A 85 1.49 -1.81 0.45
C MET A 85 0.28 -1.61 1.38
N ASP A 86 0.43 -2.07 2.64
CA ASP A 86 -0.61 -1.93 3.69
C ASP A 86 -0.91 -0.47 4.01
N ILE A 87 -0.13 0.45 3.46
CA ILE A 87 -0.32 1.87 3.73
C ILE A 87 -1.80 2.28 3.57
N PHE A 88 -2.43 1.84 2.50
CA PHE A 88 -3.84 2.15 2.28
C PHE A 88 -4.72 1.40 3.27
N ASP A 89 -4.29 0.21 3.66
CA ASP A 89 -4.98 -0.58 4.67
C ASP A 89 -5.00 0.21 5.98
N MET A 90 -3.92 0.94 6.23
CA MET A 90 -3.83 1.85 7.38
C MET A 90 -4.69 3.09 7.15
N PHE A 91 -4.67 3.61 5.92
CA PHE A 91 -5.44 4.80 5.54
C PHE A 91 -6.91 4.57 5.74
N PHE A 92 -7.34 3.40 5.37
CA PHE A 92 -8.72 3.00 5.50
C PHE A 92 -8.83 2.05 6.68
N GLY A 93 -7.90 2.19 7.63
CA GLY A 93 -7.87 1.26 8.74
C GLY A 93 -8.25 1.88 10.08
N GLY A 94 -8.46 3.19 10.11
CA GLY A 94 -8.82 3.85 11.36
C GLY A 94 -10.14 3.36 11.93
N GLY A 95 -10.98 2.81 11.07
CA GLY A 95 -12.26 2.32 11.51
C GLY A 95 -12.22 0.89 12.03
N GLY A 96 -11.46 0.67 13.06
CA GLY A 96 -11.37 -0.64 13.68
C GLY A 96 -10.59 -1.67 12.88
N ARG A 97 -9.64 -1.21 12.08
CA ARG A 97 -8.79 -2.14 11.33
C ARG A 97 -7.33 -1.99 11.77
N MET A 98 -7.11 -1.18 12.78
CA MET A 98 -5.77 -0.90 13.31
C MET A 98 -5.17 -2.14 13.98
N GLN A 99 -6.04 -3.06 14.35
CA GLN A 99 -5.63 -4.26 15.07
C GLN A 99 -5.14 -5.34 14.10
N ARG A 100 -5.15 -5.04 12.82
CA ARG A 100 -4.72 -5.96 11.78
C ARG A 100 -3.21 -6.05 11.71
N GLU A 101 -2.71 -7.09 11.08
CA GLU A 101 -1.30 -7.30 10.95
C GLU A 101 -0.85 -7.09 9.52
N ARG A 102 0.45 -7.04 9.31
CA ARG A 102 1.01 -6.81 7.99
C ARG A 102 0.83 -8.02 7.10
N ARG A 103 0.65 -7.77 5.81
CA ARG A 103 0.50 -8.83 4.83
C ARG A 103 1.81 -9.62 4.74
N GLY A 104 1.84 -10.78 5.40
CA GLY A 104 3.05 -11.60 5.39
C GLY A 104 4.08 -11.08 6.38
N LYS A 105 3.64 -10.77 7.61
CA LYS A 105 4.54 -10.26 8.65
C LYS A 105 5.52 -11.35 9.08
N ASN A 106 5.06 -12.22 9.97
CA ASN A 106 5.84 -13.38 10.43
C ASN A 106 5.00 -14.62 10.29
N VAL A 107 3.78 -14.41 9.85
CA VAL A 107 2.81 -15.47 9.69
C VAL A 107 1.59 -14.91 8.95
N VAL A 10 6.30 6.60 4.95
CA VAL A 10 5.57 5.64 4.10
C VAL A 10 6.20 5.59 2.70
N LEU A 11 5.66 6.36 1.77
CA LEU A 11 6.20 6.42 0.40
C LEU A 11 7.22 7.55 0.28
N GLY A 12 7.34 8.36 1.34
CA GLY A 12 8.29 9.46 1.32
C GLY A 12 7.78 10.70 0.62
N VAL A 13 6.50 10.99 0.81
CA VAL A 13 5.87 12.14 0.15
C VAL A 13 5.01 12.96 1.12
N LYS A 14 4.48 14.09 0.62
CA LYS A 14 3.61 14.97 1.40
C LYS A 14 2.14 14.53 1.29
N PRO A 15 1.27 14.97 2.24
CA PRO A 15 -0.15 14.58 2.26
C PRO A 15 -0.96 15.18 1.12
N ASN A 16 -0.43 16.24 0.54
CA ASN A 16 -1.12 16.96 -0.52
C ASN A 16 -0.65 16.49 -1.89
N ALA A 17 -0.06 15.32 -1.93
CA ALA A 17 0.42 14.74 -3.17
C ALA A 17 -0.69 13.96 -3.87
N THR A 18 -0.67 13.99 -5.18
CA THR A 18 -1.67 13.29 -5.97
C THR A 18 -1.38 11.79 -6.02
N GLN A 19 -2.43 11.01 -6.25
CA GLN A 19 -2.33 9.56 -6.31
C GLN A 19 -1.51 9.13 -7.53
N GLU A 20 -1.42 10.02 -8.52
CA GLU A 20 -0.63 9.77 -9.73
C GLU A 20 0.82 9.47 -9.35
N GLU A 21 1.31 10.20 -8.35
CA GLU A 21 2.67 10.03 -7.85
C GLU A 21 2.84 8.66 -7.23
N LEU A 22 1.87 8.28 -6.42
CA LEU A 22 1.89 7.02 -5.72
C LEU A 22 1.81 5.87 -6.73
N LYS A 23 0.97 6.08 -7.75
CA LYS A 23 0.77 5.14 -8.84
C LYS A 23 2.11 4.88 -9.51
N LYS A 24 2.85 5.97 -9.71
CA LYS A 24 4.19 5.92 -10.24
C LYS A 24 5.13 5.18 -9.28
N ALA A 25 4.95 5.46 -7.99
CA ALA A 25 5.76 4.88 -6.93
C ALA A 25 5.74 3.35 -7.00
N TYR A 26 4.54 2.78 -7.05
CA TYR A 26 4.38 1.32 -7.16
C TYR A 26 5.03 0.77 -8.43
N ARG A 27 4.93 1.50 -9.51
CA ARG A 27 5.54 1.06 -10.78
C ARG A 27 7.04 0.98 -10.63
N LYS A 28 7.61 2.00 -10.04
CA LYS A 28 9.04 2.02 -9.74
C LYS A 28 9.36 0.89 -8.77
N LEU A 29 8.47 0.67 -7.82
CA LEU A 29 8.62 -0.40 -6.84
C LEU A 29 8.64 -1.76 -7.51
N ALA A 30 7.72 -1.97 -8.44
CA ALA A 30 7.61 -3.22 -9.18
C ALA A 30 8.88 -3.47 -9.98
N LEU A 31 9.39 -2.41 -10.59
CA LEU A 31 10.63 -2.47 -11.34
C LEU A 31 11.81 -2.83 -10.43
N LYS A 32 11.82 -2.19 -9.27
CA LYS A 32 12.85 -2.40 -8.24
C LYS A 32 12.75 -3.81 -7.63
N TYR A 33 11.55 -4.21 -7.27
CA TYR A 33 11.31 -5.50 -6.63
C TYR A 33 11.08 -6.60 -7.63
N HIS A 34 11.49 -6.38 -8.88
CA HIS A 34 11.33 -7.41 -9.91
C HIS A 34 12.09 -8.65 -9.49
N PRO A 35 11.37 -9.69 -9.06
CA PRO A 35 11.99 -10.87 -8.46
C PRO A 35 12.69 -11.81 -9.43
N ASP A 36 12.02 -12.16 -10.54
CA ASP A 36 12.50 -13.19 -11.48
C ASP A 36 12.59 -14.53 -10.73
N LYS A 37 11.95 -14.54 -9.57
CA LYS A 37 11.84 -15.67 -8.68
C LYS A 37 10.39 -15.83 -8.27
N ASN A 38 9.48 -15.70 -9.23
CA ASN A 38 8.02 -15.74 -8.98
C ASN A 38 7.59 -16.68 -7.81
N PRO A 39 8.03 -17.98 -7.79
CA PRO A 39 7.67 -18.90 -6.70
C PRO A 39 8.11 -18.40 -5.31
N ASN A 40 9.24 -17.68 -5.24
CA ASN A 40 9.79 -17.25 -3.94
C ASN A 40 9.58 -15.75 -3.65
N GLU A 41 10.11 -14.87 -4.49
CA GLU A 41 9.95 -13.41 -4.27
C GLU A 41 8.78 -12.86 -5.05
N GLY A 42 8.10 -13.74 -5.76
CA GLY A 42 6.93 -13.34 -6.52
C GLY A 42 5.82 -12.89 -5.62
N GLU A 43 5.81 -13.44 -4.42
CA GLU A 43 4.81 -13.08 -3.42
C GLU A 43 4.95 -11.60 -3.08
N LYS A 44 6.22 -11.14 -2.99
CA LYS A 44 6.51 -9.74 -2.68
C LYS A 44 5.98 -8.84 -3.79
N PHE A 45 6.20 -9.26 -5.04
CA PHE A 45 5.68 -8.56 -6.22
C PHE A 45 4.17 -8.44 -6.12
N LYS A 46 3.56 -9.58 -5.84
CA LYS A 46 2.10 -9.68 -5.73
C LYS A 46 1.54 -8.66 -4.75
N GLN A 47 2.30 -8.36 -3.70
CA GLN A 47 1.87 -7.39 -2.71
C GLN A 47 1.69 -6.02 -3.37
N ILE A 48 2.73 -5.58 -4.09
CA ILE A 48 2.68 -4.30 -4.81
C ILE A 48 1.64 -4.30 -5.92
N SER A 49 1.59 -5.38 -6.69
CA SER A 49 0.68 -5.46 -7.82
C SER A 49 -0.76 -5.24 -7.38
N GLN A 50 -1.18 -6.02 -6.43
CA GLN A 50 -2.53 -5.95 -5.90
C GLN A 50 -2.81 -4.63 -5.19
N ALA A 51 -1.86 -4.15 -4.39
CA ALA A 51 -2.04 -2.89 -3.68
C ALA A 51 -2.16 -1.75 -4.68
N TYR A 52 -1.32 -1.81 -5.69
CA TYR A 52 -1.36 -0.88 -6.80
C TYR A 52 -2.72 -0.91 -7.47
N GLU A 53 -3.17 -2.10 -7.74
CA GLU A 53 -4.46 -2.35 -8.38
C GLU A 53 -5.59 -1.67 -7.59
N VAL A 54 -5.53 -1.80 -6.27
CA VAL A 54 -6.51 -1.20 -5.39
C VAL A 54 -6.41 0.34 -5.43
N LEU A 55 -5.18 0.84 -5.45
CA LEU A 55 -4.93 2.29 -5.52
C LEU A 55 -5.52 2.87 -6.76
N SER A 56 -5.26 2.20 -7.85
CA SER A 56 -5.74 2.61 -9.14
C SER A 56 -7.21 2.22 -9.32
N ASP A 57 -7.82 1.67 -8.25
CA ASP A 57 -9.24 1.29 -8.33
C ASP A 57 -10.11 2.54 -8.23
N ALA A 58 -11.17 2.57 -9.02
CA ALA A 58 -12.08 3.72 -9.11
C ALA A 58 -12.51 4.25 -7.76
N LYS A 59 -12.96 3.35 -6.93
CA LYS A 59 -13.55 3.71 -5.66
C LYS A 59 -12.52 4.35 -4.73
N LYS A 60 -11.35 3.75 -4.68
CA LYS A 60 -10.31 4.19 -3.76
C LYS A 60 -9.78 5.55 -4.11
N ARG A 61 -9.69 5.84 -5.41
CA ARG A 61 -9.26 7.16 -5.84
C ARG A 61 -10.21 8.22 -5.33
N GLU A 62 -11.50 7.96 -5.51
CA GLU A 62 -12.53 8.89 -5.06
C GLU A 62 -12.49 9.04 -3.55
N LEU A 63 -12.29 7.92 -2.88
CA LEU A 63 -12.24 7.89 -1.43
C LEU A 63 -11.09 8.77 -0.91
N TYR A 64 -9.91 8.61 -1.50
CA TYR A 64 -8.74 9.39 -1.12
C TYR A 64 -8.95 10.88 -1.39
N ASP A 65 -9.45 11.20 -2.60
CA ASP A 65 -9.68 12.58 -3.01
C ASP A 65 -10.66 13.28 -2.08
N LYS A 66 -11.74 12.59 -1.74
CA LYS A 66 -12.78 13.15 -0.89
C LYS A 66 -12.33 13.31 0.57
N GLY A 67 -11.66 12.30 1.12
CA GLY A 67 -11.26 12.41 2.51
C GLY A 67 -10.16 11.45 2.90
N GLY A 68 -9.05 12.00 3.38
CA GLY A 68 -7.95 11.17 3.83
C GLY A 68 -6.61 11.77 3.51
N GLU A 69 -6.55 12.61 2.48
CA GLU A 69 -5.29 13.22 2.02
C GLU A 69 -4.39 13.68 3.18
N GLN A 70 -4.96 14.49 4.08
CA GLN A 70 -4.21 15.05 5.20
C GLN A 70 -4.13 14.06 6.38
N ALA A 71 -5.07 13.14 6.42
CA ALA A 71 -5.18 12.17 7.51
C ALA A 71 -4.33 10.91 7.24
N ILE A 72 -3.88 10.77 6.01
CA ILE A 72 -3.13 9.60 5.58
C ILE A 72 -1.62 9.76 5.82
N LYS A 73 -1.21 10.95 6.27
CA LYS A 73 0.17 11.16 6.65
C LYS A 73 0.26 11.69 8.07
N GLU A 74 0.70 10.83 8.97
CA GLU A 74 0.88 11.18 10.37
C GLU A 74 2.35 10.95 10.72
N GLY A 75 2.78 11.44 11.89
CA GLY A 75 4.17 11.29 12.30
C GLY A 75 4.62 9.86 12.37
N GLY A 76 3.74 9.00 12.85
CA GLY A 76 4.05 7.59 12.91
C GLY A 76 3.54 6.96 14.18
N ALA A 77 3.71 7.67 15.28
CA ALA A 77 3.26 7.21 16.58
C ALA A 77 1.75 7.24 16.65
N GLY A 78 1.15 6.07 16.80
CA GLY A 78 -0.30 5.99 16.87
C GLY A 78 -0.95 6.09 15.51
N GLY A 79 -0.17 5.82 14.47
CA GLY A 79 -0.68 5.86 13.10
C GLY A 79 -1.10 4.51 12.60
N GLY A 80 -0.16 3.57 12.61
CA GLY A 80 -0.43 2.24 12.12
C GLY A 80 0.23 2.01 10.78
N PHE A 81 1.14 2.89 10.41
CA PHE A 81 1.83 2.79 9.13
C PHE A 81 2.88 1.68 9.16
N GLY A 82 3.09 1.04 8.02
CA GLY A 82 4.04 -0.04 7.94
C GLY A 82 4.80 -0.05 6.63
N SER A 83 4.53 -1.07 5.84
CA SER A 83 5.17 -1.25 4.55
C SER A 83 4.39 -0.47 3.46
N PRO A 84 4.93 -0.38 2.20
CA PRO A 84 4.29 0.39 1.12
C PRO A 84 2.87 -0.08 0.80
N MET A 85 2.68 -1.39 0.75
CA MET A 85 1.37 -1.96 0.43
C MET A 85 0.58 -2.25 1.72
N ASP A 86 1.31 -2.38 2.81
CA ASP A 86 0.76 -2.66 4.15
C ASP A 86 -0.20 -1.56 4.63
N ILE A 87 -0.21 -0.45 3.90
CA ILE A 87 -1.08 0.69 4.24
C ILE A 87 -2.54 0.25 4.39
N PHE A 88 -3.02 -0.54 3.46
CA PHE A 88 -4.40 -1.01 3.50
C PHE A 88 -4.61 -2.02 4.62
N ASP A 89 -3.54 -2.70 4.99
CA ASP A 89 -3.57 -3.64 6.09
C ASP A 89 -3.90 -2.92 7.38
N MET A 90 -3.47 -1.68 7.48
CA MET A 90 -3.81 -0.83 8.60
C MET A 90 -5.31 -0.47 8.57
N PHE A 91 -5.77 -0.02 7.40
CA PHE A 91 -7.18 0.38 7.23
C PHE A 91 -8.13 -0.79 7.38
N PHE A 92 -7.80 -1.88 6.74
CA PHE A 92 -8.64 -3.05 6.76
C PHE A 92 -8.15 -4.00 7.83
N GLY A 93 -7.31 -3.50 8.71
CA GLY A 93 -6.74 -4.33 9.75
C GLY A 93 -7.55 -4.33 11.03
N GLY A 94 -8.51 -3.42 11.11
CA GLY A 94 -9.34 -3.29 12.30
C GLY A 94 -10.29 -4.45 12.51
N GLY A 95 -10.28 -5.39 11.59
CA GLY A 95 -11.15 -6.55 11.70
C GLY A 95 -10.52 -7.70 12.45
N GLY A 96 -9.33 -7.49 12.98
CA GLY A 96 -8.66 -8.55 13.71
C GLY A 96 -7.30 -8.88 13.14
N ARG A 97 -6.80 -8.03 12.27
CA ARG A 97 -5.49 -8.25 11.66
C ARG A 97 -4.44 -7.42 12.39
N MET A 98 -4.90 -6.66 13.38
CA MET A 98 -4.04 -5.80 14.19
C MET A 98 -3.08 -6.62 15.02
N GLN A 99 -3.52 -7.82 15.37
CA GLN A 99 -2.74 -8.74 16.18
C GLN A 99 -1.71 -9.47 15.32
N ARG A 100 -1.76 -9.24 14.02
CA ARG A 100 -0.84 -9.87 13.08
C ARG A 100 0.27 -8.91 12.71
N GLU A 101 1.36 -9.45 12.21
CA GLU A 101 2.49 -8.66 11.82
C GLU A 101 2.30 -8.12 10.41
N ARG A 102 3.09 -7.12 10.05
CA ARG A 102 2.93 -6.43 8.78
C ARG A 102 3.49 -7.21 7.61
N ARG A 103 3.04 -6.88 6.41
CA ARG A 103 3.49 -7.53 5.20
C ARG A 103 4.96 -7.22 4.95
N GLY A 104 5.81 -8.19 5.19
CA GLY A 104 7.23 -8.01 4.97
C GLY A 104 7.95 -7.45 6.18
N LYS A 105 7.50 -7.81 7.37
CA LYS A 105 8.12 -7.35 8.60
C LYS A 105 9.44 -8.13 8.86
N ASN A 106 9.70 -9.14 8.04
CA ASN A 106 10.89 -9.97 8.20
C ASN A 106 11.88 -9.77 7.05
N VAL A 107 11.70 -8.70 6.27
CA VAL A 107 12.59 -8.41 5.17
C VAL A 107 13.06 -6.95 5.20
N VAL A 10 8.21 5.88 4.33
CA VAL A 10 8.98 4.93 3.51
C VAL A 10 8.66 5.10 2.02
N LEU A 11 7.50 5.70 1.71
CA LEU A 11 7.10 5.90 0.31
C LEU A 11 7.53 7.29 -0.19
N GLY A 12 7.91 8.17 0.73
CA GLY A 12 8.32 9.52 0.33
C GLY A 12 7.15 10.35 -0.16
N VAL A 13 6.02 10.18 0.50
CA VAL A 13 4.78 10.84 0.08
C VAL A 13 4.32 11.88 1.09
N LYS A 14 3.88 13.04 0.57
CA LYS A 14 3.35 14.10 1.40
C LYS A 14 1.82 13.98 1.46
N PRO A 15 1.17 14.59 2.47
CA PRO A 15 -0.30 14.50 2.63
C PRO A 15 -1.05 15.32 1.57
N ASN A 16 -0.30 16.04 0.75
CA ASN A 16 -0.87 16.82 -0.33
C ASN A 16 -0.47 16.26 -1.71
N ALA A 17 0.02 15.03 -1.72
CA ALA A 17 0.43 14.40 -2.97
C ALA A 17 -0.76 13.68 -3.61
N THR A 18 -0.90 13.86 -4.91
CA THR A 18 -1.99 13.26 -5.67
C THR A 18 -1.71 11.80 -6.02
N GLN A 19 -2.74 11.12 -6.52
CA GLN A 19 -2.69 9.69 -6.86
C GLN A 19 -1.63 9.37 -7.92
N GLU A 20 -1.38 10.31 -8.81
CA GLU A 20 -0.39 10.10 -9.89
C GLU A 20 0.97 9.70 -9.33
N GLU A 21 1.38 10.39 -8.28
CA GLU A 21 2.67 10.14 -7.68
C GLU A 21 2.71 8.74 -7.08
N LEU A 22 1.66 8.40 -6.39
CA LEU A 22 1.57 7.11 -5.73
C LEU A 22 1.60 5.99 -6.75
N LYS A 23 0.85 6.19 -7.82
CA LYS A 23 0.73 5.24 -8.92
C LYS A 23 2.11 5.01 -9.53
N LYS A 24 2.83 6.11 -9.66
CA LYS A 24 4.19 6.12 -10.17
C LYS A 24 5.17 5.37 -9.23
N ALA A 25 5.01 5.59 -7.92
CA ALA A 25 5.86 4.95 -6.91
C ALA A 25 5.83 3.43 -7.02
N TYR A 26 4.64 2.85 -7.06
CA TYR A 26 4.47 1.40 -7.17
C TYR A 26 5.16 0.84 -8.42
N ARG A 27 5.12 1.60 -9.50
CA ARG A 27 5.75 1.18 -10.74
C ARG A 27 7.23 1.01 -10.54
N LYS A 28 7.83 2.00 -9.90
CA LYS A 28 9.21 1.94 -9.55
C LYS A 28 9.47 0.80 -8.59
N LEU A 29 8.55 0.60 -7.67
CA LEU A 29 8.68 -0.48 -6.69
C LEU A 29 8.68 -1.83 -7.38
N ALA A 30 7.77 -1.99 -8.33
CA ALA A 30 7.65 -3.21 -9.10
C ALA A 30 8.93 -3.48 -9.87
N LEU A 31 9.45 -2.45 -10.50
CA LEU A 31 10.70 -2.54 -11.26
C LEU A 31 11.84 -2.90 -10.32
N LYS A 32 11.87 -2.25 -9.19
CA LYS A 32 12.91 -2.41 -8.19
C LYS A 32 12.85 -3.81 -7.55
N TYR A 33 11.66 -4.25 -7.20
CA TYR A 33 11.46 -5.53 -6.53
C TYR A 33 11.27 -6.68 -7.49
N HIS A 34 11.70 -6.53 -8.75
CA HIS A 34 11.59 -7.62 -9.73
C HIS A 34 12.27 -8.91 -9.18
N PRO A 35 11.47 -9.91 -8.81
CA PRO A 35 12.00 -11.13 -8.24
C PRO A 35 12.79 -11.97 -9.24
N ASP A 36 12.17 -12.19 -10.42
CA ASP A 36 12.68 -13.13 -11.47
C ASP A 36 12.82 -14.54 -10.88
N LYS A 37 12.27 -14.69 -9.69
CA LYS A 37 12.21 -15.94 -8.95
C LYS A 37 10.79 -16.06 -8.40
N ASN A 38 9.84 -15.67 -9.25
CA ASN A 38 8.40 -15.59 -8.90
C ASN A 38 7.88 -16.68 -7.92
N PRO A 39 8.25 -17.97 -8.09
CA PRO A 39 7.85 -19.02 -7.15
C PRO A 39 8.12 -18.65 -5.67
N ASN A 40 9.22 -17.94 -5.42
CA ASN A 40 9.58 -17.56 -4.04
C ASN A 40 9.36 -16.07 -3.75
N GLU A 41 10.02 -15.18 -4.50
CA GLU A 41 9.91 -13.74 -4.27
C GLU A 41 8.78 -13.12 -5.08
N GLY A 42 8.07 -13.94 -5.84
CA GLY A 42 6.97 -13.42 -6.65
C GLY A 42 5.83 -12.95 -5.78
N GLU A 43 5.70 -13.57 -4.61
CA GLU A 43 4.68 -13.20 -3.66
C GLU A 43 4.88 -11.74 -3.21
N LYS A 44 6.15 -11.33 -3.17
CA LYS A 44 6.52 -9.95 -2.81
C LYS A 44 5.95 -8.98 -3.84
N PHE A 45 6.13 -9.34 -5.11
CA PHE A 45 5.57 -8.56 -6.23
C PHE A 45 4.08 -8.44 -6.12
N LYS A 46 3.47 -9.58 -5.85
CA LYS A 46 2.00 -9.68 -5.74
C LYS A 46 1.46 -8.64 -4.78
N GLN A 47 2.16 -8.39 -3.71
CA GLN A 47 1.70 -7.44 -2.73
C GLN A 47 1.61 -6.03 -3.32
N ILE A 48 2.68 -5.57 -3.99
CA ILE A 48 2.68 -4.27 -4.70
C ILE A 48 1.68 -4.26 -5.84
N SER A 49 1.64 -5.33 -6.61
CA SER A 49 0.78 -5.37 -7.80
C SER A 49 -0.67 -5.13 -7.41
N GLN A 50 -1.15 -5.92 -6.49
CA GLN A 50 -2.50 -5.82 -6.00
C GLN A 50 -2.72 -4.51 -5.23
N ALA A 51 -1.69 -4.08 -4.48
CA ALA A 51 -1.75 -2.80 -3.75
C ALA A 51 -1.95 -1.66 -4.73
N TYR A 52 -1.18 -1.70 -5.80
CA TYR A 52 -1.28 -0.77 -6.89
C TYR A 52 -2.68 -0.81 -7.49
N GLU A 53 -3.15 -1.99 -7.74
CA GLU A 53 -4.48 -2.23 -8.31
C GLU A 53 -5.55 -1.59 -7.42
N VAL A 54 -5.39 -1.72 -6.11
CA VAL A 54 -6.29 -1.12 -5.13
C VAL A 54 -6.21 0.41 -5.20
N LEU A 55 -5.02 0.92 -5.36
CA LEU A 55 -4.80 2.36 -5.46
C LEU A 55 -5.54 2.92 -6.64
N SER A 56 -5.35 2.29 -7.76
CA SER A 56 -6.01 2.68 -8.99
C SER A 56 -7.45 2.18 -9.04
N ASP A 57 -7.96 1.71 -7.90
CA ASP A 57 -9.37 1.26 -7.82
C ASP A 57 -10.28 2.48 -7.77
N ALA A 58 -11.36 2.43 -8.55
CA ALA A 58 -12.30 3.55 -8.68
C ALA A 58 -12.77 4.11 -7.33
N LYS A 59 -13.23 3.23 -6.45
CA LYS A 59 -13.73 3.66 -5.14
C LYS A 59 -12.61 4.25 -4.33
N LYS A 60 -11.46 3.58 -4.34
CA LYS A 60 -10.34 3.99 -3.50
C LYS A 60 -9.84 5.36 -3.95
N ARG A 61 -9.76 5.58 -5.25
CA ARG A 61 -9.31 6.86 -5.79
C ARG A 61 -10.27 7.97 -5.37
N GLU A 62 -11.55 7.71 -5.51
CA GLU A 62 -12.58 8.67 -5.13
C GLU A 62 -12.49 8.98 -3.65
N LEU A 63 -12.34 7.95 -2.86
CA LEU A 63 -12.26 8.10 -1.43
C LEU A 63 -11.06 8.94 -1.03
N TYR A 64 -9.91 8.65 -1.64
CA TYR A 64 -8.68 9.39 -1.36
C TYR A 64 -8.84 10.86 -1.75
N ASP A 65 -9.32 11.12 -2.96
CA ASP A 65 -9.48 12.48 -3.46
C ASP A 65 -10.52 13.28 -2.69
N LYS A 66 -11.62 12.64 -2.32
CA LYS A 66 -12.69 13.34 -1.62
C LYS A 66 -12.35 13.66 -0.17
N GLY A 67 -11.86 12.67 0.58
CA GLY A 67 -11.59 12.89 1.99
C GLY A 67 -10.69 11.85 2.63
N GLY A 68 -9.59 12.29 3.23
CA GLY A 68 -8.68 11.39 3.89
C GLY A 68 -7.25 11.70 3.56
N GLU A 69 -7.06 12.53 2.53
CA GLU A 69 -5.72 12.91 2.02
C GLU A 69 -4.70 13.16 3.15
N GLN A 70 -5.05 14.02 4.10
CA GLN A 70 -4.13 14.38 5.18
C GLN A 70 -4.27 13.40 6.36
N ALA A 71 -5.44 12.79 6.47
CA ALA A 71 -5.75 11.85 7.55
C ALA A 71 -5.07 10.50 7.30
N ILE A 72 -4.57 10.32 6.10
CA ILE A 72 -3.93 9.08 5.70
C ILE A 72 -2.43 9.05 6.08
N LYS A 73 -1.95 10.14 6.62
CA LYS A 73 -0.56 10.19 7.07
C LYS A 73 -0.48 10.06 8.60
N GLU A 74 -0.46 8.83 9.08
CA GLU A 74 -0.32 8.55 10.51
C GLU A 74 0.58 7.34 10.72
N GLY A 75 1.05 7.14 11.96
CA GLY A 75 1.93 6.03 12.25
C GLY A 75 1.21 4.68 12.22
N GLY A 76 0.16 4.56 13.03
CA GLY A 76 -0.60 3.33 13.06
C GLY A 76 0.11 2.23 13.83
N ALA A 77 1.09 2.61 14.64
CA ALA A 77 1.84 1.65 15.43
C ALA A 77 0.98 1.03 16.50
N GLY A 78 0.55 -0.20 16.26
CA GLY A 78 -0.30 -0.90 17.19
C GLY A 78 -1.64 -1.27 16.57
N GLY A 79 -1.90 -0.73 15.38
CA GLY A 79 -3.15 -1.03 14.70
C GLY A 79 -2.99 -2.14 13.67
N GLY A 80 -2.51 -1.78 12.50
CA GLY A 80 -2.29 -2.76 11.44
C GLY A 80 -1.11 -2.39 10.58
N PHE A 81 0.00 -2.07 11.23
CA PHE A 81 1.20 -1.67 10.53
C PHE A 81 1.85 -2.85 9.80
N GLY A 82 2.06 -2.69 8.51
CA GLY A 82 2.64 -3.73 7.72
C GLY A 82 3.72 -3.23 6.81
N SER A 83 3.87 -3.88 5.67
CA SER A 83 4.85 -3.50 4.67
C SER A 83 4.38 -2.21 3.95
N PRO A 84 5.18 -1.65 3.01
CA PRO A 84 4.80 -0.41 2.30
C PRO A 84 3.43 -0.54 1.64
N MET A 85 3.19 -1.69 1.05
CA MET A 85 1.92 -1.99 0.41
C MET A 85 0.82 -2.24 1.45
N ASP A 86 1.19 -2.89 2.55
CA ASP A 86 0.23 -3.21 3.65
C ASP A 86 -0.29 -1.95 4.34
N ILE A 87 0.39 -0.82 4.14
CA ILE A 87 0.00 0.43 4.79
C ILE A 87 -1.41 0.81 4.37
N PHE A 88 -1.69 0.67 3.09
CA PHE A 88 -2.99 0.97 2.55
C PHE A 88 -4.04 0.03 3.11
N ASP A 89 -3.65 -1.20 3.38
CA ASP A 89 -4.58 -2.19 3.95
C ASP A 89 -5.14 -1.66 5.24
N MET A 90 -4.27 -1.10 6.06
CA MET A 90 -4.66 -0.56 7.34
C MET A 90 -5.57 0.69 7.19
N PHE A 91 -5.20 1.59 6.30
CA PHE A 91 -5.96 2.84 6.13
C PHE A 91 -7.24 2.64 5.34
N PHE A 92 -7.30 1.57 4.60
CA PHE A 92 -8.49 1.25 3.83
C PHE A 92 -9.12 -0.01 4.38
N GLY A 93 -8.70 -0.38 5.59
CA GLY A 93 -9.16 -1.62 6.18
C GLY A 93 -10.09 -1.44 7.34
N GLY A 94 -11.12 -0.66 7.15
CA GLY A 94 -12.08 -0.44 8.23
C GLY A 94 -13.07 -1.58 8.37
N GLY A 95 -12.98 -2.53 7.46
CA GLY A 95 -13.88 -3.66 7.49
C GLY A 95 -13.19 -4.91 8.00
N GLY A 96 -13.69 -6.07 7.59
CA GLY A 96 -13.16 -7.33 8.08
C GLY A 96 -11.82 -7.72 7.45
N ARG A 97 -10.84 -6.84 7.56
CA ARG A 97 -9.50 -7.15 7.06
C ARG A 97 -8.42 -6.67 8.04
N MET A 98 -8.84 -5.92 9.07
CA MET A 98 -7.92 -5.48 10.15
C MET A 98 -7.30 -6.66 10.85
N GLN A 99 -7.98 -7.78 10.78
CA GLN A 99 -7.55 -8.99 11.44
C GLN A 99 -6.51 -9.74 10.59
N ARG A 100 -6.25 -9.22 9.38
CA ARG A 100 -5.25 -9.81 8.47
C ARG A 100 -3.84 -9.48 8.95
N GLU A 101 -2.86 -10.11 8.37
CA GLU A 101 -1.49 -9.90 8.79
C GLU A 101 -0.60 -9.53 7.62
N ARG A 102 0.46 -8.84 7.93
CA ARG A 102 1.43 -8.40 6.95
C ARG A 102 2.22 -9.59 6.39
N ARG A 103 2.85 -9.40 5.26
CA ARG A 103 3.68 -10.44 4.70
C ARG A 103 5.02 -10.48 5.43
N GLY A 104 5.46 -11.67 5.80
CA GLY A 104 6.75 -11.82 6.45
C GLY A 104 6.72 -11.46 7.93
N LYS A 105 5.55 -11.59 8.53
CA LYS A 105 5.39 -11.30 9.95
C LYS A 105 6.18 -12.29 10.80
N ASN A 106 6.08 -13.57 10.46
CA ASN A 106 6.72 -14.62 11.23
C ASN A 106 7.89 -15.23 10.45
N VAL A 107 7.57 -15.81 9.28
CA VAL A 107 8.53 -16.49 8.38
C VAL A 107 9.62 -17.28 9.12
N VAL A 10 7.75 7.01 4.72
CA VAL A 10 8.31 5.69 4.34
C VAL A 10 8.41 5.54 2.81
N LEU A 11 7.43 6.07 2.07
CA LEU A 11 7.42 5.96 0.61
C LEU A 11 8.18 7.11 -0.05
N GLY A 12 8.51 8.13 0.74
CA GLY A 12 9.26 9.25 0.23
C GLY A 12 8.41 10.28 -0.50
N VAL A 13 7.15 10.41 -0.09
CA VAL A 13 6.24 11.35 -0.76
C VAL A 13 5.46 12.18 0.26
N LYS A 14 4.95 13.32 -0.19
CA LYS A 14 4.16 14.22 0.64
C LYS A 14 2.66 13.96 0.44
N PRO A 15 1.80 14.42 1.37
CA PRO A 15 0.36 14.15 1.29
C PRO A 15 -0.38 15.02 0.29
N ASN A 16 0.31 16.02 -0.25
CA ASN A 16 -0.30 16.90 -1.25
C ASN A 16 0.00 16.43 -2.65
N ALA A 17 0.65 15.27 -2.75
CA ALA A 17 0.98 14.68 -4.03
C ALA A 17 -0.21 13.92 -4.58
N THR A 18 -0.38 13.92 -5.88
CA THR A 18 -1.51 13.24 -6.49
C THR A 18 -1.30 11.73 -6.54
N GLN A 19 -2.35 11.00 -6.86
CA GLN A 19 -2.31 9.54 -6.88
C GLN A 19 -1.38 9.03 -8.00
N GLU A 20 -1.11 9.90 -8.98
CA GLU A 20 -0.14 9.58 -10.05
C GLU A 20 1.23 9.30 -9.46
N GLU A 21 1.59 10.08 -8.44
CA GLU A 21 2.85 9.91 -7.77
C GLU A 21 2.91 8.54 -7.14
N LEU A 22 1.83 8.18 -6.49
CA LEU A 22 1.71 6.89 -5.84
C LEU A 22 1.79 5.77 -6.89
N LYS A 23 1.12 6.00 -8.01
CA LYS A 23 1.15 5.08 -9.14
C LYS A 23 2.58 4.87 -9.61
N LYS A 24 3.28 5.98 -9.69
CA LYS A 24 4.67 6.00 -10.06
C LYS A 24 5.53 5.22 -9.05
N ALA A 25 5.27 5.47 -7.77
CA ALA A 25 5.99 4.81 -6.68
C ALA A 25 5.86 3.30 -6.78
N TYR A 26 4.62 2.82 -6.92
CA TYR A 26 4.37 1.38 -7.04
C TYR A 26 5.11 0.78 -8.23
N ARG A 27 5.07 1.48 -9.36
CA ARG A 27 5.68 0.99 -10.59
C ARG A 27 7.18 0.92 -10.44
N LYS A 28 7.76 1.97 -9.91
CA LYS A 28 9.18 2.01 -9.67
C LYS A 28 9.58 0.95 -8.68
N LEU A 29 8.76 0.78 -7.66
CA LEU A 29 9.02 -0.17 -6.60
C LEU A 29 9.03 -1.59 -7.19
N ALA A 30 8.00 -1.89 -7.97
CA ALA A 30 7.86 -3.19 -8.61
C ALA A 30 8.99 -3.47 -9.58
N LEU A 31 9.36 -2.45 -10.35
CA LEU A 31 10.46 -2.56 -11.30
C LEU A 31 11.76 -2.84 -10.55
N LYS A 32 11.94 -2.12 -9.46
CA LYS A 32 13.12 -2.26 -8.62
C LYS A 32 13.17 -3.65 -7.95
N TYR A 33 12.06 -4.06 -7.36
CA TYR A 33 11.97 -5.34 -6.66
C TYR A 33 11.68 -6.49 -7.60
N HIS A 34 12.10 -6.37 -8.87
CA HIS A 34 11.93 -7.46 -9.86
C HIS A 34 12.44 -8.76 -9.26
N PRO A 35 11.54 -9.68 -8.91
CA PRO A 35 11.91 -10.91 -8.21
C PRO A 35 12.68 -11.92 -9.07
N ASP A 36 12.15 -12.22 -10.26
CA ASP A 36 12.67 -13.29 -11.14
C ASP A 36 12.71 -14.62 -10.37
N LYS A 37 12.02 -14.62 -9.24
CA LYS A 37 11.96 -15.76 -8.34
C LYS A 37 10.52 -15.97 -7.93
N ASN A 38 9.62 -15.89 -8.91
CA ASN A 38 8.14 -16.02 -8.71
C ASN A 38 7.72 -16.89 -7.48
N PRO A 39 8.21 -18.15 -7.34
CA PRO A 39 7.85 -19.02 -6.21
C PRO A 39 8.21 -18.43 -4.82
N ASN A 40 9.25 -17.59 -4.75
CA ASN A 40 9.69 -17.03 -3.46
C ASN A 40 9.36 -15.54 -3.32
N GLU A 41 9.90 -14.72 -4.22
CA GLU A 41 9.69 -13.27 -4.16
C GLU A 41 8.52 -12.82 -5.02
N GLY A 42 7.84 -13.79 -5.64
CA GLY A 42 6.73 -13.46 -6.50
C GLY A 42 5.58 -12.85 -5.74
N GLU A 43 5.34 -13.33 -4.54
CA GLU A 43 4.27 -12.83 -3.70
C GLU A 43 4.52 -11.36 -3.36
N LYS A 44 5.78 -11.02 -3.18
CA LYS A 44 6.19 -9.65 -2.85
C LYS A 44 5.80 -8.70 -3.98
N PHE A 45 6.08 -9.11 -5.21
CA PHE A 45 5.63 -8.36 -6.39
C PHE A 45 4.13 -8.20 -6.36
N LYS A 46 3.47 -9.32 -6.11
CA LYS A 46 2.01 -9.36 -6.09
C LYS A 46 1.45 -8.31 -5.16
N GLN A 47 2.07 -8.16 -4.01
CA GLN A 47 1.59 -7.24 -3.02
C GLN A 47 1.55 -5.82 -3.58
N ILE A 48 2.62 -5.39 -4.24
CA ILE A 48 2.62 -4.09 -4.92
C ILE A 48 1.64 -4.06 -6.07
N SER A 49 1.59 -5.12 -6.88
CA SER A 49 0.73 -5.15 -8.05
C SER A 49 -0.72 -4.95 -7.66
N GLN A 50 -1.20 -5.73 -6.71
CA GLN A 50 -2.56 -5.65 -6.24
C GLN A 50 -2.80 -4.34 -5.51
N ALA A 51 -1.82 -3.90 -4.70
CA ALA A 51 -1.93 -2.64 -3.98
C ALA A 51 -2.12 -1.51 -4.95
N TYR A 52 -1.33 -1.56 -6.01
CA TYR A 52 -1.44 -0.65 -7.11
C TYR A 52 -2.83 -0.72 -7.72
N GLU A 53 -3.27 -1.93 -7.94
CA GLU A 53 -4.59 -2.19 -8.50
C GLU A 53 -5.69 -1.57 -7.63
N VAL A 54 -5.53 -1.67 -6.32
CA VAL A 54 -6.46 -1.08 -5.37
C VAL A 54 -6.46 0.43 -5.52
N LEU A 55 -5.28 0.96 -5.70
CA LEU A 55 -5.09 2.39 -5.90
C LEU A 55 -5.79 2.84 -7.15
N SER A 56 -5.63 2.05 -8.18
CA SER A 56 -6.24 2.32 -9.45
C SER A 56 -7.74 2.00 -9.41
N ASP A 57 -8.22 1.53 -8.26
CA ASP A 57 -9.63 1.19 -8.12
C ASP A 57 -10.49 2.44 -7.98
N ALA A 58 -11.59 2.46 -8.71
CA ALA A 58 -12.49 3.60 -8.79
C ALA A 58 -12.87 4.14 -7.43
N LYS A 59 -13.30 3.26 -6.57
CA LYS A 59 -13.83 3.64 -5.28
C LYS A 59 -12.73 4.23 -4.41
N LYS A 60 -11.59 3.55 -4.40
CA LYS A 60 -10.46 3.91 -3.54
C LYS A 60 -9.91 5.26 -3.95
N ARG A 61 -9.89 5.51 -5.25
CA ARG A 61 -9.44 6.79 -5.78
C ARG A 61 -10.29 7.92 -5.24
N GLU A 62 -11.58 7.74 -5.32
CA GLU A 62 -12.52 8.72 -4.79
C GLU A 62 -12.37 8.87 -3.30
N LEU A 63 -12.30 7.75 -2.60
CA LEU A 63 -12.26 7.75 -1.15
C LEU A 63 -11.05 8.53 -0.64
N TYR A 64 -9.90 8.28 -1.25
CA TYR A 64 -8.68 8.97 -0.89
C TYR A 64 -8.81 10.48 -1.15
N ASP A 65 -9.34 10.83 -2.32
CA ASP A 65 -9.51 12.22 -2.72
C ASP A 65 -10.53 12.97 -1.85
N LYS A 66 -11.58 12.28 -1.42
CA LYS A 66 -12.63 12.95 -0.64
C LYS A 66 -12.12 13.31 0.77
N GLY A 67 -11.54 12.33 1.46
CA GLY A 67 -11.06 12.57 2.81
C GLY A 67 -10.12 11.49 3.30
N GLY A 68 -8.93 11.88 3.74
CA GLY A 68 -7.98 10.92 4.26
C GLY A 68 -6.56 11.30 3.93
N GLU A 69 -6.38 12.18 2.97
CA GLU A 69 -5.05 12.61 2.47
C GLU A 69 -4.03 12.80 3.61
N GLN A 70 -4.40 13.62 4.59
CA GLN A 70 -3.51 13.92 5.71
C GLN A 70 -3.67 12.91 6.84
N ALA A 71 -4.82 12.25 6.88
CA ALA A 71 -5.11 11.25 7.91
C ALA A 71 -4.38 9.93 7.62
N ILE A 72 -3.94 9.80 6.39
CA ILE A 72 -3.24 8.63 5.91
C ILE A 72 -1.70 8.85 6.06
N LYS A 73 -1.37 9.87 6.85
CA LYS A 73 0.01 10.24 7.13
C LYS A 73 0.44 9.88 8.56
N GLU A 74 -0.35 9.05 9.24
CA GLU A 74 -0.03 8.65 10.61
C GLU A 74 0.99 7.50 10.59
N GLY A 75 1.69 7.30 11.72
CA GLY A 75 2.66 6.22 11.82
C GLY A 75 2.00 4.89 12.16
N GLY A 76 0.76 4.95 12.63
CA GLY A 76 0.01 3.74 12.94
C GLY A 76 0.46 3.09 14.22
N ALA A 77 1.14 3.84 15.07
CA ALA A 77 1.59 3.33 16.34
C ALA A 77 0.39 3.06 17.24
N GLY A 78 0.21 1.80 17.59
CA GLY A 78 -0.94 1.41 18.39
C GLY A 78 -2.13 1.08 17.50
N GLY A 79 -1.97 1.30 16.20
CA GLY A 79 -3.01 1.03 15.25
C GLY A 79 -2.88 -0.36 14.67
N GLY A 80 -2.00 -0.51 13.72
CA GLY A 80 -1.78 -1.79 13.13
C GLY A 80 -1.05 -1.68 11.82
N PHE A 81 0.05 -0.94 11.83
CA PHE A 81 0.87 -0.74 10.63
C PHE A 81 1.36 -2.06 10.07
N GLY A 82 1.31 -2.21 8.77
CA GLY A 82 1.74 -3.42 8.15
C GLY A 82 2.84 -3.20 7.15
N SER A 83 2.82 -3.99 6.10
CA SER A 83 3.81 -3.89 5.05
C SER A 83 3.58 -2.59 4.25
N PRO A 84 4.56 -2.16 3.40
CA PRO A 84 4.46 -0.89 2.64
C PRO A 84 3.17 -0.76 1.82
N MET A 85 2.70 -1.85 1.27
CA MET A 85 1.48 -1.86 0.45
C MET A 85 0.27 -2.07 1.35
N ASP A 86 0.50 -2.85 2.40
CA ASP A 86 -0.52 -3.19 3.40
C ASP A 86 -1.02 -1.95 4.14
N ILE A 87 -0.25 -0.86 4.04
CA ILE A 87 -0.58 0.39 4.72
C ILE A 87 -1.99 0.87 4.32
N PHE A 88 -2.29 0.86 3.03
CA PHE A 88 -3.62 1.27 2.56
C PHE A 88 -4.67 0.26 2.98
N ASP A 89 -4.30 -1.02 2.98
CA ASP A 89 -5.19 -2.07 3.45
C ASP A 89 -5.54 -1.88 4.92
N MET A 90 -4.62 -1.33 5.70
CA MET A 90 -4.89 -1.03 7.10
C MET A 90 -5.73 0.24 7.24
N PHE A 91 -5.31 1.32 6.57
CA PHE A 91 -6.04 2.60 6.62
C PHE A 91 -7.46 2.48 6.07
N PHE A 92 -7.61 1.68 5.05
CA PHE A 92 -8.92 1.45 4.46
C PHE A 92 -9.43 0.09 4.92
N GLY A 93 -8.89 -0.36 6.05
CA GLY A 93 -9.24 -1.65 6.56
C GLY A 93 -10.15 -1.60 7.76
N GLY A 94 -10.41 -0.41 8.28
CA GLY A 94 -11.25 -0.24 9.48
C GLY A 94 -12.68 -0.78 9.33
N GLY A 95 -12.99 -1.35 8.19
CA GLY A 95 -14.30 -1.91 7.98
C GLY A 95 -14.29 -3.44 7.92
N GLY A 96 -13.80 -4.06 8.98
CA GLY A 96 -13.82 -5.51 9.09
C GLY A 96 -12.54 -6.20 8.66
N ARG A 97 -11.82 -5.60 7.74
CA ARG A 97 -10.61 -6.23 7.20
C ARG A 97 -9.35 -5.83 7.98
N MET A 98 -9.52 -5.01 8.99
CA MET A 98 -8.42 -4.61 9.86
C MET A 98 -8.14 -5.70 10.89
N GLN A 99 -9.02 -6.69 10.91
CA GLN A 99 -8.90 -7.83 11.81
C GLN A 99 -8.30 -9.04 11.10
N ARG A 100 -7.77 -8.80 9.89
CA ARG A 100 -7.09 -9.85 9.11
C ARG A 100 -5.62 -9.84 9.49
N GLU A 101 -4.81 -10.44 8.65
CA GLU A 101 -3.40 -10.43 8.87
C GLU A 101 -2.71 -9.81 7.68
N ARG A 102 -1.54 -9.30 7.95
CA ARG A 102 -0.74 -8.59 6.97
C ARG A 102 -0.19 -9.56 5.94
N ARG A 103 -0.14 -9.11 4.71
CA ARG A 103 0.45 -9.92 3.66
C ARG A 103 1.94 -10.04 3.91
N GLY A 104 2.40 -11.26 4.12
CA GLY A 104 3.79 -11.47 4.46
C GLY A 104 3.98 -11.68 5.96
N LYS A 105 2.88 -11.76 6.72
CA LYS A 105 2.96 -12.01 8.15
C LYS A 105 3.23 -13.49 8.42
N ASN A 106 2.20 -14.30 8.32
CA ASN A 106 2.31 -15.75 8.53
C ASN A 106 2.02 -16.49 7.23
N VAL A 107 1.89 -15.72 6.16
CA VAL A 107 1.61 -16.25 4.86
C VAL A 107 2.02 -15.23 3.80
#